data_7LDJ
#
_entry.id   7LDJ
#
_cell.length_a   73.120
_cell.length_b   88.508
_cell.length_c   107.488
_cell.angle_alpha   90.000
_cell.angle_beta   90.400
_cell.angle_gamma   90.000
#
_symmetry.space_group_name_H-M   'P 1 21 1'
#
loop_
_entity.id
_entity.type
_entity.pdbx_description
1 polymer 'Spike glycoprotein'
2 polymer 'Nanobody 2'
3 branched beta-D-mannopyranose-(1-4)-2-acetamido-2-deoxy-beta-D-glucopyranose-(1-4)-[beta-L-fucopyranose-(1-6)]2-acetamido-2-deoxy-beta-D-glucopyranose
4 branched 2-acetamido-2-deoxy-beta-D-glucopyranose-(1-4)-alpha-D-mannopyranose-(1-6)-alpha-D-mannopyranose-(1-4)-2-acetamido-2-deoxy-beta-D-glucopyranose-(1-4)-[beta-L-fucopyranose-(1-6)]2-acetamido-2-deoxy-beta-D-glucopyranose
5 non-polymer alpha-D-mannopyranose
6 non-polymer 2-acetamido-2-deoxy-beta-D-glucopyranose
7 non-polymer 'TETRAETHYLENE GLYCOL'
8 water water
#
loop_
_entity_poly.entity_id
_entity_poly.type
_entity_poly.pdbx_seq_one_letter_code
_entity_poly.pdbx_strand_id
1 'polypeptide(L)'
;NITNLCPFGEVFNATRFASVYAWNRKRISNCVADYSVLYNSASFSTFKCYGVSPTKLNDLCFTNVYADSFVIRGDEVRQI
APGQTGKIADYNYKLPDDFTGCVIAWNSNNLDSKVGGNYNYLYRLFRKSNLKPFERDISTEIYQAGSTPCNGVEGFNCYF
PLQSYGFQPTNGVGYQPYRVVVLSFELLHAPATVCGPGS
;
B,A,C,D
2 'polypeptide(L)'
;QVQLQESGGGLVQPGGSLRLSCAVSGFTLDYYAIGWFRQAPGKEREGVSCISSSGGNTKYADSVKGRFTASRDNAKNTFY
LQMNSLKPEDTAVYYCAAIAATYYSGSYYFQCPHDGMDYWGKGTQVTVSSH
;
E,F,G,H
#
loop_
_chem_comp.id
_chem_comp.type
_chem_comp.name
_chem_comp.formula
BMA D-saccharide, beta linking beta-D-mannopyranose 'C6 H12 O6'
FUL L-saccharide, beta linking beta-L-fucopyranose 'C6 H12 O5'
MAN D-saccharide, alpha linking alpha-D-mannopyranose 'C6 H12 O6'
NAG D-saccharide, beta linking 2-acetamido-2-deoxy-beta-D-glucopyranose 'C8 H15 N O6'
PG4 non-polymer 'TETRAETHYLENE GLYCOL' 'C8 H18 O5'
#
# COMPACT_ATOMS: atom_id res chain seq x y z
N ASN A 1 -7.02 -33.89 6.61
CA ASN A 1 -5.97 -32.88 6.40
C ASN A 1 -6.03 -31.75 7.41
N ILE A 2 -5.09 -30.82 7.32
CA ILE A 2 -5.02 -29.65 8.19
C ILE A 2 -4.84 -28.41 7.33
N THR A 3 -5.68 -27.40 7.57
CA THR A 3 -5.69 -26.21 6.73
C THR A 3 -6.08 -25.00 7.56
N ASN A 4 -5.62 -23.83 7.13
CA ASN A 4 -6.03 -22.58 7.75
C ASN A 4 -7.44 -22.21 7.33
N LEU A 5 -8.14 -21.52 8.22
CA LEU A 5 -9.43 -20.94 7.88
C LEU A 5 -9.19 -19.68 7.05
N CYS A 6 -9.90 -19.56 5.93
CA CYS A 6 -9.83 -18.34 5.14
C CYS A 6 -10.18 -17.14 6.01
N PRO A 7 -9.36 -16.09 6.03
CA PRO A 7 -9.60 -14.97 6.95
C PRO A 7 -10.70 -14.03 6.47
N PHE A 8 -11.91 -14.56 6.35
CA PHE A 8 -13.04 -13.75 5.94
C PHE A 8 -13.46 -12.76 7.03
N GLY A 9 -13.25 -13.12 8.30
CA GLY A 9 -13.54 -12.20 9.38
C GLY A 9 -12.71 -10.94 9.33
N GLU A 10 -11.46 -11.06 8.85
CA GLU A 10 -10.63 -9.88 8.65
C GLU A 10 -11.18 -8.97 7.57
N VAL A 11 -12.06 -9.49 6.70
CA VAL A 11 -12.67 -8.71 5.63
C VAL A 11 -14.04 -8.18 6.03
N PHE A 12 -14.87 -9.03 6.64
CA PHE A 12 -16.23 -8.63 6.95
C PHE A 12 -16.35 -7.90 8.28
N ASN A 13 -15.50 -8.23 9.25
CA ASN A 13 -15.60 -7.67 10.58
C ASN A 13 -14.53 -6.62 10.85
N ALA A 14 -13.89 -6.12 9.79
CA ALA A 14 -12.91 -5.05 9.92
C ALA A 14 -13.59 -3.78 10.44
N THR A 15 -12.92 -3.11 11.38
CA THR A 15 -13.46 -1.86 11.91
C THR A 15 -13.37 -0.73 10.90
N ARG A 16 -12.34 -0.75 10.05
CA ARG A 16 -12.12 0.26 9.04
C ARG A 16 -12.38 -0.32 7.66
N PHE A 17 -13.02 0.47 6.80
CA PHE A 17 -13.27 0.10 5.42
C PHE A 17 -12.70 1.17 4.50
N ALA A 18 -12.30 0.75 3.31
CA ALA A 18 -11.71 1.64 2.32
C ALA A 18 -12.80 2.46 1.63
N SER A 19 -12.37 3.58 1.05
CA SER A 19 -13.22 4.34 0.15
C SER A 19 -13.41 3.56 -1.15
N VAL A 20 -14.54 3.80 -1.81
CA VAL A 20 -14.85 3.02 -3.01
C VAL A 20 -13.89 3.35 -4.14
N TYR A 21 -13.46 4.61 -4.25
CA TYR A 21 -12.51 4.97 -5.30
C TYR A 21 -11.18 4.24 -5.10
N ALA A 22 -10.74 4.12 -3.84
CA ALA A 22 -9.55 3.36 -3.52
C ALA A 22 -9.95 2.02 -2.90
N TRP A 23 -10.78 1.27 -3.61
CA TRP A 23 -11.34 0.06 -3.04
C TRP A 23 -10.23 -0.95 -2.73
N ASN A 24 -10.30 -1.54 -1.55
CA ASN A 24 -9.27 -2.47 -1.10
C ASN A 24 -9.56 -3.88 -1.61
N ARG A 25 -8.51 -4.53 -2.10
CA ARG A 25 -8.58 -5.91 -2.56
C ARG A 25 -7.70 -6.77 -1.67
N LYS A 26 -8.27 -7.84 -1.13
CA LYS A 26 -7.51 -8.82 -0.37
C LYS A 26 -7.48 -10.12 -1.16
N ARG A 27 -6.28 -10.66 -1.38
CA ARG A 27 -6.12 -11.90 -2.11
C ARG A 27 -6.01 -13.04 -1.11
N ILE A 28 -6.91 -14.02 -1.24
CA ILE A 28 -7.02 -15.11 -0.28
C ILE A 28 -6.56 -16.39 -0.94
N SER A 29 -5.71 -17.14 -0.23
CA SER A 29 -5.10 -18.34 -0.79
C SER A 29 -4.79 -19.32 0.33
N ASN A 30 -4.71 -20.60 -0.03
CA ASN A 30 -4.23 -21.65 0.87
C ASN A 30 -5.05 -21.68 2.16
N CYS A 31 -6.34 -21.98 2.01
CA CYS A 31 -7.24 -21.96 3.17
C CYS A 31 -8.54 -22.67 2.83
N VAL A 32 -9.31 -22.95 3.87
CA VAL A 32 -10.63 -23.56 3.75
C VAL A 32 -11.68 -22.53 4.16
N ALA A 33 -12.76 -22.44 3.39
CA ALA A 33 -13.80 -21.46 3.58
C ALA A 33 -15.17 -22.12 3.54
N ASP A 34 -15.98 -21.86 4.57
CA ASP A 34 -17.36 -22.29 4.60
C ASP A 34 -18.20 -21.13 4.06
N TYR A 35 -18.62 -21.24 2.80
CA TYR A 35 -19.28 -20.11 2.16
C TYR A 35 -20.72 -19.92 2.57
N SER A 36 -21.30 -20.82 3.35
CA SER A 36 -22.69 -20.66 3.77
C SER A 36 -22.83 -20.13 5.19
N VAL A 37 -21.83 -20.24 6.07
CA VAL A 37 -21.89 -19.45 7.30
C VAL A 37 -21.87 -17.97 6.95
N LEU A 38 -21.29 -17.62 5.80
CA LEU A 38 -21.46 -16.28 5.26
C LEU A 38 -22.88 -16.08 4.76
N TYR A 39 -23.32 -16.91 3.82
CA TYR A 39 -24.66 -16.74 3.25
C TYR A 39 -25.72 -16.88 4.33
N ASN A 40 -25.58 -17.87 5.22
CA ASN A 40 -26.54 -18.04 6.30
C ASN A 40 -26.20 -17.13 7.47
N SER A 41 -26.04 -15.84 7.21
CA SER A 41 -25.88 -14.84 8.26
C SER A 41 -26.92 -13.75 8.06
N ALA A 42 -27.48 -13.28 9.18
CA ALA A 42 -28.53 -12.26 9.20
C ALA A 42 -27.97 -10.89 9.10
N SER A 43 -26.67 -10.93 8.83
CA SER A 43 -25.89 -9.70 8.74
C SER A 43 -26.32 -8.85 7.56
N PHE A 44 -26.54 -9.48 6.41
CA PHE A 44 -26.37 -8.80 5.14
C PHE A 44 -27.68 -8.26 4.59
N SER A 45 -27.64 -7.01 4.12
CA SER A 45 -28.74 -6.45 3.36
C SER A 45 -28.83 -7.09 1.99
N THR A 46 -27.68 -7.45 1.40
CA THR A 46 -27.60 -7.90 0.03
C THR A 46 -26.69 -9.11 -0.04
N PHE A 47 -27.14 -10.16 -0.72
CA PHE A 47 -26.30 -11.34 -0.94
C PHE A 47 -26.74 -11.97 -2.26
N LYS A 48 -26.20 -11.47 -3.36
CA LYS A 48 -26.48 -12.00 -4.67
C LYS A 48 -25.21 -12.60 -5.27
N CYS A 49 -25.39 -13.69 -6.02
CA CYS A 49 -24.29 -14.38 -6.67
C CYS A 49 -24.56 -14.44 -8.17
N TYR A 50 -23.50 -14.38 -8.95
CA TYR A 50 -23.60 -14.38 -10.40
C TYR A 50 -22.81 -15.51 -11.03
N GLY A 51 -22.32 -16.41 -10.19
CA GLY A 51 -21.59 -17.58 -10.62
C GLY A 51 -22.43 -18.79 -10.21
N VAL A 52 -22.03 -19.44 -9.13
CA VAL A 52 -22.75 -20.60 -8.64
C VAL A 52 -23.25 -20.37 -7.22
N SER A 53 -24.33 -21.06 -6.87
CA SER A 53 -24.91 -20.93 -5.54
C SER A 53 -23.87 -21.12 -4.45
N PRO A 54 -24.07 -20.39 -3.29
CA PRO A 54 -23.06 -20.60 -2.25
C PRO A 54 -22.93 -22.07 -1.84
N THR A 55 -23.99 -22.84 -1.99
CA THR A 55 -23.96 -24.25 -1.62
C THR A 55 -23.08 -25.04 -2.58
N LYS A 56 -23.00 -24.58 -3.81
CA LYS A 56 -22.21 -25.24 -4.83
C LYS A 56 -20.74 -24.86 -4.73
N LEU A 57 -20.46 -23.76 -4.04
CA LEU A 57 -19.08 -23.28 -3.93
C LEU A 57 -18.28 -24.05 -2.89
N ASN A 58 -18.94 -24.61 -1.88
CA ASN A 58 -18.22 -25.44 -0.92
C ASN A 58 -17.81 -26.78 -1.52
N ASP A 59 -18.14 -27.01 -2.80
CA ASP A 59 -17.68 -28.14 -3.57
C ASP A 59 -16.41 -27.84 -4.35
N LEU A 60 -16.31 -26.64 -4.90
CA LEU A 60 -15.28 -26.30 -5.87
C LEU A 60 -14.02 -25.77 -5.18
N CYS A 61 -12.92 -25.77 -5.92
CA CYS A 61 -11.67 -25.18 -5.48
C CYS A 61 -11.25 -24.09 -6.46
N PHE A 62 -10.58 -23.07 -5.95
CA PHE A 62 -10.13 -21.97 -6.78
C PHE A 62 -8.70 -21.63 -6.43
N THR A 63 -7.94 -21.20 -7.43
CA THR A 63 -6.55 -20.83 -7.21
C THR A 63 -6.46 -19.58 -6.34
N ASN A 64 -7.30 -18.59 -6.61
CA ASN A 64 -7.30 -17.36 -5.84
C ASN A 64 -8.72 -16.85 -5.68
N VAL A 65 -9.02 -16.31 -4.51
CA VAL A 65 -10.27 -15.63 -4.23
C VAL A 65 -9.94 -14.21 -3.79
N TYR A 66 -10.65 -13.23 -4.34
CA TYR A 66 -10.45 -11.83 -4.00
C TYR A 66 -11.63 -11.31 -3.20
N ALA A 67 -11.32 -10.54 -2.16
CA ALA A 67 -12.34 -9.84 -1.36
C ALA A 67 -12.12 -8.35 -1.56
N ASP A 68 -12.96 -7.74 -2.40
CA ASP A 68 -12.96 -6.30 -2.60
C ASP A 68 -13.96 -5.67 -1.64
N SER A 69 -13.49 -4.72 -0.84
CA SER A 69 -14.31 -4.10 0.20
C SER A 69 -14.24 -2.59 0.07
N PHE A 70 -15.37 -1.94 0.35
CA PHE A 70 -15.49 -0.48 0.25
C PHE A 70 -16.83 -0.08 0.84
N VAL A 71 -17.06 1.23 0.87
CA VAL A 71 -18.29 1.81 1.40
C VAL A 71 -18.89 2.74 0.35
N ILE A 72 -20.21 2.63 0.16
CA ILE A 72 -20.98 3.50 -0.72
C ILE A 72 -22.31 3.79 -0.05
N ARG A 73 -23.14 4.58 -0.74
CA ARG A 73 -24.48 4.88 -0.27
C ARG A 73 -25.41 3.70 -0.53
N GLY A 74 -26.48 3.62 0.27
CA GLY A 74 -27.48 2.59 0.09
C GLY A 74 -28.01 2.50 -1.33
N ASP A 75 -28.56 3.61 -1.83
CA ASP A 75 -29.14 3.63 -3.17
C ASP A 75 -28.07 3.52 -4.26
N GLU A 76 -26.83 3.29 -3.84
CA GLU A 76 -25.73 3.04 -4.77
C GLU A 76 -25.35 1.57 -4.85
N VAL A 77 -25.78 0.74 -3.90
CA VAL A 77 -25.36 -0.66 -3.88
C VAL A 77 -25.87 -1.40 -5.12
N ARG A 78 -26.99 -0.94 -5.69
CA ARG A 78 -27.51 -1.55 -6.92
C ARG A 78 -26.55 -1.38 -8.09
N GLN A 79 -25.59 -0.46 -8.00
CA GLN A 79 -24.61 -0.28 -9.05
C GLN A 79 -23.52 -1.35 -9.03
N ILE A 80 -23.30 -2.00 -7.89
CA ILE A 80 -22.31 -3.06 -7.79
C ILE A 80 -22.92 -4.34 -8.35
N ALA A 81 -23.14 -4.37 -9.67
CA ALA A 81 -23.67 -5.52 -10.35
C ALA A 81 -23.28 -5.42 -11.82
N PRO A 82 -23.21 -6.54 -12.54
CA PRO A 82 -22.83 -6.47 -13.96
C PRO A 82 -23.80 -5.61 -14.77
N GLY A 83 -23.25 -4.88 -15.74
CA GLY A 83 -24.08 -4.11 -16.65
C GLY A 83 -24.77 -2.92 -16.04
N GLN A 84 -24.35 -2.47 -14.87
CA GLN A 84 -24.91 -1.27 -14.24
C GLN A 84 -24.06 -0.05 -14.58
N THR A 85 -24.70 1.11 -14.60
CA THR A 85 -24.02 2.38 -14.78
C THR A 85 -24.43 3.32 -13.66
N GLY A 86 -23.75 4.47 -13.61
CA GLY A 86 -23.79 5.36 -12.48
C GLY A 86 -22.39 5.78 -12.07
N LYS A 87 -22.34 6.79 -11.19
CA LYS A 87 -21.05 7.34 -10.78
C LYS A 87 -20.14 6.25 -10.20
N ILE A 88 -20.71 5.36 -9.36
CA ILE A 88 -19.90 4.32 -8.75
C ILE A 88 -19.44 3.31 -9.79
N ALA A 89 -20.39 2.73 -10.54
CA ALA A 89 -20.04 1.71 -11.53
C ALA A 89 -19.16 2.26 -12.64
N ASP A 90 -19.32 3.53 -13.01
CA ASP A 90 -18.57 4.07 -14.12
C ASP A 90 -17.19 4.56 -13.70
N TYR A 91 -17.06 5.10 -12.49
CA TYR A 91 -15.87 5.83 -12.10
C TYR A 91 -15.13 5.26 -10.91
N ASN A 92 -15.72 4.32 -10.18
CA ASN A 92 -15.13 3.82 -8.93
C ASN A 92 -14.90 2.32 -8.95
N TYR A 93 -15.95 1.51 -9.11
CA TYR A 93 -15.82 0.05 -9.08
C TYR A 93 -16.73 -0.54 -10.14
N LYS A 94 -16.15 -1.31 -11.06
CA LYS A 94 -16.88 -1.85 -12.20
C LYS A 94 -16.78 -3.37 -12.22
N LEU A 95 -17.93 -4.03 -12.26
CA LEU A 95 -17.98 -5.48 -12.44
C LEU A 95 -18.11 -5.81 -13.93
N PRO A 96 -17.48 -6.89 -14.38
CA PRO A 96 -17.63 -7.30 -15.77
C PRO A 96 -19.00 -7.92 -16.02
N ASP A 97 -19.40 -7.92 -17.30
CA ASP A 97 -20.65 -8.57 -17.66
C ASP A 97 -20.59 -10.07 -17.40
N ASP A 98 -19.41 -10.67 -17.54
CA ASP A 98 -19.18 -12.08 -17.25
C ASP A 98 -18.73 -12.30 -15.81
N PHE A 99 -19.30 -11.56 -14.87
CA PHE A 99 -18.86 -11.61 -13.48
C PHE A 99 -19.19 -12.97 -12.87
N THR A 100 -18.16 -13.64 -12.36
CA THR A 100 -18.32 -14.90 -11.65
C THR A 100 -17.95 -14.66 -10.19
N GLY A 101 -18.96 -14.52 -9.35
CA GLY A 101 -18.73 -14.21 -7.96
C GLY A 101 -20.01 -13.70 -7.31
N CYS A 102 -19.85 -13.18 -6.10
CA CYS A 102 -20.96 -12.74 -5.28
C CYS A 102 -20.71 -11.34 -4.74
N VAL A 103 -21.78 -10.55 -4.65
CA VAL A 103 -21.73 -9.21 -4.08
C VAL A 103 -22.50 -9.24 -2.76
N ILE A 104 -21.86 -8.80 -1.69
CA ILE A 104 -22.43 -8.81 -0.35
C ILE A 104 -22.38 -7.40 0.20
N ALA A 105 -23.47 -6.97 0.84
CA ALA A 105 -23.54 -5.64 1.41
C ALA A 105 -24.43 -5.65 2.65
N TRP A 106 -24.16 -4.73 3.56
CA TRP A 106 -25.00 -4.56 4.75
C TRP A 106 -24.95 -3.12 5.23
N ASN A 107 -25.99 -2.70 5.94
CA ASN A 107 -26.07 -1.34 6.43
C ASN A 107 -25.07 -1.12 7.55
N SER A 108 -24.28 -0.05 7.44
CA SER A 108 -23.30 0.28 8.46
C SER A 108 -23.49 1.70 8.99
N ASN A 109 -24.73 2.17 9.05
CA ASN A 109 -24.99 3.50 9.57
C ASN A 109 -24.53 3.65 11.01
N ASN A 110 -24.67 2.58 11.82
CA ASN A 110 -24.31 2.65 13.23
C ASN A 110 -22.81 2.83 13.44
N LEU A 111 -21.99 2.49 12.45
CA LEU A 111 -20.54 2.54 12.60
C LEU A 111 -19.84 3.53 11.69
N ASP A 112 -20.42 3.87 10.54
CA ASP A 112 -19.75 4.70 9.55
C ASP A 112 -20.31 6.12 9.46
N SER A 113 -21.32 6.46 10.27
CA SER A 113 -21.86 7.81 10.30
C SER A 113 -21.63 8.42 11.68
N LYS A 114 -21.48 9.75 11.69
CA LYS A 114 -21.32 10.49 12.93
C LYS A 114 -22.04 11.83 12.81
N VAL A 115 -22.41 12.38 13.97
CA VAL A 115 -23.08 13.68 13.99
C VAL A 115 -22.11 14.75 13.51
N GLY A 116 -22.58 15.59 12.58
CA GLY A 116 -21.74 16.56 11.92
C GLY A 116 -21.18 16.10 10.59
N GLY A 117 -21.15 14.79 10.34
CA GLY A 117 -20.69 14.28 9.07
C GLY A 117 -19.39 13.50 9.14
N ASN A 118 -19.37 12.32 8.54
CA ASN A 118 -18.15 11.53 8.38
C ASN A 118 -17.64 11.73 6.96
N TYR A 119 -16.60 12.53 6.82
CA TYR A 119 -16.08 12.92 5.50
C TYR A 119 -15.03 11.96 4.96
N ASN A 120 -14.69 10.90 5.69
CA ASN A 120 -13.57 10.05 5.33
C ASN A 120 -13.88 9.07 4.20
N TYR A 121 -15.14 8.87 3.85
CA TYR A 121 -15.51 8.02 2.73
C TYR A 121 -15.73 8.89 1.50
N LEU A 122 -15.02 8.59 0.42
CA LEU A 122 -15.03 9.38 -0.79
C LEU A 122 -15.32 8.50 -2.00
N TYR A 123 -15.83 9.12 -3.05
CA TYR A 123 -16.05 8.45 -4.33
C TYR A 123 -15.66 9.39 -5.45
N ARG A 124 -15.20 8.82 -6.56
CA ARG A 124 -14.80 9.63 -7.71
C ARG A 124 -16.03 10.13 -8.44
N LEU A 125 -16.13 11.46 -8.59
N LEU A 125 -16.11 11.45 -8.62
CA LEU A 125 -17.26 12.11 -9.23
CA LEU A 125 -17.27 12.08 -9.24
C LEU A 125 -17.03 12.33 -10.73
C LEU A 125 -17.05 12.45 -10.70
N PHE A 126 -15.79 12.61 -11.13
CA PHE A 126 -15.47 12.97 -12.50
C PHE A 126 -14.44 12.01 -13.09
N ARG A 127 -14.59 11.70 -14.37
CA ARG A 127 -13.61 10.93 -15.12
C ARG A 127 -13.91 11.06 -16.61
N LYS A 128 -12.85 11.12 -17.42
CA LYS A 128 -13.00 11.28 -18.87
C LYS A 128 -13.71 10.08 -19.50
N SER A 129 -13.48 8.88 -18.98
CA SER A 129 -14.07 7.67 -19.55
C SER A 129 -14.38 6.70 -18.42
N ASN A 130 -15.17 5.68 -18.76
CA ASN A 130 -15.58 4.71 -17.76
C ASN A 130 -14.42 3.79 -17.39
N LEU A 131 -14.47 3.27 -16.16
CA LEU A 131 -13.51 2.26 -15.73
C LEU A 131 -13.79 0.93 -16.43
N LYS A 132 -12.72 0.21 -16.69
CA LYS A 132 -12.83 -1.16 -17.15
C LYS A 132 -12.98 -2.08 -15.95
N PRO A 133 -13.57 -3.27 -16.14
CA PRO A 133 -13.86 -4.14 -14.99
C PRO A 133 -12.64 -4.36 -14.11
N PHE A 134 -12.84 -4.17 -12.81
CA PHE A 134 -11.85 -4.40 -11.75
C PHE A 134 -10.69 -3.40 -11.76
N GLU A 135 -10.78 -2.34 -12.55
CA GLU A 135 -9.77 -1.29 -12.51
C GLU A 135 -9.94 -0.41 -11.27
N ARG A 136 -8.83 0.18 -10.82
CA ARG A 136 -8.82 1.07 -9.67
C ARG A 136 -8.16 2.38 -10.07
N ASP A 137 -8.73 3.49 -9.61
CA ASP A 137 -8.23 4.82 -9.91
C ASP A 137 -8.10 5.60 -8.60
N ILE A 138 -6.87 5.95 -8.24
CA ILE A 138 -6.61 6.77 -7.07
C ILE A 138 -6.01 8.12 -7.45
N SER A 139 -6.05 8.47 -8.73
CA SER A 139 -5.56 9.78 -9.17
C SER A 139 -6.38 10.89 -8.55
N THR A 140 -5.75 12.06 -8.41
CA THR A 140 -6.41 13.24 -7.88
C THR A 140 -6.11 14.47 -8.72
N GLU A 141 -5.97 14.29 -10.04
CA GLU A 141 -5.73 15.42 -10.91
C GLU A 141 -6.99 16.26 -11.07
N ILE A 142 -6.80 17.57 -11.27
CA ILE A 142 -7.93 18.47 -11.49
C ILE A 142 -8.63 18.08 -12.78
N TYR A 143 -9.95 17.97 -12.72
CA TYR A 143 -10.76 17.62 -13.88
C TYR A 143 -11.39 18.88 -14.45
N GLN A 144 -11.10 19.18 -15.71
CA GLN A 144 -11.68 20.36 -16.36
C GLN A 144 -13.00 19.96 -16.99
N ALA A 145 -14.08 20.58 -16.52
CA ALA A 145 -15.42 20.26 -17.00
C ALA A 145 -15.92 21.21 -18.08
N GLY A 146 -15.26 22.34 -18.27
CA GLY A 146 -15.72 23.32 -19.21
C GLY A 146 -14.71 23.64 -20.29
N SER A 147 -14.91 24.76 -21.00
CA SER A 147 -14.02 25.14 -22.08
C SER A 147 -12.65 25.57 -21.54
N THR A 148 -12.64 26.28 -20.42
CA THR A 148 -11.39 26.79 -19.88
C THR A 148 -10.52 25.63 -19.39
N PRO A 149 -9.25 25.57 -19.79
CA PRO A 149 -8.33 24.61 -19.18
C PRO A 149 -7.72 25.18 -17.91
N CYS A 150 -7.57 24.33 -16.91
CA CYS A 150 -6.93 24.70 -15.66
C CYS A 150 -5.55 24.06 -15.56
N ASN A 151 -4.60 24.83 -15.06
CA ASN A 151 -3.24 24.36 -14.88
C ASN A 151 -3.03 23.89 -13.44
N GLY A 152 -3.80 22.88 -13.08
CA GLY A 152 -3.67 22.23 -11.80
C GLY A 152 -4.30 22.93 -10.62
N VAL A 153 -5.20 23.89 -10.86
CA VAL A 153 -5.86 24.59 -9.77
C VAL A 153 -7.36 24.41 -9.89
N GLU A 154 -8.03 24.35 -8.75
CA GLU A 154 -9.47 24.14 -8.69
C GLU A 154 -10.19 25.42 -9.08
N GLY A 155 -11.07 25.33 -10.09
CA GLY A 155 -11.85 26.47 -10.54
C GLY A 155 -13.34 26.22 -10.53
N PHE A 156 -14.10 26.97 -11.32
CA PHE A 156 -15.54 26.76 -11.39
C PHE A 156 -15.92 25.64 -12.34
N ASN A 157 -15.15 25.46 -13.40
CA ASN A 157 -15.29 24.30 -14.29
C ASN A 157 -14.20 23.26 -14.04
N CYS A 158 -13.49 23.36 -12.91
CA CYS A 158 -12.32 22.54 -12.63
C CYS A 158 -12.40 22.05 -11.20
N TYR A 159 -12.72 20.77 -11.01
CA TYR A 159 -13.01 20.24 -9.70
C TYR A 159 -11.94 19.28 -9.21
N PHE A 160 -11.79 19.21 -7.89
CA PHE A 160 -11.18 18.05 -7.28
C PHE A 160 -12.05 16.84 -7.59
N PRO A 161 -11.51 15.76 -8.16
CA PRO A 161 -12.37 14.71 -8.72
C PRO A 161 -13.04 13.84 -7.67
N LEU A 162 -12.62 13.91 -6.41
CA LEU A 162 -13.21 13.11 -5.35
C LEU A 162 -14.26 13.91 -4.59
N GLN A 163 -15.17 13.18 -3.94
CA GLN A 163 -16.29 13.78 -3.25
C GLN A 163 -16.59 12.99 -1.99
N SER A 164 -16.65 13.69 -0.85
CA SER A 164 -17.00 13.07 0.41
C SER A 164 -18.50 12.85 0.49
N TYR A 165 -18.89 11.72 1.06
CA TYR A 165 -20.32 11.40 1.19
C TYR A 165 -20.98 12.28 2.25
N GLY A 166 -20.29 12.53 3.35
CA GLY A 166 -20.88 13.25 4.46
C GLY A 166 -21.93 12.44 5.19
N PHE A 167 -21.54 11.24 5.64
CA PHE A 167 -22.49 10.33 6.26
C PHE A 167 -22.90 10.84 7.63
N GLN A 168 -24.20 10.90 7.86
CA GLN A 168 -24.76 11.28 9.15
C GLN A 168 -25.82 10.27 9.56
N PRO A 169 -25.94 9.98 10.86
CA PRO A 169 -26.92 8.98 11.29
C PRO A 169 -28.36 9.39 11.05
N THR A 170 -28.63 10.66 10.80
CA THR A 170 -29.99 11.12 10.53
C THR A 170 -30.36 11.06 9.05
N ASN A 171 -29.43 10.66 8.19
CA ASN A 171 -29.71 10.56 6.76
C ASN A 171 -30.81 9.54 6.51
N GLY A 172 -31.44 9.66 5.34
CA GLY A 172 -32.31 8.60 4.87
C GLY A 172 -31.53 7.33 4.58
N VAL A 173 -32.26 6.20 4.58
CA VAL A 173 -31.61 4.90 4.41
C VAL A 173 -30.87 4.81 3.09
N GLY A 174 -31.37 5.49 2.05
CA GLY A 174 -30.68 5.47 0.77
C GLY A 174 -29.37 6.24 0.79
N TYR A 175 -29.28 7.27 1.61
CA TYR A 175 -28.05 8.05 1.74
C TYR A 175 -27.15 7.55 2.86
N GLN A 176 -27.54 6.48 3.55
CA GLN A 176 -26.76 5.94 4.64
C GLN A 176 -25.61 5.09 4.11
N PRO A 177 -24.58 4.86 4.92
CA PRO A 177 -23.43 4.08 4.45
C PRO A 177 -23.70 2.59 4.48
N TYR A 178 -23.27 1.91 3.42
CA TYR A 178 -23.34 0.46 3.33
C TYR A 178 -21.94 -0.06 3.02
N ARG A 179 -21.50 -1.08 3.77
CA ARG A 179 -20.24 -1.74 3.47
C ARG A 179 -20.48 -2.88 2.50
N VAL A 180 -19.64 -2.98 1.48
CA VAL A 180 -19.79 -3.95 0.41
C VAL A 180 -18.56 -4.85 0.38
N VAL A 181 -18.77 -6.13 0.13
CA VAL A 181 -17.70 -7.10 -0.08
C VAL A 181 -18.00 -7.85 -1.36
N VAL A 182 -17.06 -7.81 -2.30
CA VAL A 182 -17.19 -8.51 -3.57
C VAL A 182 -16.17 -9.65 -3.58
N LEU A 183 -16.68 -10.88 -3.70
CA LEU A 183 -15.83 -12.06 -3.79
C LEU A 183 -15.77 -12.52 -5.24
N SER A 184 -14.56 -12.59 -5.78
CA SER A 184 -14.32 -13.05 -7.15
C SER A 184 -13.59 -14.38 -7.10
N PHE A 185 -14.07 -15.35 -7.86
CA PHE A 185 -13.57 -16.73 -7.79
C PHE A 185 -12.72 -17.02 -9.02
N GLU A 186 -11.43 -16.78 -8.89
CA GLU A 186 -10.49 -16.93 -9.99
C GLU A 186 -9.95 -18.36 -10.02
N LEU A 187 -9.78 -18.87 -11.23
CA LEU A 187 -9.23 -20.21 -11.46
C LEU A 187 -8.19 -20.11 -12.56
N LEU A 188 -6.92 -20.03 -12.17
CA LEU A 188 -5.80 -19.96 -13.09
C LEU A 188 -5.11 -21.32 -13.17
N ALA A 190 -2.52 -21.95 -11.59
CA ALA A 190 -1.90 -22.10 -10.29
C ALA A 190 -2.59 -23.18 -9.47
N PRO A 191 -2.01 -23.59 -8.33
CA PRO A 191 -2.68 -24.57 -7.48
C PRO A 191 -3.98 -24.02 -6.90
N ALA A 192 -5.02 -24.86 -6.90
CA ALA A 192 -6.33 -24.50 -6.35
C ALA A 192 -6.32 -24.79 -4.86
N THR A 193 -5.90 -23.80 -4.07
CA THR A 193 -5.72 -23.97 -2.63
C THR A 193 -6.77 -23.21 -1.81
N VAL A 194 -7.85 -22.74 -2.42
CA VAL A 194 -8.98 -22.15 -1.71
C VAL A 194 -10.19 -23.02 -2.00
N CYS A 195 -10.66 -23.74 -0.98
CA CYS A 195 -11.71 -24.74 -1.16
C CYS A 195 -12.74 -24.62 -0.04
N GLY A 196 -13.86 -25.32 -0.22
CA GLY A 196 -14.87 -25.41 0.81
C GLY A 196 -14.68 -26.65 1.67
N PRO A 197 -15.49 -26.79 2.72
CA PRO A 197 -15.34 -27.95 3.61
C PRO A 197 -16.15 -29.15 3.13
N GLY A 198 -16.27 -29.32 1.82
CA GLY A 198 -17.10 -30.37 1.27
C GLY A 198 -16.40 -31.36 0.37
N SER A 199 -15.12 -31.62 0.64
CA SER A 199 -14.37 -32.62 -0.12
C SER A 199 -13.40 -33.36 0.79
N ASN B 4 -15.22 -54.95 6.03
CA ASN B 4 -14.15 -55.76 6.59
C ASN B 4 -12.88 -55.66 5.73
N LEU B 5 -13.05 -55.30 4.46
CA LEU B 5 -11.93 -55.22 3.53
C LEU B 5 -11.30 -53.82 3.60
N CYS B 6 -9.98 -53.78 3.76
CA CYS B 6 -9.26 -52.50 3.77
C CYS B 6 -9.53 -51.76 2.46
N PRO B 7 -10.03 -50.54 2.52
CA PRO B 7 -10.30 -49.80 1.28
C PRO B 7 -9.03 -49.27 0.65
N PHE B 8 -8.28 -50.17 0.00
CA PHE B 8 -6.96 -49.78 -0.51
C PHE B 8 -7.07 -48.72 -1.61
N GLY B 9 -8.20 -48.67 -2.32
CA GLY B 9 -8.38 -47.60 -3.30
C GLY B 9 -8.21 -46.23 -2.67
N GLU B 10 -8.80 -46.03 -1.49
CA GLU B 10 -8.66 -44.79 -0.76
C GLU B 10 -7.21 -44.40 -0.51
N VAL B 11 -6.29 -45.35 -0.59
CA VAL B 11 -4.87 -45.06 -0.50
C VAL B 11 -4.25 -44.87 -1.89
N PHE B 12 -4.59 -45.74 -2.84
CA PHE B 12 -3.88 -45.73 -4.10
C PHE B 12 -4.54 -44.82 -5.13
N ASN B 13 -5.87 -44.80 -5.18
CA ASN B 13 -6.61 -43.89 -6.04
C ASN B 13 -7.16 -42.70 -5.26
N ALA B 14 -6.42 -42.23 -4.25
CA ALA B 14 -6.85 -41.07 -3.49
C ALA B 14 -6.91 -39.83 -4.37
N THR B 15 -7.73 -38.86 -3.96
CA THR B 15 -7.94 -37.67 -4.75
C THR B 15 -6.64 -36.90 -4.94
N ARG B 16 -6.01 -36.51 -3.84
CA ARG B 16 -4.75 -35.79 -3.88
C ARG B 16 -3.67 -36.57 -3.14
N PHE B 17 -2.42 -36.27 -3.47
CA PHE B 17 -1.26 -36.83 -2.80
C PHE B 17 -0.45 -35.71 -2.19
N ALA B 18 0.19 -36.01 -1.06
CA ALA B 18 0.95 -35.03 -0.33
C ALA B 18 2.31 -34.78 -0.99
N SER B 19 2.87 -33.62 -0.71
CA SER B 19 4.25 -33.37 -1.09
C SER B 19 5.18 -34.21 -0.22
N VAL B 20 6.33 -34.58 -0.79
CA VAL B 20 7.21 -35.52 -0.09
C VAL B 20 7.79 -34.91 1.18
N TYR B 21 8.01 -33.59 1.20
CA TYR B 21 8.49 -32.97 2.44
C TYR B 21 7.43 -33.08 3.53
N ALA B 22 6.16 -33.03 3.15
CA ALA B 22 5.06 -33.18 4.09
C ALA B 22 4.34 -34.50 3.82
N TRP B 23 5.08 -35.60 3.82
CA TRP B 23 4.51 -36.89 3.41
C TRP B 23 3.39 -37.30 4.35
N ASN B 24 2.30 -37.79 3.77
CA ASN B 24 1.12 -38.18 4.51
C ASN B 24 1.22 -39.63 4.98
N ARG B 25 0.82 -39.86 6.23
CA ARG B 25 0.79 -41.20 6.82
C ARG B 25 -0.64 -41.57 7.16
N LYS B 26 -1.07 -42.75 6.71
CA LYS B 26 -2.37 -43.29 7.03
C LYS B 26 -2.20 -44.59 7.83
N ARG B 27 -3.04 -44.79 8.83
CA ARG B 27 -3.04 -46.04 9.58
C ARG B 27 -4.12 -46.95 9.01
N ILE B 28 -3.78 -48.24 8.91
CA ILE B 28 -4.68 -49.28 8.42
C ILE B 28 -4.89 -50.25 9.57
N SER B 29 -6.15 -50.45 9.97
CA SER B 29 -6.45 -51.25 11.16
C SER B 29 -7.82 -51.90 11.00
N ASN B 30 -7.99 -53.03 11.70
CA ASN B 30 -9.26 -53.77 11.77
C ASN B 30 -9.88 -53.97 10.40
N CYS B 31 -9.12 -54.59 9.51
CA CYS B 31 -9.59 -54.79 8.15
C CYS B 31 -8.93 -56.03 7.54
N VAL B 32 -9.48 -56.46 6.41
CA VAL B 32 -8.99 -57.62 5.67
C VAL B 32 -8.26 -57.11 4.44
N ALA B 33 -6.98 -57.48 4.33
CA ALA B 33 -6.10 -56.97 3.29
C ALA B 33 -5.95 -58.02 2.18
N ASP B 34 -6.51 -57.73 1.01
CA ASP B 34 -6.31 -58.52 -0.20
C ASP B 34 -5.29 -57.78 -1.06
N TYR B 35 -4.02 -58.19 -0.96
CA TYR B 35 -2.94 -57.56 -1.72
C TYR B 35 -2.86 -58.06 -3.15
N SER B 36 -3.74 -58.97 -3.57
CA SER B 36 -3.65 -59.52 -4.92
C SER B 36 -4.22 -58.61 -5.99
N VAL B 37 -5.14 -57.71 -5.62
CA VAL B 37 -5.62 -56.72 -6.58
C VAL B 37 -4.53 -55.73 -6.95
N LEU B 38 -3.51 -55.59 -6.11
CA LEU B 38 -2.37 -54.70 -6.35
C LEU B 38 -1.15 -55.43 -6.89
N TYR B 39 -0.86 -56.62 -6.37
CA TYR B 39 0.28 -57.38 -6.88
C TYR B 39 0.09 -57.76 -8.34
N ASN B 40 -1.12 -58.13 -8.72
CA ASN B 40 -1.43 -58.53 -10.09
C ASN B 40 -1.92 -57.37 -10.94
N SER B 41 -1.36 -56.18 -10.74
CA SER B 41 -1.71 -55.00 -11.51
C SER B 41 -0.50 -54.52 -12.30
N ALA B 42 -0.72 -54.19 -13.56
CA ALA B 42 0.36 -53.73 -14.44
C ALA B 42 0.57 -52.23 -14.39
N SER B 43 -0.15 -51.51 -13.53
CA SER B 43 0.02 -50.07 -13.46
C SER B 43 1.33 -49.69 -12.76
N PHE B 44 1.75 -50.48 -11.77
CA PHE B 44 2.83 -50.08 -10.90
C PHE B 44 4.19 -50.23 -11.60
N SER B 45 5.02 -49.20 -11.50
CA SER B 45 6.37 -49.26 -12.02
C SER B 45 7.33 -49.89 -11.03
N THR B 46 6.97 -49.90 -9.74
CA THR B 46 7.78 -50.47 -8.68
C THR B 46 6.84 -51.16 -7.70
N PHE B 47 7.18 -52.40 -7.34
CA PHE B 47 6.43 -53.17 -6.34
C PHE B 47 7.43 -54.12 -5.69
N LYS B 48 8.18 -53.58 -4.72
CA LYS B 48 9.18 -54.35 -4.02
C LYS B 48 8.91 -54.32 -2.52
N CYS B 49 9.40 -55.34 -1.82
CA CYS B 49 9.21 -55.45 -0.38
C CYS B 49 10.53 -55.77 0.31
N TYR B 50 10.60 -55.45 1.59
CA TYR B 50 11.75 -55.73 2.43
C TYR B 50 11.27 -56.46 3.67
N GLY B 51 12.01 -57.51 4.04
CA GLY B 51 11.66 -58.32 5.20
C GLY B 51 10.54 -59.30 4.99
N VAL B 52 9.72 -59.13 3.96
CA VAL B 52 8.68 -60.08 3.60
C VAL B 52 8.73 -60.30 2.09
N SER B 53 8.04 -61.35 1.66
CA SER B 53 8.05 -61.61 0.22
C SER B 53 6.71 -61.21 -0.40
N PRO B 54 6.75 -60.54 -1.55
CA PRO B 54 5.51 -59.98 -2.13
C PRO B 54 4.43 -61.01 -2.40
N THR B 55 4.78 -62.24 -2.76
CA THR B 55 3.76 -63.23 -3.06
C THR B 55 3.12 -63.83 -1.81
N LYS B 56 3.78 -63.73 -0.66
CA LYS B 56 3.27 -64.26 0.59
C LYS B 56 2.52 -63.21 1.42
N LEU B 57 2.10 -62.11 0.78
CA LEU B 57 1.55 -61.00 1.55
C LEU B 57 0.17 -61.30 2.11
N ASN B 58 -0.63 -62.11 1.41
CA ASN B 58 -1.96 -62.46 1.89
C ASN B 58 -1.94 -63.52 2.99
N ASP B 59 -0.79 -64.13 3.26
CA ASP B 59 -0.68 -65.18 4.27
C ASP B 59 -0.30 -64.66 5.65
N LEU B 60 0.06 -63.39 5.78
CA LEU B 60 0.60 -62.87 7.04
C LEU B 60 -0.39 -61.93 7.72
N CYS B 61 -0.12 -61.68 9.00
CA CYS B 61 -0.92 -60.80 9.84
C CYS B 61 0.00 -59.78 10.51
N PHE B 62 -0.53 -58.59 10.80
CA PHE B 62 0.35 -57.53 11.29
C PHE B 62 -0.30 -56.76 12.43
N THR B 63 0.53 -56.32 13.37
CA THR B 63 0.11 -55.41 14.42
C THR B 63 -0.11 -54.01 13.87
N ASN B 64 0.93 -53.43 13.28
CA ASN B 64 0.86 -52.08 12.74
C ASN B 64 1.06 -52.10 11.22
N VAL B 65 0.21 -51.39 10.49
CA VAL B 65 0.37 -51.19 9.06
C VAL B 65 0.17 -49.72 8.75
N TYR B 66 1.25 -49.05 8.37
CA TYR B 66 1.20 -47.67 7.94
C TYR B 66 1.31 -47.60 6.42
N ALA B 67 0.68 -46.58 5.84
CA ALA B 67 0.75 -46.34 4.41
C ALA B 67 1.20 -44.89 4.22
N ASP B 68 2.48 -44.71 3.94
CA ASP B 68 3.04 -43.39 3.65
C ASP B 68 2.95 -43.13 2.15
N SER B 69 2.42 -41.96 1.78
CA SER B 69 2.21 -41.60 0.39
C SER B 69 2.78 -40.21 0.11
N PHE B 70 3.25 -40.00 -1.11
CA PHE B 70 3.84 -38.73 -1.53
C PHE B 70 4.13 -38.79 -3.03
N VAL B 71 4.56 -37.67 -3.58
CA VAL B 71 4.89 -37.55 -5.01
C VAL B 71 6.32 -37.08 -5.14
N ILE B 72 7.11 -37.79 -5.95
CA ILE B 72 8.47 -37.40 -6.29
C ILE B 72 8.69 -37.60 -7.79
N ARG B 73 9.84 -37.13 -8.26
CA ARG B 73 10.26 -37.37 -9.62
C ARG B 73 10.51 -38.86 -9.83
N GLY B 74 10.35 -39.30 -11.09
CA GLY B 74 10.60 -40.71 -11.41
C GLY B 74 12.01 -41.14 -11.05
N ASP B 75 13.01 -40.35 -11.45
CA ASP B 75 14.40 -40.72 -11.25
C ASP B 75 14.77 -40.67 -9.76
N GLU B 76 13.82 -40.29 -8.92
CA GLU B 76 14.01 -40.27 -7.48
C GLU B 76 13.37 -41.46 -6.78
N VAL B 77 12.55 -42.26 -7.48
CA VAL B 77 11.95 -43.43 -6.85
C VAL B 77 13.02 -44.34 -6.27
N ARG B 78 14.18 -44.45 -6.93
CA ARG B 78 15.25 -45.30 -6.42
C ARG B 78 15.77 -44.85 -5.06
N GLN B 79 15.48 -43.62 -4.64
CA GLN B 79 15.93 -43.19 -3.32
C GLN B 79 15.04 -43.73 -2.21
N ILE B 80 13.86 -44.24 -2.56
CA ILE B 80 12.97 -44.80 -1.55
C ILE B 80 13.35 -46.25 -1.30
N ALA B 81 14.47 -46.45 -0.59
CA ALA B 81 14.96 -47.77 -0.26
C ALA B 81 15.93 -47.62 0.91
N PRO B 82 16.09 -48.67 1.72
CA PRO B 82 17.06 -48.57 2.82
C PRO B 82 18.47 -48.34 2.31
N GLY B 83 19.20 -47.49 3.03
CA GLY B 83 20.59 -47.22 2.68
C GLY B 83 20.80 -46.35 1.46
N GLN B 84 19.79 -45.61 1.02
CA GLN B 84 19.95 -44.70 -0.11
C GLN B 84 20.31 -43.30 0.39
N THR B 85 20.94 -42.53 -0.50
CA THR B 85 21.25 -41.13 -0.23
C THR B 85 20.80 -40.29 -1.41
N GLY B 86 20.79 -38.98 -1.18
CA GLY B 86 20.22 -38.03 -2.13
C GLY B 86 19.23 -37.12 -1.43
N LYS B 87 18.82 -36.10 -2.19
CA LYS B 87 17.95 -35.06 -1.64
C LYS B 87 16.72 -35.64 -0.98
N ILE B 88 16.08 -36.62 -1.62
CA ILE B 88 14.85 -37.18 -1.08
C ILE B 88 15.11 -37.98 0.20
N ALA B 89 16.08 -38.90 0.13
CA ALA B 89 16.33 -39.78 1.28
C ALA B 89 16.95 -39.01 2.44
N ASP B 90 17.80 -38.03 2.15
CA ASP B 90 18.46 -37.28 3.23
C ASP B 90 17.55 -36.23 3.84
N TYR B 91 16.72 -35.57 3.04
CA TYR B 91 16.01 -34.38 3.49
C TYR B 91 14.49 -34.50 3.48
N ASN B 92 13.92 -35.58 2.94
CA ASN B 92 12.47 -35.65 2.78
C ASN B 92 11.87 -36.90 3.40
N TYR B 93 12.34 -38.08 3.01
CA TYR B 93 11.76 -39.33 3.49
C TYR B 93 12.86 -40.38 3.57
N LYS B 94 13.13 -40.86 4.77
CA LYS B 94 14.25 -41.75 5.04
C LYS B 94 13.72 -43.06 5.61
N LEU B 95 14.10 -44.20 4.99
CA LEU B 95 13.79 -45.54 5.47
C LEU B 95 14.94 -46.07 6.33
N PRO B 96 14.64 -46.87 7.35
CA PRO B 96 15.70 -47.48 8.15
C PRO B 96 16.43 -48.57 7.38
N ASP B 97 17.63 -48.87 7.85
CA ASP B 97 18.46 -49.89 7.20
C ASP B 97 17.84 -51.27 7.31
N ASP B 98 17.24 -51.61 8.46
CA ASP B 98 16.49 -52.84 8.60
C ASP B 98 14.99 -52.52 8.54
N PHE B 99 14.55 -52.23 7.32
CA PHE B 99 13.17 -51.87 7.04
C PHE B 99 12.37 -53.12 6.73
N THR B 100 11.14 -53.18 7.24
CA THR B 100 10.20 -54.26 6.97
C THR B 100 8.95 -53.66 6.36
N GLY B 101 8.69 -53.98 5.09
CA GLY B 101 7.54 -53.41 4.41
C GLY B 101 7.74 -53.42 2.90
N CYS B 102 6.91 -52.63 2.22
CA CYS B 102 6.88 -52.60 0.76
C CYS B 102 6.88 -51.17 0.24
N VAL B 103 7.51 -50.98 -0.92
CA VAL B 103 7.58 -49.70 -1.62
C VAL B 103 6.87 -49.87 -2.95
N ILE B 104 5.83 -49.07 -3.18
CA ILE B 104 5.02 -49.14 -4.40
C ILE B 104 5.05 -47.77 -5.07
N ALA B 105 5.21 -47.76 -6.39
CA ALA B 105 5.29 -46.50 -7.12
C ALA B 105 4.73 -46.70 -8.52
N TRP B 106 4.16 -45.63 -9.07
CA TRP B 106 3.63 -45.67 -10.42
C TRP B 106 3.68 -44.28 -11.03
N ASN B 107 3.75 -44.24 -12.36
CA ASN B 107 3.80 -42.97 -13.08
C ASN B 107 2.47 -42.25 -12.94
N SER B 108 2.54 -40.99 -12.50
CA SER B 108 1.34 -40.20 -12.27
C SER B 108 1.36 -38.92 -13.09
N ASN B 109 1.85 -39.02 -14.34
CA ASN B 109 1.97 -37.86 -15.20
C ASN B 109 0.61 -37.28 -15.56
N ASN B 110 -0.33 -38.13 -15.98
CA ASN B 110 -1.64 -37.63 -16.40
C ASN B 110 -2.52 -37.17 -15.24
N LEU B 111 -1.98 -36.99 -14.04
CA LEU B 111 -2.77 -36.63 -12.87
C LEU B 111 -2.11 -35.48 -12.09
N ASP B 112 -0.79 -35.46 -12.09
CA ASP B 112 -0.05 -34.52 -11.27
C ASP B 112 0.76 -33.50 -12.06
N SER B 113 0.68 -33.51 -13.39
CA SER B 113 1.36 -32.52 -14.21
C SER B 113 0.33 -31.69 -14.97
N LYS B 114 0.69 -30.45 -15.28
CA LYS B 114 -0.21 -29.54 -15.98
C LYS B 114 0.57 -28.79 -17.06
N VAL B 115 -0.10 -28.52 -18.17
CA VAL B 115 0.46 -27.68 -19.22
C VAL B 115 0.73 -26.31 -18.63
N GLY B 116 2.01 -25.96 -18.48
CA GLY B 116 2.42 -24.74 -17.81
C GLY B 116 3.05 -24.97 -16.46
N GLY B 117 3.02 -26.19 -15.94
CA GLY B 117 3.68 -26.53 -14.70
C GLY B 117 2.75 -26.70 -13.52
N ASN B 118 2.90 -27.83 -12.82
CA ASN B 118 2.25 -28.07 -11.54
C ASN B 118 3.24 -27.72 -10.43
N TYR B 119 2.97 -26.63 -9.73
CA TYR B 119 3.83 -26.15 -8.66
C TYR B 119 3.39 -26.66 -7.30
N ASN B 120 2.33 -27.47 -7.25
CA ASN B 120 1.78 -27.92 -5.98
C ASN B 120 2.69 -28.88 -5.23
N TYR B 121 3.56 -29.61 -5.92
CA TYR B 121 4.40 -30.62 -5.29
C TYR B 121 5.79 -30.04 -5.02
N LEU B 122 6.22 -30.13 -3.77
CA LEU B 122 7.48 -29.56 -3.32
C LEU B 122 8.29 -30.61 -2.59
N TYR B 123 9.60 -30.37 -2.52
CA TYR B 123 10.51 -31.20 -1.74
C TYR B 123 11.51 -30.30 -1.05
N ARG B 124 12.01 -30.75 0.10
CA ARG B 124 13.06 -30.02 0.78
C ARG B 124 14.38 -30.19 0.04
N LEU B 125 15.08 -29.08 -0.19
CA LEU B 125 16.32 -29.11 -0.96
C LEU B 125 17.55 -28.88 -0.08
N PHE B 126 17.37 -28.34 1.11
CA PHE B 126 18.45 -28.03 2.02
C PHE B 126 18.08 -28.46 3.42
N ARG B 127 19.09 -28.92 4.17
CA ARG B 127 18.90 -29.23 5.58
C ARG B 127 20.28 -29.35 6.22
N LYS B 128 20.39 -28.89 7.46
CA LYS B 128 21.68 -28.92 8.13
C LYS B 128 22.13 -30.33 8.51
N SER B 129 21.20 -31.27 8.66
CA SER B 129 21.56 -32.64 8.97
C SER B 129 20.55 -33.57 8.30
N ASN B 130 20.97 -34.81 8.09
CA ASN B 130 20.09 -35.77 7.45
C ASN B 130 18.92 -36.13 8.34
N LEU B 131 17.79 -36.46 7.71
CA LEU B 131 16.66 -36.99 8.44
C LEU B 131 16.97 -38.38 9.00
N LYS B 132 16.36 -38.71 10.12
CA LYS B 132 16.44 -40.07 10.63
C LYS B 132 15.22 -40.85 10.20
N PRO B 133 15.25 -42.19 10.29
CA PRO B 133 14.16 -42.99 9.72
C PRO B 133 12.77 -42.51 10.14
N PHE B 134 11.92 -42.31 9.14
CA PHE B 134 10.51 -41.92 9.29
C PHE B 134 10.35 -40.53 9.89
N GLU B 135 11.42 -39.75 10.02
CA GLU B 135 11.33 -38.39 10.50
C GLU B 135 10.61 -37.51 9.48
N ARG B 136 10.02 -36.41 9.96
CA ARG B 136 9.25 -35.49 9.14
C ARG B 136 9.65 -34.06 9.47
N ASP B 137 9.92 -33.26 8.44
CA ASP B 137 10.35 -31.88 8.59
C ASP B 137 9.51 -31.00 7.68
N ILE B 138 8.79 -30.05 8.27
CA ILE B 138 7.97 -29.10 7.53
C ILE B 138 8.34 -27.66 7.85
N SER B 139 9.48 -27.45 8.51
CA SER B 139 9.98 -26.10 8.77
C SER B 139 10.26 -25.38 7.46
N THR B 140 10.16 -24.06 7.50
CA THR B 140 10.34 -23.24 6.31
C THR B 140 11.25 -22.04 6.58
N GLU B 141 12.16 -22.19 7.54
CA GLU B 141 13.09 -21.12 7.86
C GLU B 141 14.20 -21.05 6.81
N ILE B 142 14.62 -19.82 6.50
CA ILE B 142 15.58 -19.61 5.43
C ILE B 142 16.87 -20.37 5.72
N TYR B 143 17.38 -21.08 4.71
CA TYR B 143 18.56 -21.90 4.87
C TYR B 143 19.81 -21.13 4.43
N GLN B 144 20.81 -21.10 5.30
CA GLN B 144 22.07 -20.42 5.02
C GLN B 144 22.99 -21.37 4.26
N ALA B 145 23.13 -21.13 2.96
CA ALA B 145 24.02 -21.94 2.13
C ALA B 145 25.45 -21.41 2.09
N GLY B 146 25.69 -20.22 2.63
CA GLY B 146 27.00 -19.62 2.60
C GLY B 146 27.55 -19.34 3.98
N SER B 147 28.49 -18.41 4.05
CA SER B 147 29.12 -18.07 5.32
C SER B 147 28.22 -17.20 6.19
N THR B 148 27.49 -16.28 5.58
CA THR B 148 26.81 -15.22 6.31
C THR B 148 25.48 -15.73 6.88
N PRO B 149 25.23 -15.56 8.17
CA PRO B 149 23.93 -15.92 8.74
C PRO B 149 22.83 -15.10 8.08
N CYS B 150 21.58 -15.53 8.27
CA CYS B 150 20.51 -14.95 7.49
C CYS B 150 19.25 -14.56 8.24
N ASN B 151 19.20 -14.71 9.56
CA ASN B 151 18.06 -14.28 10.35
C ASN B 151 16.76 -14.90 9.85
N GLY B 152 16.33 -14.48 8.66
CA GLY B 152 15.17 -15.04 8.02
C GLY B 152 14.81 -14.29 6.75
N VAL B 153 15.82 -13.80 6.03
CA VAL B 153 15.61 -12.96 4.84
C VAL B 153 16.20 -13.66 3.64
N GLU B 154 15.40 -13.77 2.58
CA GLU B 154 15.77 -14.51 1.37
C GLU B 154 16.82 -13.74 0.58
N GLY B 155 18.00 -14.33 0.42
CA GLY B 155 19.07 -13.71 -0.35
C GLY B 155 19.64 -14.61 -1.44
N PHE B 156 20.78 -14.22 -2.01
CA PHE B 156 21.37 -15.00 -3.10
C PHE B 156 22.04 -16.27 -2.59
N ASN B 157 22.59 -16.24 -1.39
CA ASN B 157 23.17 -17.41 -0.75
C ASN B 157 22.34 -17.86 0.45
N CYS B 158 21.04 -17.56 0.41
CA CYS B 158 20.10 -17.98 1.44
C CYS B 158 18.77 -18.26 0.78
N TYR B 159 18.32 -19.51 0.86
CA TYR B 159 17.22 -19.97 0.04
C TYR B 159 16.04 -20.38 0.92
N PHE B 160 14.85 -20.26 0.36
CA PHE B 160 13.71 -20.97 0.87
C PHE B 160 13.96 -22.46 0.69
N PRO B 161 13.88 -23.28 1.75
CA PRO B 161 14.39 -24.65 1.66
C PRO B 161 13.56 -25.58 0.79
N LEU B 162 12.33 -25.22 0.47
CA LEU B 162 11.49 -26.09 -0.35
C LEU B 162 11.58 -25.67 -1.81
N GLN B 163 11.29 -26.61 -2.70
CA GLN B 163 11.44 -26.41 -4.12
C GLN B 163 10.31 -27.08 -4.86
N SER B 164 9.62 -26.33 -5.71
CA SER B 164 8.55 -26.91 -6.52
C SER B 164 9.15 -27.75 -7.64
N TYR B 165 8.49 -28.88 -7.93
CA TYR B 165 8.92 -29.74 -9.01
C TYR B 165 8.60 -29.14 -10.37
N GLY B 166 7.46 -28.46 -10.48
CA GLY B 166 7.05 -27.88 -11.75
C GLY B 166 6.75 -28.94 -12.78
N PHE B 167 5.92 -29.92 -12.40
CA PHE B 167 5.65 -31.05 -13.28
C PHE B 167 4.89 -30.60 -14.52
N GLN B 168 5.35 -31.06 -15.68
CA GLN B 168 4.71 -30.79 -16.95
C GLN B 168 4.56 -32.09 -17.72
N PRO B 169 3.42 -32.29 -18.40
CA PRO B 169 3.22 -33.55 -19.12
C PRO B 169 4.22 -33.79 -20.23
N THR B 170 4.91 -32.75 -20.71
CA THR B 170 5.91 -32.90 -21.76
C THR B 170 7.28 -33.31 -21.22
N ASN B 171 7.46 -33.34 -19.90
CA ASN B 171 8.73 -33.70 -19.32
C ASN B 171 9.15 -35.09 -19.75
N GLY B 172 10.46 -35.32 -19.80
CA GLY B 172 10.97 -36.67 -19.88
C GLY B 172 10.51 -37.50 -18.69
N VAL B 173 10.43 -38.81 -18.90
CA VAL B 173 9.87 -39.69 -17.88
C VAL B 173 10.63 -39.56 -16.56
N GLY B 174 11.94 -39.30 -16.63
CA GLY B 174 12.71 -39.11 -15.41
C GLY B 174 12.27 -37.92 -14.60
N TYR B 175 11.71 -36.90 -15.25
CA TYR B 175 11.23 -35.71 -14.56
C TYR B 175 9.73 -35.73 -14.32
N GLN B 176 9.04 -36.78 -14.74
CA GLN B 176 7.60 -36.87 -14.58
C GLN B 176 7.24 -37.25 -13.15
N PRO B 177 6.02 -36.91 -12.71
CA PRO B 177 5.65 -37.22 -11.33
C PRO B 177 5.30 -38.69 -11.15
N TYR B 178 5.79 -39.25 -10.04
CA TYR B 178 5.44 -40.61 -9.63
C TYR B 178 4.84 -40.55 -8.23
N ARG B 179 3.72 -41.23 -8.06
CA ARG B 179 3.11 -41.40 -6.73
C ARG B 179 3.72 -42.62 -6.07
N VAL B 180 4.07 -42.48 -4.79
CA VAL B 180 4.77 -43.51 -4.03
C VAL B 180 3.93 -43.86 -2.80
N VAL B 181 3.77 -45.15 -2.54
CA VAL B 181 3.12 -45.66 -1.33
C VAL B 181 4.11 -46.58 -0.63
N VAL B 182 4.44 -46.27 0.63
CA VAL B 182 5.33 -47.08 1.44
C VAL B 182 4.50 -47.77 2.51
N LEU B 183 4.35 -49.08 2.41
CA LEU B 183 3.70 -49.87 3.46
C LEU B 183 4.75 -50.34 4.45
N SER B 184 4.54 -50.04 5.73
CA SER B 184 5.42 -50.51 6.78
C SER B 184 4.64 -51.45 7.68
N PHE B 185 5.25 -52.60 7.99
CA PHE B 185 4.61 -53.66 8.75
C PHE B 185 5.31 -53.82 10.10
N GLU B 186 4.65 -54.52 11.00
CA GLU B 186 5.12 -54.73 12.36
C GLU B 186 6.59 -55.18 12.43
N ALA B 190 0.64 -56.13 20.21
CA ALA B 190 0.93 -57.55 20.06
C ALA B 190 -0.13 -58.35 19.27
N PRO B 191 -1.44 -57.98 19.35
CA PRO B 191 -2.43 -58.67 18.50
C PRO B 191 -2.27 -58.36 17.03
N ALA B 192 -3.20 -58.86 16.22
CA ALA B 192 -3.19 -58.64 14.77
C ALA B 192 -4.58 -58.15 14.35
N THR B 193 -4.64 -56.92 13.84
CA THR B 193 -5.89 -56.36 13.37
C THR B 193 -5.97 -56.27 11.84
N VAL B 194 -4.86 -56.49 11.14
CA VAL B 194 -4.84 -56.55 9.68
C VAL B 194 -4.37 -57.94 9.28
N CYS B 195 -5.18 -58.63 8.47
CA CYS B 195 -4.92 -60.00 8.06
C CYS B 195 -5.43 -60.21 6.64
N GLY B 196 -4.82 -61.17 5.93
CA GLY B 196 -5.29 -61.60 4.64
C GLY B 196 -6.61 -62.32 4.78
N PRO B 197 -7.30 -62.51 3.66
CA PRO B 197 -8.59 -63.21 3.70
C PRO B 197 -8.45 -64.62 4.27
N GLY B 198 -9.49 -65.07 4.96
CA GLY B 198 -9.48 -66.38 5.57
C GLY B 198 -9.05 -66.41 7.02
N SER B 199 -9.20 -65.30 7.75
CA SER B 199 -8.80 -65.21 9.15
C SER B 199 -7.31 -65.51 9.33
N ASN C 1 -10.39 -50.03 8.97
CA ASN C 1 -10.56 -48.71 8.38
C ASN C 1 -9.22 -48.03 8.15
N ILE C 2 -9.18 -47.11 7.19
CA ILE C 2 -7.97 -46.37 6.83
C ILE C 2 -8.21 -44.90 7.11
N THR C 3 -7.37 -44.32 7.97
CA THR C 3 -7.52 -42.91 8.34
C THR C 3 -6.14 -42.27 8.37
N ASN C 4 -6.08 -41.01 7.93
CA ASN C 4 -4.84 -40.24 7.99
C ASN C 4 -4.47 -40.00 9.46
N LEU C 5 -3.17 -39.92 9.72
CA LEU C 5 -2.68 -39.52 11.03
C LEU C 5 -2.50 -38.01 11.04
N CYS C 6 -3.15 -37.33 11.98
CA CYS C 6 -3.12 -35.87 12.02
C CYS C 6 -1.68 -35.39 12.17
N PRO C 7 -1.21 -34.64 11.20
CA PRO C 7 0.18 -34.12 11.26
C PRO C 7 0.29 -32.99 12.26
N PHE C 8 0.29 -33.34 13.54
CA PHE C 8 0.26 -32.34 14.60
C PHE C 8 1.55 -31.53 14.67
N GLY C 9 2.65 -32.06 14.12
CA GLY C 9 3.88 -31.28 14.07
C GLY C 9 3.73 -29.98 13.29
N GLU C 10 2.79 -29.94 12.35
CA GLU C 10 2.53 -28.72 11.61
C GLU C 10 1.94 -27.62 12.48
N VAL C 11 1.39 -27.95 13.65
CA VAL C 11 0.86 -26.96 14.57
C VAL C 11 1.88 -26.63 15.67
N PHE C 12 2.40 -27.66 16.33
CA PHE C 12 3.26 -27.43 17.49
C PHE C 12 4.68 -27.04 17.10
N ASN C 13 5.14 -27.45 15.92
CA ASN C 13 6.50 -27.16 15.49
C ASN C 13 6.53 -26.19 14.30
N ALA C 14 5.42 -25.49 14.05
CA ALA C 14 5.43 -24.42 13.07
C ALA C 14 6.51 -23.40 13.44
N THR C 15 7.32 -23.00 12.45
CA THR C 15 8.42 -22.10 12.75
C THR C 15 7.92 -20.72 13.17
N ARG C 16 6.84 -20.25 12.57
CA ARG C 16 6.22 -18.99 12.93
C ARG C 16 5.00 -19.23 13.81
N PHE C 17 4.82 -18.36 14.81
CA PHE C 17 3.65 -18.36 15.66
C PHE C 17 3.01 -16.98 15.67
N ALA C 18 1.68 -16.96 15.68
CA ALA C 18 0.90 -15.73 15.61
C ALA C 18 0.89 -14.99 16.93
N SER C 19 0.64 -13.68 16.85
CA SER C 19 0.31 -12.92 18.04
C SER C 19 -1.10 -13.26 18.50
N VAL C 20 -1.31 -13.17 19.82
CA VAL C 20 -2.57 -13.66 20.39
C VAL C 20 -3.76 -12.84 19.89
N TYR C 21 -3.58 -11.53 19.69
CA TYR C 21 -4.68 -10.74 19.16
C TYR C 21 -5.07 -11.19 17.76
N ALA C 22 -4.09 -11.62 16.96
CA ALA C 22 -4.36 -12.20 15.66
C ALA C 22 -4.14 -13.70 15.71
N TRP C 23 -4.79 -14.38 16.65
CA TRP C 23 -4.56 -15.81 16.84
C TRP C 23 -4.93 -16.59 15.58
N ASN C 24 -4.07 -17.52 15.22
CA ASN C 24 -4.27 -18.36 14.04
C ASN C 24 -5.14 -19.55 14.38
N ARG C 25 -6.08 -19.86 13.49
CA ARG C 25 -6.94 -21.03 13.62
C ARG C 25 -6.73 -21.95 12.42
N LYS C 26 -6.45 -23.21 12.70
CA LYS C 26 -6.35 -24.24 11.67
C LYS C 26 -7.45 -25.26 11.89
N ARG C 27 -8.08 -25.70 10.80
CA ARG C 27 -9.04 -26.79 10.88
C ARG C 27 -8.32 -28.11 10.60
N ILE C 28 -8.49 -29.06 11.51
CA ILE C 28 -7.94 -30.39 11.36
C ILE C 28 -9.11 -31.35 11.16
N SER C 29 -9.12 -32.09 10.05
CA SER C 29 -10.25 -32.94 9.73
C SER C 29 -9.75 -34.15 8.97
N ASN C 30 -10.62 -35.16 8.90
CA ASN C 30 -10.37 -36.39 8.17
C ASN C 30 -9.06 -37.04 8.61
N CYS C 31 -8.88 -37.14 9.93
CA CYS C 31 -7.67 -37.75 10.46
C CYS C 31 -7.86 -38.21 11.89
N VAL C 32 -7.24 -39.32 12.21
CA VAL C 32 -7.13 -39.84 13.56
C VAL C 32 -5.86 -39.26 14.16
N ALA C 33 -5.91 -38.97 15.47
CA ALA C 33 -4.80 -38.34 16.18
C ALA C 33 -4.55 -39.09 17.47
N ASP C 34 -3.36 -39.66 17.62
CA ASP C 34 -2.94 -40.22 18.90
C ASP C 34 -2.45 -39.07 19.78
N TYR C 35 -3.29 -38.66 20.73
CA TYR C 35 -3.01 -37.50 21.57
C TYR C 35 -2.04 -37.77 22.70
N SER C 36 -1.53 -39.00 22.83
CA SER C 36 -0.64 -39.33 23.93
C SER C 36 0.83 -39.32 23.56
N VAL C 37 1.18 -39.33 22.27
CA VAL C 37 2.54 -38.98 21.90
C VAL C 37 2.83 -37.53 22.28
N LEU C 38 1.79 -36.72 22.44
CA LEU C 38 1.89 -35.34 22.88
C LEU C 38 1.91 -35.21 24.40
N TYR C 39 0.96 -35.86 25.09
CA TYR C 39 0.97 -35.79 26.55
C TYR C 39 2.19 -36.49 27.14
N ASN C 40 2.66 -37.56 26.51
CA ASN C 40 3.89 -38.22 26.92
C ASN C 40 5.11 -37.59 26.25
N SER C 41 5.15 -36.26 26.23
CA SER C 41 6.27 -35.52 25.65
C SER C 41 7.20 -34.89 26.68
N ALA C 42 6.68 -34.49 27.84
CA ALA C 42 7.38 -33.80 28.91
C ALA C 42 7.91 -32.43 28.51
N SER C 43 7.71 -32.00 27.26
CA SER C 43 8.15 -30.67 26.86
C SER C 43 7.18 -29.58 27.30
N PHE C 44 5.92 -29.93 27.50
CA PHE C 44 4.90 -28.93 27.79
C PHE C 44 4.82 -28.61 29.28
N SER C 45 4.63 -27.33 29.60
CA SER C 45 4.38 -26.90 30.96
C SER C 45 2.90 -26.95 31.32
N THR C 46 2.01 -26.96 30.32
CA THR C 46 0.57 -27.00 30.53
C THR C 46 -0.03 -27.94 29.51
N PHE C 47 -0.91 -28.82 29.97
CA PHE C 47 -1.60 -29.80 29.13
C PHE C 47 -2.86 -30.25 29.83
N LYS C 48 -3.84 -29.37 29.84
CA LYS C 48 -5.14 -29.57 30.45
C LYS C 48 -6.22 -29.65 29.38
N CYS C 49 -7.25 -30.44 29.65
CA CYS C 49 -8.38 -30.58 28.76
C CYS C 49 -9.65 -30.27 29.52
N TYR C 50 -10.69 -29.85 28.81
CA TYR C 50 -11.99 -29.56 29.40
C TYR C 50 -13.06 -30.35 28.67
N GLY C 51 -14.06 -30.83 29.41
CA GLY C 51 -15.10 -31.66 28.84
C GLY C 51 -14.64 -33.00 28.29
N VAL C 52 -13.34 -33.24 28.20
CA VAL C 52 -12.77 -34.52 27.77
C VAL C 52 -11.56 -34.84 28.65
N SER C 53 -11.10 -36.09 28.56
CA SER C 53 -9.98 -36.54 29.37
C SER C 53 -8.74 -36.73 28.49
N PRO C 54 -7.58 -36.26 28.94
CA PRO C 54 -6.37 -36.37 28.08
C PRO C 54 -6.00 -37.81 27.77
N THR C 55 -6.19 -38.73 28.72
CA THR C 55 -5.84 -40.13 28.46
C THR C 55 -6.88 -40.83 27.61
N LYS C 56 -8.14 -40.40 27.67
CA LYS C 56 -9.22 -40.98 26.90
C LYS C 56 -9.41 -40.32 25.54
N LEU C 57 -8.48 -39.44 25.13
CA LEU C 57 -8.64 -38.71 23.88
C LEU C 57 -8.54 -39.61 22.66
N ASN C 58 -7.89 -40.76 22.79
CA ASN C 58 -7.73 -41.69 21.68
C ASN C 58 -8.93 -42.62 21.50
N ASP C 59 -9.96 -42.47 22.31
CA ASP C 59 -11.17 -43.26 22.17
C ASP C 59 -12.36 -42.45 21.69
N LEU C 60 -12.26 -41.13 21.71
CA LEU C 60 -13.33 -40.25 21.26
C LEU C 60 -13.22 -40.03 19.75
N CYS C 61 -14.33 -39.68 19.13
CA CYS C 61 -14.37 -39.31 17.72
C CYS C 61 -15.16 -38.02 17.58
N PHE C 62 -14.69 -37.15 16.69
CA PHE C 62 -15.08 -35.75 16.65
C PHE C 62 -15.63 -35.40 15.28
N THR C 63 -16.55 -34.43 15.27
CA THR C 63 -16.99 -33.86 13.99
C THR C 63 -15.87 -33.02 13.37
N ASN C 64 -15.43 -31.99 14.08
CA ASN C 64 -14.35 -31.13 13.64
C ASN C 64 -13.45 -30.83 14.84
N VAL C 65 -12.15 -30.74 14.58
CA VAL C 65 -11.21 -30.26 15.58
C VAL C 65 -10.46 -29.06 15.02
N TYR C 66 -10.42 -27.99 15.82
CA TYR C 66 -9.70 -26.77 15.49
C TYR C 66 -8.45 -26.65 16.34
N ALA C 67 -7.43 -26.03 15.78
CA ALA C 67 -6.13 -25.84 16.45
C ALA C 67 -5.80 -24.36 16.42
N ASP C 68 -6.06 -23.67 17.53
CA ASP C 68 -5.72 -22.25 17.67
C ASP C 68 -4.37 -22.11 18.34
N SER C 69 -3.50 -21.31 17.75
CA SER C 69 -2.13 -21.15 18.23
C SER C 69 -1.78 -19.67 18.31
N PHE C 70 -0.95 -19.35 19.31
CA PHE C 70 -0.55 -17.96 19.57
C PHE C 70 0.51 -17.96 20.67
N VAL C 71 1.05 -16.77 20.93
CA VAL C 71 2.07 -16.56 21.95
C VAL C 71 1.54 -15.58 22.97
N ILE C 72 1.73 -15.87 24.26
CA ILE C 72 1.35 -15.00 25.35
C ILE C 72 2.43 -15.05 26.42
N ARG C 73 2.26 -14.24 27.46
CA ARG C 73 3.12 -14.31 28.63
C ARG C 73 2.80 -15.55 29.44
N GLY C 74 3.78 -16.01 30.22
CA GLY C 74 3.55 -17.16 31.08
C GLY C 74 2.39 -16.95 32.04
N ASP C 75 2.38 -15.82 32.74
CA ASP C 75 1.37 -15.52 33.74
C ASP C 75 -0.02 -15.33 33.12
N GLU C 76 -0.09 -15.38 31.80
CA GLU C 76 -1.37 -15.25 31.10
C GLU C 76 -1.94 -16.60 30.68
N VAL C 77 -1.15 -17.68 30.80
CA VAL C 77 -1.64 -19.00 30.39
C VAL C 77 -2.92 -19.37 31.13
N ARG C 78 -3.07 -18.91 32.38
CA ARG C 78 -4.29 -19.18 33.14
C ARG C 78 -5.55 -18.68 32.42
N GLN C 79 -5.44 -17.56 31.70
CA GLN C 79 -6.61 -16.99 31.04
C GLN C 79 -7.13 -17.85 29.89
N ILE C 80 -6.34 -18.81 29.40
CA ILE C 80 -6.78 -19.68 28.33
C ILE C 80 -7.55 -20.84 28.94
N ALA C 81 -8.74 -20.54 29.44
CA ALA C 81 -9.59 -21.53 30.09
C ALA C 81 -11.00 -20.96 30.16
N PRO C 82 -12.02 -21.80 30.24
CA PRO C 82 -13.39 -21.28 30.34
C PRO C 82 -13.57 -20.49 31.63
N GLY C 83 -14.37 -19.42 31.53
CA GLY C 83 -14.68 -18.62 32.70
C GLY C 83 -13.52 -17.84 33.29
N GLN C 84 -12.55 -17.45 32.47
CA GLN C 84 -11.42 -16.66 32.93
C GLN C 84 -11.59 -15.20 32.49
N THR C 85 -10.94 -14.30 33.22
CA THR C 85 -10.97 -12.90 32.89
C THR C 85 -9.55 -12.35 32.88
N GLY C 86 -9.42 -11.16 32.31
CA GLY C 86 -8.12 -10.55 32.05
C GLY C 86 -8.03 -10.03 30.63
N LYS C 87 -6.97 -9.27 30.37
CA LYS C 87 -6.84 -8.62 29.07
C LYS C 87 -6.83 -9.64 27.95
N ILE C 88 -6.18 -10.79 28.17
CA ILE C 88 -6.11 -11.80 27.12
C ILE C 88 -7.46 -12.49 26.94
N ALA C 89 -8.10 -12.86 28.05
CA ALA C 89 -9.38 -13.55 27.97
C ALA C 89 -10.50 -12.62 27.49
N ASP C 90 -10.42 -11.33 27.80
CA ASP C 90 -11.50 -10.42 27.45
C ASP C 90 -11.33 -9.79 26.07
N TYR C 91 -10.10 -9.47 25.67
CA TYR C 91 -9.89 -8.70 24.46
C TYR C 91 -9.13 -9.45 23.37
N ASN C 92 -8.65 -10.66 23.63
CA ASN C 92 -7.79 -11.33 22.66
C ASN C 92 -8.30 -12.72 22.30
N TYR C 93 -8.47 -13.59 23.30
CA TYR C 93 -8.86 -14.98 23.05
C TYR C 93 -9.70 -15.47 24.22
N LYS C 94 -10.97 -15.74 23.97
CA LYS C 94 -11.91 -16.17 25.00
C LYS C 94 -12.49 -17.52 24.62
N LEU C 95 -12.53 -18.42 25.58
CA LEU C 95 -13.09 -19.76 25.41
C LEU C 95 -14.50 -19.82 25.98
N PRO C 96 -15.39 -20.59 25.36
CA PRO C 96 -16.75 -20.71 25.89
C PRO C 96 -16.76 -21.51 27.18
N ASP C 97 -17.84 -21.32 27.96
CA ASP C 97 -17.95 -22.03 29.22
C ASP C 97 -18.18 -23.52 29.02
N ASP C 98 -18.80 -23.91 27.91
CA ASP C 98 -19.00 -25.32 27.55
C ASP C 98 -17.88 -25.84 26.66
N PHE C 99 -16.67 -25.34 26.87
CA PHE C 99 -15.53 -25.70 26.05
C PHE C 99 -15.17 -27.17 26.23
N THR C 100 -15.19 -27.92 25.14
CA THR C 100 -14.68 -29.29 25.13
C THR C 100 -13.42 -29.29 24.27
N GLY C 101 -12.27 -29.42 24.90
CA GLY C 101 -11.01 -29.40 24.19
C GLY C 101 -9.84 -29.28 25.15
N CYS C 102 -8.68 -28.99 24.59
CA CYS C 102 -7.44 -29.00 25.37
C CYS C 102 -6.63 -27.73 25.16
N VAL C 103 -5.89 -27.36 26.19
CA VAL C 103 -5.03 -26.18 26.20
C VAL C 103 -3.62 -26.65 26.50
N ILE C 104 -2.70 -26.39 25.58
CA ILE C 104 -1.32 -26.87 25.68
C ILE C 104 -0.40 -25.67 25.50
N ALA C 105 0.57 -25.52 26.40
CA ALA C 105 1.50 -24.41 26.40
C ALA C 105 2.89 -24.88 26.79
N TRP C 106 3.90 -24.18 26.29
CA TRP C 106 5.28 -24.45 26.69
C TRP C 106 6.09 -23.17 26.58
N ASN C 107 7.16 -23.10 27.37
CA ASN C 107 8.03 -21.93 27.38
C ASN C 107 8.79 -21.82 26.06
N SER C 108 8.73 -20.64 25.44
CA SER C 108 9.38 -20.40 24.16
C SER C 108 10.39 -19.27 24.24
N ASN C 109 10.95 -19.05 25.43
CA ASN C 109 11.93 -17.99 25.63
C ASN C 109 13.12 -18.13 24.69
N ASN C 110 13.50 -19.36 24.36
CA ASN C 110 14.64 -19.60 23.49
C ASN C 110 14.39 -19.18 22.05
N LEU C 111 13.13 -19.06 21.65
CA LEU C 111 12.78 -18.74 20.27
C LEU C 111 12.18 -17.36 20.10
N ASP C 112 11.45 -16.85 21.09
CA ASP C 112 10.62 -15.67 20.93
C ASP C 112 11.12 -14.46 21.72
N SER C 113 12.31 -14.54 22.29
CA SER C 113 12.87 -13.44 23.07
C SER C 113 14.16 -12.96 22.42
N LYS C 114 14.42 -11.66 22.57
CA LYS C 114 15.60 -11.02 21.99
C LYS C 114 16.10 -9.97 22.96
N VAL C 115 17.42 -9.92 23.14
CA VAL C 115 18.00 -8.88 23.96
C VAL C 115 17.63 -7.52 23.37
N GLY C 116 17.20 -6.60 24.23
CA GLY C 116 16.65 -5.35 23.78
C GLY C 116 15.16 -5.39 23.49
N GLY C 117 14.58 -6.58 23.39
CA GLY C 117 13.15 -6.74 23.27
C GLY C 117 12.68 -7.28 21.94
N ASN C 118 11.78 -8.26 21.96
CA ASN C 118 11.06 -8.67 20.76
C ASN C 118 9.72 -7.94 20.77
N TYR C 119 9.57 -6.98 19.86
CA TYR C 119 8.36 -6.18 19.77
C TYR C 119 7.32 -6.79 18.85
N ASN C 120 7.65 -7.87 18.15
CA ASN C 120 6.78 -8.38 17.11
C ASN C 120 5.57 -9.15 17.64
N TYR C 121 5.55 -9.52 18.92
CA TYR C 121 4.40 -10.18 19.53
C TYR C 121 3.55 -9.15 20.27
N LEU C 122 2.26 -9.12 19.96
CA LEU C 122 1.37 -8.10 20.48
C LEU C 122 0.13 -8.73 21.09
N TYR C 123 -0.48 -8.01 22.03
CA TYR C 123 -1.80 -8.34 22.54
C TYR C 123 -2.63 -7.07 22.60
N ARG C 124 -3.94 -7.23 22.42
CA ARG C 124 -4.83 -6.08 22.50
C ARG C 124 -5.04 -5.69 23.96
N LEU C 125 -4.87 -4.40 24.24
CA LEU C 125 -5.02 -3.89 25.60
C LEU C 125 -6.34 -3.17 25.85
N PHE C 126 -6.99 -2.68 24.79
CA PHE C 126 -8.22 -1.92 24.94
C PHE C 126 -9.28 -2.45 23.98
N ARG C 127 -10.53 -2.49 24.44
CA ARG C 127 -11.65 -2.78 23.55
C ARG C 127 -12.92 -2.24 24.18
N LYS C 128 -13.86 -1.81 23.34
CA LYS C 128 -15.11 -1.26 23.83
C LYS C 128 -15.94 -2.31 24.56
N SER C 129 -15.83 -3.57 24.14
CA SER C 129 -16.57 -4.65 24.76
C SER C 129 -15.71 -5.92 24.78
N ASN C 130 -15.98 -6.77 25.76
CA ASN C 130 -15.31 -8.06 25.81
C ASN C 130 -15.61 -8.87 24.56
N LEU C 131 -14.64 -9.67 24.13
CA LEU C 131 -14.86 -10.60 23.03
C LEU C 131 -15.87 -11.67 23.45
N LYS C 132 -16.61 -12.17 22.48
CA LYS C 132 -17.42 -13.36 22.67
C LYS C 132 -16.58 -14.60 22.42
N PRO C 133 -17.00 -15.77 22.88
CA PRO C 133 -16.18 -16.98 22.69
C PRO C 133 -15.80 -17.16 21.23
N PHE C 134 -14.51 -17.41 21.01
CA PHE C 134 -13.91 -17.63 19.69
C PHE C 134 -13.99 -16.41 18.78
N GLU C 135 -14.20 -15.21 19.34
CA GLU C 135 -14.21 -14.00 18.52
C GLU C 135 -12.79 -13.52 18.27
N ARG C 136 -12.61 -12.79 17.17
CA ARG C 136 -11.28 -12.36 16.74
C ARG C 136 -11.32 -10.92 16.25
N ASP C 137 -10.42 -10.10 16.76
CA ASP C 137 -10.33 -8.68 16.42
C ASP C 137 -8.89 -8.34 16.12
N ILE C 138 -8.62 -7.89 14.89
CA ILE C 138 -7.29 -7.47 14.49
C ILE C 138 -7.25 -6.02 14.03
N SER C 139 -8.25 -5.22 14.42
CA SER C 139 -8.27 -3.82 14.08
C SER C 139 -7.22 -3.04 14.89
N THR C 140 -6.82 -1.88 14.35
CA THR C 140 -5.82 -1.04 14.99
C THR C 140 -6.32 0.40 15.12
N GLU C 141 -7.62 0.57 15.30
CA GLU C 141 -8.17 1.90 15.48
C GLU C 141 -7.83 2.44 16.85
N ILE C 142 -7.55 3.75 16.92
CA ILE C 142 -7.26 4.38 18.20
C ILE C 142 -8.46 4.24 19.12
N TYR C 143 -8.20 3.86 20.37
CA TYR C 143 -9.25 3.62 21.34
C TYR C 143 -9.45 4.85 22.22
N GLN C 144 -10.69 5.29 22.34
CA GLN C 144 -11.04 6.44 23.16
C GLN C 144 -11.27 5.97 24.60
N ALA C 145 -10.34 6.29 25.49
CA ALA C 145 -10.48 5.95 26.90
C ALA C 145 -11.08 7.08 27.73
N GLY C 146 -11.15 8.30 27.20
CA GLY C 146 -11.64 9.41 27.99
C GLY C 146 -12.83 10.13 27.39
N SER C 147 -13.03 11.38 27.79
CA SER C 147 -14.17 12.13 27.31
C SER C 147 -13.97 12.63 25.89
N THR C 148 -12.78 13.13 25.58
CA THR C 148 -12.57 13.83 24.32
C THR C 148 -12.36 12.83 23.17
N PRO C 149 -12.94 13.09 22.00
CA PRO C 149 -12.71 12.20 20.86
C PRO C 149 -11.27 12.25 20.38
N CYS C 150 -10.86 11.17 19.72
CA CYS C 150 -9.47 10.99 19.30
C CYS C 150 -9.18 11.49 17.90
N ASN C 151 -10.16 11.43 17.00
CA ASN C 151 -9.96 11.76 15.60
C ASN C 151 -8.80 10.96 14.99
N GLY C 152 -8.60 9.74 15.46
CA GLY C 152 -7.64 8.85 14.86
C GLY C 152 -6.18 9.16 15.11
N VAL C 153 -5.87 9.90 16.18
CA VAL C 153 -4.49 10.20 16.53
C VAL C 153 -4.30 9.94 18.02
N GLU C 154 -3.16 9.36 18.39
CA GLU C 154 -2.89 8.98 19.76
C GLU C 154 -2.75 10.21 20.65
N GLY C 155 -3.35 10.17 21.83
CA GLY C 155 -3.19 11.21 22.84
C GLY C 155 -2.89 10.61 24.19
N PHE C 156 -3.17 11.37 25.27
CA PHE C 156 -2.94 10.82 26.61
C PHE C 156 -4.03 9.84 27.01
N ASN C 157 -5.28 10.09 26.60
CA ASN C 157 -6.38 9.17 26.83
C ASN C 157 -6.89 8.52 25.55
N CYS C 158 -6.05 8.51 24.51
CA CYS C 158 -6.36 7.89 23.23
C CYS C 158 -5.20 6.99 22.84
N TYR C 159 -5.42 5.68 22.87
CA TYR C 159 -4.32 4.73 22.73
C TYR C 159 -4.38 3.98 21.40
N PHE C 160 -3.22 3.72 20.83
CA PHE C 160 -3.10 2.64 19.86
C PHE C 160 -3.44 1.34 20.59
N PRO C 161 -4.41 0.56 20.10
CA PRO C 161 -5.02 -0.47 20.97
C PRO C 161 -4.13 -1.67 21.26
N LEU C 162 -3.07 -1.90 20.49
CA LEU C 162 -2.21 -3.05 20.68
C LEU C 162 -0.99 -2.69 21.52
N GLN C 163 -0.48 -3.66 22.26
CA GLN C 163 0.66 -3.47 23.13
C GLN C 163 1.71 -4.53 22.85
N SER C 164 2.94 -4.11 22.59
CA SER C 164 4.05 -5.05 22.41
C SER C 164 4.47 -5.64 23.74
N TYR C 165 4.77 -6.94 23.74
CA TYR C 165 5.20 -7.59 24.97
C TYR C 165 6.61 -7.15 25.36
N GLY C 166 7.51 -7.05 24.39
CA GLY C 166 8.90 -6.74 24.68
C GLY C 166 9.64 -7.89 25.32
N PHE C 167 9.52 -9.08 24.72
CA PHE C 167 10.09 -10.28 25.31
C PHE C 167 11.61 -10.21 25.32
N GLN C 168 12.20 -10.34 26.50
CA GLN C 168 13.64 -10.43 26.68
C GLN C 168 14.01 -11.72 27.40
N PRO C 169 15.12 -12.36 27.04
CA PRO C 169 15.47 -13.64 27.68
C PRO C 169 15.83 -13.51 29.15
N THR C 170 16.04 -12.30 29.65
CA THR C 170 16.35 -12.07 31.06
C THR C 170 15.10 -11.89 31.91
N ASN C 171 13.92 -11.78 31.30
CA ASN C 171 12.69 -11.57 32.05
C ASN C 171 12.42 -12.74 32.99
N GLY C 172 11.67 -12.46 34.06
CA GLY C 172 11.16 -13.54 34.88
C GLY C 172 10.29 -14.47 34.08
N VAL C 173 10.21 -15.73 34.55
CA VAL C 173 9.51 -16.76 33.78
C VAL C 173 8.05 -16.38 33.56
N GLY C 174 7.45 -15.64 34.51
CA GLY C 174 6.08 -15.19 34.31
C GLY C 174 5.95 -14.15 33.20
N TYR C 175 7.02 -13.42 32.92
CA TYR C 175 7.03 -12.46 31.82
C TYR C 175 7.60 -13.05 30.53
N GLN C 176 7.95 -14.33 30.53
CA GLN C 176 8.56 -14.93 29.37
C GLN C 176 7.51 -15.39 28.36
N PRO C 177 7.85 -15.44 27.08
CA PRO C 177 6.87 -15.86 26.07
C PRO C 177 6.58 -17.36 26.15
N TYR C 178 5.31 -17.70 26.00
CA TYR C 178 4.87 -19.09 25.94
C TYR C 178 4.06 -19.30 24.67
N ARG C 179 4.37 -20.35 23.92
CA ARG C 179 3.57 -20.74 22.77
C ARG C 179 2.42 -21.62 23.25
N VAL C 180 1.22 -21.35 22.77
CA VAL C 180 0.02 -22.02 23.23
C VAL C 180 -0.70 -22.60 22.02
N VAL C 181 -1.19 -23.83 22.17
CA VAL C 181 -2.05 -24.47 21.19
C VAL C 181 -3.34 -24.83 21.90
N VAL C 182 -4.46 -24.51 21.28
CA VAL C 182 -5.78 -24.81 21.83
C VAL C 182 -6.48 -25.72 20.85
N LEU C 183 -6.75 -26.95 21.27
CA LEU C 183 -7.54 -27.90 20.49
C LEU C 183 -8.97 -27.83 20.98
N SER C 184 -9.92 -27.59 20.07
CA SER C 184 -11.32 -27.51 20.42
C SER C 184 -12.10 -28.54 19.60
N PHE C 185 -12.89 -29.36 20.28
CA PHE C 185 -13.68 -30.40 19.66
C PHE C 185 -15.16 -30.04 19.70
N GLU C 186 -15.89 -30.54 18.71
CA GLU C 186 -17.35 -30.43 18.66
C GLU C 186 -17.87 -31.84 18.37
N LEU C 187 -17.99 -32.63 19.44
CA LEU C 187 -18.34 -34.05 19.32
C LEU C 187 -19.71 -34.27 18.68
N GLY C 196 -9.75 -40.62 17.17
CA GLY C 196 -9.23 -41.49 18.22
C GLY C 196 -8.81 -42.87 17.73
N PRO C 197 -7.53 -43.21 17.94
CA PRO C 197 -7.03 -44.52 17.49
C PRO C 197 -7.78 -45.70 18.10
N GLY C 198 -8.35 -45.54 19.30
CA GLY C 198 -9.10 -46.62 19.92
C GLY C 198 -10.58 -46.57 19.63
N SER C 199 -10.99 -47.11 18.47
CA SER C 199 -12.39 -47.10 18.08
C SER C 199 -12.73 -48.36 17.28
N ASN D 4 12.54 69.42 -22.93
CA ASN D 4 12.40 68.31 -21.99
C ASN D 4 11.86 67.07 -22.68
N LEU D 5 12.77 66.19 -23.09
CA LEU D 5 12.40 64.96 -23.79
C LEU D 5 12.27 63.80 -22.82
N CYS D 6 11.11 63.14 -22.84
CA CYS D 6 10.87 62.00 -21.98
C CYS D 6 12.04 61.05 -22.07
N PRO D 7 12.53 60.55 -20.87
CA PRO D 7 13.66 59.62 -21.04
C PRO D 7 13.13 58.25 -21.40
N PHE D 8 12.65 58.11 -22.63
CA PHE D 8 12.09 56.82 -23.06
C PHE D 8 13.19 55.81 -23.36
N GLY D 9 14.25 56.24 -24.04
CA GLY D 9 15.36 55.34 -24.29
C GLY D 9 15.94 54.76 -23.01
N GLU D 10 16.05 55.60 -21.97
CA GLU D 10 16.55 55.12 -20.68
C GLU D 10 15.69 53.98 -20.14
N VAL D 11 14.41 53.96 -20.48
CA VAL D 11 13.55 52.82 -20.14
C VAL D 11 13.69 51.69 -21.16
N PHE D 12 13.78 52.04 -22.45
CA PHE D 12 13.77 51.01 -23.48
C PHE D 12 15.15 50.42 -23.72
N ASN D 13 16.21 51.21 -23.55
CA ASN D 13 17.57 50.76 -23.77
C ASN D 13 18.30 50.50 -22.45
N ALA D 14 17.56 50.22 -21.38
CA ALA D 14 18.19 49.87 -20.11
C ALA D 14 19.05 48.62 -20.28
N THR D 15 20.16 48.57 -19.53
CA THR D 15 21.14 47.51 -19.74
C THR D 15 20.55 46.14 -19.43
N ARG D 16 19.85 45.99 -18.32
CA ARG D 16 19.17 44.75 -17.97
C ARG D 16 17.77 45.06 -17.47
N PHE D 17 16.84 44.14 -17.75
CA PHE D 17 15.45 44.27 -17.36
C PHE D 17 15.16 43.39 -16.15
N ALA D 18 14.05 43.69 -15.46
CA ALA D 18 13.67 42.95 -14.27
C ALA D 18 12.88 41.69 -14.62
N SER D 19 12.81 40.78 -13.67
CA SER D 19 11.94 39.62 -13.79
C SER D 19 10.49 40.05 -13.73
N VAL D 20 9.63 39.33 -14.46
CA VAL D 20 8.24 39.74 -14.53
C VAL D 20 7.57 39.67 -13.15
N TYR D 21 7.97 38.71 -12.32
CA TYR D 21 7.40 38.64 -10.97
C TYR D 21 7.84 39.81 -10.10
N ALA D 22 8.99 40.41 -10.42
CA ALA D 22 9.45 41.61 -9.73
C ALA D 22 9.56 42.77 -10.71
N TRP D 23 8.46 43.05 -11.42
CA TRP D 23 8.48 44.03 -12.48
C TRP D 23 8.75 45.43 -11.93
N ASN D 24 9.60 46.18 -12.64
CA ASN D 24 9.98 47.51 -12.21
C ASN D 24 9.03 48.54 -12.81
N ARG D 25 8.76 49.59 -12.04
CA ARG D 25 7.86 50.67 -12.46
C ARG D 25 8.65 51.98 -12.51
N LYS D 26 8.56 52.67 -13.65
CA LYS D 26 9.18 53.97 -13.83
C LYS D 26 8.10 55.01 -14.10
N ARG D 27 8.09 56.07 -13.29
CA ARG D 27 7.12 57.15 -13.46
C ARG D 27 7.67 58.19 -14.43
N ILE D 28 6.81 58.63 -15.35
CA ILE D 28 7.16 59.61 -16.35
C ILE D 28 6.21 60.79 -16.26
N SER D 29 6.76 62.00 -16.22
CA SER D 29 5.93 63.19 -16.10
C SER D 29 6.62 64.44 -16.62
N ASN D 30 5.81 65.44 -16.93
CA ASN D 30 6.30 66.71 -17.44
C ASN D 30 7.40 66.57 -18.48
N CYS D 31 7.01 66.28 -19.72
CA CYS D 31 8.00 66.12 -20.76
C CYS D 31 7.36 65.93 -22.13
N VAL D 32 8.10 66.28 -23.17
CA VAL D 32 7.62 66.12 -24.53
C VAL D 32 7.78 64.65 -24.85
N ALA D 33 6.72 64.02 -25.34
CA ALA D 33 6.79 62.62 -25.66
C ALA D 33 6.18 62.27 -27.01
N ASP D 34 6.99 62.33 -28.06
CA ASP D 34 6.52 61.97 -29.39
C ASP D 34 6.37 60.45 -29.41
N TYR D 35 5.13 59.97 -29.43
CA TYR D 35 4.86 58.55 -29.35
C TYR D 35 4.89 57.86 -30.72
N SER D 36 5.32 58.58 -31.76
CA SER D 36 5.48 57.97 -33.07
C SER D 36 6.94 57.66 -33.41
N VAL D 37 7.90 58.28 -32.73
CA VAL D 37 9.27 57.80 -32.80
C VAL D 37 9.33 56.34 -32.33
N LEU D 38 8.36 55.94 -31.50
CA LEU D 38 8.29 54.59 -30.97
C LEU D 38 7.25 53.72 -31.66
N TYR D 39 6.12 54.30 -32.07
CA TYR D 39 5.11 53.51 -32.78
C TYR D 39 5.55 53.21 -34.21
N ASN D 40 6.04 54.23 -34.91
CA ASN D 40 6.56 54.04 -36.26
C ASN D 40 7.97 53.48 -36.19
N SER D 41 8.22 52.64 -35.19
CA SER D 41 9.47 51.91 -35.09
C SER D 41 9.33 50.54 -35.71
N ALA D 42 10.36 50.13 -36.45
CA ALA D 42 10.46 48.75 -36.91
C ALA D 42 11.06 47.84 -35.86
N SER D 43 11.41 48.38 -34.70
CA SER D 43 12.08 47.60 -33.67
C SER D 43 11.14 46.58 -33.04
N PHE D 44 9.89 46.96 -32.79
CA PHE D 44 9.05 46.25 -31.85
C PHE D 44 8.22 45.16 -32.52
N SER D 45 8.21 43.99 -31.88
CA SER D 45 7.36 42.90 -32.32
C SER D 45 5.89 43.19 -32.03
N THR D 46 5.61 43.94 -30.96
CA THR D 46 4.25 44.18 -30.50
C THR D 46 4.12 45.64 -30.11
N PHE D 47 3.09 46.31 -30.63
CA PHE D 47 2.73 47.66 -30.23
C PHE D 47 1.20 47.75 -30.26
N LYS D 48 0.58 47.34 -29.17
CA LYS D 48 -0.87 47.34 -29.02
C LYS D 48 -1.26 48.28 -27.88
N CYS D 49 -2.48 48.84 -28.00
CA CYS D 49 -2.99 49.81 -27.02
C CYS D 49 -4.43 49.47 -26.64
N TYR D 50 -4.84 49.92 -25.46
CA TYR D 50 -6.21 49.71 -24.96
C TYR D 50 -6.73 51.05 -24.46
N GLY D 51 -7.96 51.38 -24.85
CA GLY D 51 -8.59 52.62 -24.49
C GLY D 51 -8.24 53.79 -25.37
N VAL D 52 -7.07 53.76 -26.02
CA VAL D 52 -6.64 54.79 -26.95
C VAL D 52 -6.10 54.10 -28.20
N SER D 53 -5.92 54.89 -29.25
CA SER D 53 -5.39 54.33 -30.48
C SER D 53 -3.93 54.69 -30.65
N PRO D 54 -3.11 53.75 -31.17
CA PRO D 54 -1.69 54.04 -31.32
C PRO D 54 -1.38 55.19 -32.25
N THR D 55 -2.11 55.32 -33.37
CA THR D 55 -1.79 56.34 -34.36
C THR D 55 -2.00 57.75 -33.83
N LYS D 56 -2.99 57.94 -32.95
CA LYS D 56 -3.34 59.28 -32.46
C LYS D 56 -2.70 59.58 -31.12
N LEU D 57 -1.62 58.87 -30.75
CA LEU D 57 -1.05 59.03 -29.43
C LEU D 57 -0.44 60.42 -29.23
N ASN D 58 0.02 61.07 -30.30
CA ASN D 58 0.70 62.35 -30.17
C ASN D 58 -0.25 63.53 -30.02
N ASP D 59 -1.56 63.29 -29.97
CA ASP D 59 -2.53 64.37 -29.85
C ASP D 59 -3.25 64.39 -28.52
N LEU D 60 -3.14 63.34 -27.71
CA LEU D 60 -3.66 63.40 -26.36
C LEU D 60 -2.59 63.87 -25.38
N CYS D 61 -3.05 64.36 -24.24
CA CYS D 61 -2.21 64.68 -23.10
C CYS D 61 -2.63 63.79 -21.93
N PHE D 62 -1.67 63.53 -21.04
CA PHE D 62 -1.87 62.54 -19.99
C PHE D 62 -1.59 63.13 -18.62
N THR D 63 -2.43 62.76 -17.65
CA THR D 63 -2.18 63.15 -16.27
C THR D 63 -0.98 62.39 -15.71
N ASN D 64 -0.99 61.06 -15.83
CA ASN D 64 0.10 60.23 -15.34
C ASN D 64 0.51 59.24 -16.44
N VAL D 65 1.80 58.98 -16.50
CA VAL D 65 2.38 57.96 -17.38
C VAL D 65 3.26 57.06 -16.53
N TYR D 66 2.97 55.77 -16.53
CA TYR D 66 3.77 54.78 -15.83
C TYR D 66 4.34 53.79 -16.83
N ALA D 67 5.60 53.42 -16.66
CA ALA D 67 6.30 52.52 -17.57
C ALA D 67 6.78 51.29 -16.79
N ASP D 68 6.05 50.19 -16.93
CA ASP D 68 6.43 48.93 -16.31
C ASP D 68 7.23 48.10 -17.31
N SER D 69 8.41 47.64 -16.88
CA SER D 69 9.30 46.88 -17.75
C SER D 69 9.64 45.54 -17.12
N PHE D 70 9.79 44.53 -17.95
CA PHE D 70 10.13 43.17 -17.53
C PHE D 70 10.43 42.36 -18.78
N VAL D 71 10.81 41.11 -18.57
CA VAL D 71 11.11 40.18 -19.65
C VAL D 71 10.23 38.94 -19.48
N ILE D 72 9.65 38.47 -20.58
CA ILE D 72 8.90 37.22 -20.62
C ILE D 72 9.20 36.52 -21.94
N ARG D 73 8.61 35.35 -22.14
CA ARG D 73 8.73 34.65 -23.41
C ARG D 73 7.87 35.33 -24.48
N GLY D 74 8.16 35.01 -25.73
CA GLY D 74 7.36 35.55 -26.83
C GLY D 74 5.91 35.14 -26.73
N ASP D 75 5.65 33.84 -26.64
CA ASP D 75 4.30 33.32 -26.57
C ASP D 75 3.57 33.73 -25.30
N GLU D 76 4.18 34.54 -24.44
CA GLU D 76 3.52 35.06 -23.25
C GLU D 76 3.13 36.52 -23.38
N VAL D 77 3.59 37.24 -24.41
CA VAL D 77 3.24 38.65 -24.55
C VAL D 77 1.73 38.79 -24.74
N ARG D 78 1.08 37.77 -25.29
CA ARG D 78 -0.37 37.80 -25.44
C ARG D 78 -1.09 37.94 -24.09
N GLN D 79 -0.44 37.51 -23.00
CA GLN D 79 -1.06 37.59 -21.68
C GLN D 79 -0.99 38.99 -21.07
N ILE D 80 -0.20 39.89 -21.64
CA ILE D 80 -0.11 41.25 -21.12
C ILE D 80 -1.26 42.06 -21.67
N ALA D 81 -2.42 41.96 -21.03
CA ALA D 81 -3.65 42.60 -21.48
C ALA D 81 -4.67 42.53 -20.35
N PRO D 82 -5.67 43.41 -20.35
CA PRO D 82 -6.59 43.48 -19.19
C PRO D 82 -7.35 42.20 -18.87
N GLY D 83 -7.89 41.50 -19.87
CA GLY D 83 -8.73 40.37 -19.54
C GLY D 83 -8.13 39.00 -19.82
N GLN D 84 -6.82 38.85 -19.62
CA GLN D 84 -6.13 37.63 -20.00
C GLN D 84 -6.00 36.67 -18.83
N THR D 85 -5.95 35.38 -19.16
CA THR D 85 -5.64 34.34 -18.19
C THR D 85 -4.29 33.74 -18.55
N GLY D 86 -3.78 32.92 -17.62
CA GLY D 86 -2.49 32.30 -17.79
C GLY D 86 -1.56 32.62 -16.62
N LYS D 87 -0.39 32.00 -16.67
CA LYS D 87 0.55 32.10 -15.56
C LYS D 87 1.03 33.54 -15.38
N ILE D 88 1.39 34.20 -16.48
CA ILE D 88 1.90 35.56 -16.41
C ILE D 88 0.82 36.51 -15.93
N ALA D 89 -0.34 36.48 -16.58
CA ALA D 89 -1.42 37.42 -16.25
C ALA D 89 -1.99 37.18 -14.87
N ASP D 90 -1.97 35.93 -14.39
CA ASP D 90 -2.63 35.63 -13.13
C ASP D 90 -1.69 35.66 -11.93
N TYR D 91 -0.41 35.30 -12.10
CA TYR D 91 0.48 35.16 -10.97
C TYR D 91 1.63 36.16 -10.95
N ASN D 92 1.83 36.91 -12.03
CA ASN D 92 3.00 37.78 -12.15
C ASN D 92 2.62 39.23 -12.38
N TYR D 93 1.93 39.54 -13.48
CA TYR D 93 1.61 40.91 -13.86
C TYR D 93 0.19 40.95 -14.40
N LYS D 94 -0.73 41.51 -13.63
CA LYS D 94 -2.12 41.65 -14.03
C LYS D 94 -2.46 43.11 -14.27
N LEU D 95 -3.11 43.40 -15.42
CA LEU D 95 -3.63 44.72 -15.76
C LEU D 95 -5.11 44.81 -15.42
N PRO D 96 -5.58 45.99 -15.01
CA PRO D 96 -7.01 46.15 -14.69
C PRO D 96 -7.86 46.12 -15.94
N ASP D 97 -9.15 45.83 -15.74
CA ASP D 97 -10.06 45.70 -16.88
C ASP D 97 -10.31 47.04 -17.55
N ASP D 98 -10.27 48.13 -16.80
CA ASP D 98 -10.36 49.47 -17.37
C ASP D 98 -9.00 50.05 -17.72
N PHE D 99 -8.12 49.22 -18.28
CA PHE D 99 -6.76 49.65 -18.54
C PHE D 99 -6.72 50.64 -19.70
N THR D 100 -6.10 51.78 -19.47
CA THR D 100 -5.83 52.77 -20.51
C THR D 100 -4.32 52.84 -20.70
N GLY D 101 -3.83 52.34 -21.83
CA GLY D 101 -2.40 52.35 -22.07
C GLY D 101 -1.98 51.43 -23.21
N CYS D 102 -0.68 51.15 -23.26
CA CYS D 102 -0.08 50.45 -24.38
C CYS D 102 0.93 49.41 -23.90
N VAL D 103 1.02 48.30 -24.64
CA VAL D 103 1.98 47.23 -24.40
C VAL D 103 2.93 47.19 -25.59
N ILE D 104 4.22 47.36 -25.32
CA ILE D 104 5.26 47.34 -26.34
C ILE D 104 6.26 46.23 -25.98
N ALA D 105 6.67 45.47 -26.99
CA ALA D 105 7.59 44.36 -26.78
C ALA D 105 8.47 44.18 -28.00
N TRP D 106 9.61 43.52 -27.79
CA TRP D 106 10.54 43.21 -28.88
C TRP D 106 11.42 42.03 -28.47
N ASN D 107 11.90 41.32 -29.48
CA ASN D 107 12.77 40.17 -29.24
C ASN D 107 14.12 40.64 -28.73
N SER D 108 14.58 40.05 -27.63
CA SER D 108 15.84 40.42 -26.99
C SER D 108 16.76 39.22 -26.84
N ASN D 109 16.68 38.27 -27.77
CA ASN D 109 17.53 37.09 -27.73
C ASN D 109 19.01 37.46 -27.77
N ASN D 110 19.36 38.56 -28.44
CA ASN D 110 20.76 38.97 -28.54
C ASN D 110 21.30 39.54 -27.24
N LEU D 111 20.43 39.94 -26.32
CA LEU D 111 20.85 40.56 -25.07
C LEU D 111 20.60 39.71 -23.84
N ASP D 112 19.52 38.93 -23.80
CA ASP D 112 19.06 38.27 -22.59
C ASP D 112 19.26 36.76 -22.62
N SER D 113 19.95 36.24 -23.63
CA SER D 113 20.21 34.82 -23.73
C SER D 113 21.68 34.53 -23.53
N LYS D 114 21.98 33.29 -23.14
CA LYS D 114 23.34 32.82 -22.92
C LYS D 114 23.44 31.37 -23.35
N VAL D 115 24.62 30.99 -23.87
CA VAL D 115 24.82 29.67 -24.43
C VAL D 115 24.60 28.60 -23.36
N GLY D 116 24.99 28.88 -22.12
CA GLY D 116 24.73 27.94 -21.05
C GLY D 116 23.35 28.04 -20.43
N GLY D 117 22.64 29.13 -20.70
CA GLY D 117 21.33 29.36 -20.14
C GLY D 117 21.31 30.51 -19.17
N ASN D 118 20.42 31.49 -19.38
CA ASN D 118 20.29 32.64 -18.51
C ASN D 118 19.18 32.36 -17.50
N TYR D 119 19.55 32.15 -16.24
CA TYR D 119 18.62 31.83 -15.18
C TYR D 119 18.16 33.04 -14.38
N ASN D 120 18.57 34.25 -14.79
CA ASN D 120 18.24 35.45 -14.04
C ASN D 120 16.82 35.95 -14.26
N TYR D 121 16.12 35.45 -15.28
CA TYR D 121 14.75 35.86 -15.55
C TYR D 121 13.81 34.78 -15.06
N LEU D 122 12.97 35.13 -14.09
CA LEU D 122 12.09 34.18 -13.42
C LEU D 122 10.64 34.64 -13.54
N TYR D 123 9.73 33.68 -13.37
CA TYR D 123 8.31 34.00 -13.33
C TYR D 123 7.65 33.13 -12.28
N ARG D 124 6.63 33.68 -11.64
CA ARG D 124 5.89 32.89 -10.65
C ARG D 124 5.03 31.87 -11.36
N LEU D 125 5.24 30.60 -11.03
CA LEU D 125 4.54 29.50 -11.67
C LEU D 125 3.35 29.02 -10.87
N PHE D 126 3.35 29.26 -9.56
CA PHE D 126 2.30 28.76 -8.68
C PHE D 126 1.87 29.87 -7.74
N ARG D 127 0.58 29.84 -7.39
CA ARG D 127 0.01 30.75 -6.41
C ARG D 127 -1.39 30.24 -6.08
N LYS D 128 -1.77 30.34 -4.81
CA LYS D 128 -3.08 29.84 -4.41
C LYS D 128 -4.21 30.76 -4.84
N SER D 129 -3.91 31.96 -5.32
CA SER D 129 -4.94 32.88 -5.78
C SER D 129 -4.34 33.81 -6.83
N ASN D 130 -5.23 34.36 -7.66
CA ASN D 130 -4.80 35.30 -8.68
C ASN D 130 -4.40 36.64 -8.04
N LEU D 131 -3.42 37.29 -8.67
CA LEU D 131 -3.06 38.63 -8.28
C LEU D 131 -4.20 39.61 -8.56
N LYS D 132 -4.18 40.71 -7.85
CA LYS D 132 -5.02 41.85 -8.19
C LYS D 132 -4.29 42.74 -9.17
N PRO D 133 -5.00 43.63 -9.87
CA PRO D 133 -4.31 44.54 -10.80
C PRO D 133 -3.15 45.27 -10.14
N PHE D 134 -1.98 45.16 -10.77
CA PHE D 134 -0.74 45.82 -10.35
C PHE D 134 -0.22 45.31 -9.00
N GLU D 135 -0.73 44.19 -8.51
CA GLU D 135 -0.23 43.61 -7.27
C GLU D 135 1.09 42.90 -7.50
N ARG D 136 1.98 43.00 -6.52
N ARG D 136 1.98 42.99 -6.51
CA ARG D 136 3.28 42.37 -6.54
CA ARG D 136 3.30 42.37 -6.58
C ARG D 136 3.29 41.16 -5.61
C ARG D 136 3.39 41.22 -5.57
N ASP D 137 4.11 40.16 -5.96
CA ASP D 137 4.30 38.99 -5.10
C ASP D 137 5.73 38.51 -5.31
N ILE D 138 6.59 38.81 -4.33
CA ILE D 138 7.98 38.37 -4.38
C ILE D 138 8.27 37.35 -3.28
N SER D 139 7.22 36.77 -2.69
CA SER D 139 7.39 35.74 -1.69
C SER D 139 7.92 34.46 -2.32
N THR D 140 8.50 33.61 -1.48
CA THR D 140 9.11 32.37 -1.94
C THR D 140 8.69 31.17 -1.08
N GLU D 141 7.47 31.20 -0.55
CA GLU D 141 6.99 30.09 0.26
C GLU D 141 6.75 28.86 -0.61
N ILE D 142 7.07 27.68 -0.06
CA ILE D 142 6.86 26.45 -0.79
C ILE D 142 5.38 26.27 -1.07
N TYR D 143 5.06 25.96 -2.32
CA TYR D 143 3.67 25.87 -2.75
C TYR D 143 3.25 24.41 -2.82
N GLN D 144 2.14 24.09 -2.19
CA GLN D 144 1.57 22.74 -2.24
C GLN D 144 0.67 22.65 -3.47
N ALA D 145 1.13 21.94 -4.49
CA ALA D 145 0.38 21.80 -5.73
C ALA D 145 -0.49 20.56 -5.75
N GLY D 146 -0.23 19.59 -4.87
CA GLY D 146 -1.01 18.37 -4.79
C GLY D 146 -1.86 18.32 -3.55
N SER D 147 -2.53 17.17 -3.39
CA SER D 147 -3.38 16.94 -2.23
C SER D 147 -2.54 16.79 -0.96
N THR D 148 -1.38 16.15 -1.09
CA THR D 148 -0.53 15.89 0.07
C THR D 148 -0.03 17.21 0.66
N PRO D 149 -0.22 17.45 1.95
CA PRO D 149 0.41 18.63 2.56
C PRO D 149 1.91 18.44 2.64
N CYS D 150 2.64 19.54 2.47
CA CYS D 150 4.10 19.51 2.55
C CYS D 150 4.61 20.76 3.21
N ASN D 151 4.09 21.05 4.41
CA ASN D 151 4.75 22.00 5.28
C ASN D 151 6.18 21.52 5.49
N GLY D 152 7.06 21.86 4.56
CA GLY D 152 8.43 21.36 4.54
C GLY D 152 9.23 21.98 3.42
N VAL D 153 9.77 21.15 2.53
CA VAL D 153 10.57 21.65 1.40
C VAL D 153 10.01 21.13 0.08
N GLU D 154 10.85 21.15 -0.95
CA GLU D 154 10.44 20.67 -2.26
C GLU D 154 10.23 19.15 -2.21
N GLY D 155 9.02 18.71 -2.54
CA GLY D 155 8.72 17.32 -2.69
C GLY D 155 8.34 17.06 -4.13
N PHE D 156 7.63 15.95 -4.39
CA PHE D 156 7.26 15.68 -5.77
C PHE D 156 6.12 16.57 -6.25
N ASN D 157 5.20 16.93 -5.36
CA ASN D 157 4.10 17.82 -5.69
C ASN D 157 4.20 19.14 -4.95
N CYS D 158 5.42 19.57 -4.64
CA CYS D 158 5.64 20.74 -3.80
C CYS D 158 6.84 21.50 -4.34
N TYR D 159 6.61 22.74 -4.74
CA TYR D 159 7.56 23.45 -5.57
C TYR D 159 8.00 24.75 -4.91
N PHE D 160 9.25 25.10 -5.16
CA PHE D 160 9.63 26.50 -5.13
C PHE D 160 8.73 27.24 -6.11
N PRO D 161 8.08 28.34 -5.71
CA PRO D 161 7.03 28.92 -6.55
C PRO D 161 7.55 29.67 -7.77
N LEU D 162 8.83 30.04 -7.81
CA LEU D 162 9.41 30.74 -8.95
C LEU D 162 10.08 29.74 -9.89
N GLN D 163 10.11 30.09 -11.18
CA GLN D 163 10.65 29.22 -12.21
C GLN D 163 11.57 30.03 -13.12
N SER D 164 12.79 29.54 -13.31
CA SER D 164 13.71 30.19 -14.23
C SER D 164 13.34 29.86 -15.67
N TYR D 165 13.45 30.86 -16.53
CA TYR D 165 13.13 30.67 -17.94
C TYR D 165 14.16 29.78 -18.63
N GLY D 166 15.45 30.04 -18.39
CA GLY D 166 16.50 29.31 -19.08
C GLY D 166 16.68 29.76 -20.52
N PHE D 167 16.81 31.07 -20.72
CA PHE D 167 16.88 31.62 -22.07
C PHE D 167 18.21 31.27 -22.74
N GLN D 168 18.14 30.61 -23.89
CA GLN D 168 19.29 30.29 -24.72
C GLN D 168 19.12 30.91 -26.10
N PRO D 169 20.20 31.43 -26.70
CA PRO D 169 20.06 32.10 -28.01
C PRO D 169 19.68 31.14 -29.13
N THR D 170 19.78 29.83 -28.89
CA THR D 170 19.40 28.82 -29.86
C THR D 170 17.93 28.42 -29.79
N ASN D 171 17.20 28.90 -28.79
CA ASN D 171 15.80 28.53 -28.61
C ASN D 171 14.96 28.94 -29.82
N GLY D 172 13.80 28.31 -29.93
CA GLY D 172 12.79 28.80 -30.86
C GLY D 172 12.31 30.19 -30.49
N VAL D 173 11.81 30.91 -31.48
CA VAL D 173 11.42 32.31 -31.28
C VAL D 173 10.33 32.42 -30.21
N GLY D 174 9.44 31.43 -30.12
CA GLY D 174 8.40 31.46 -29.12
C GLY D 174 8.92 31.34 -27.70
N TYR D 175 10.00 30.57 -27.50
CA TYR D 175 10.61 30.43 -26.19
C TYR D 175 11.75 31.40 -25.95
N GLN D 176 12.00 32.32 -26.87
CA GLN D 176 13.06 33.32 -26.72
C GLN D 176 12.58 34.45 -25.83
N PRO D 177 13.52 35.19 -25.22
CA PRO D 177 13.11 36.30 -24.34
C PRO D 177 12.68 37.52 -25.13
N TYR D 178 11.63 38.18 -24.64
CA TYR D 178 11.14 39.44 -25.17
C TYR D 178 11.09 40.45 -24.05
N ARG D 179 11.60 41.65 -24.31
CA ARG D 179 11.52 42.75 -23.36
C ARG D 179 10.20 43.49 -23.60
N VAL D 180 9.47 43.74 -22.51
CA VAL D 180 8.16 44.37 -22.57
C VAL D 180 8.18 45.66 -21.75
N VAL D 181 7.56 46.70 -22.30
CA VAL D 181 7.33 47.96 -21.60
C VAL D 181 5.85 48.29 -21.71
N VAL D 182 5.20 48.52 -20.59
CA VAL D 182 3.76 48.76 -20.52
C VAL D 182 3.55 50.19 -20.05
N LEU D 183 3.05 51.05 -20.94
CA LEU D 183 2.75 52.42 -20.59
C LEU D 183 1.29 52.54 -20.17
N SER D 184 1.06 53.12 -19.00
CA SER D 184 -0.28 53.36 -18.50
C SER D 184 -0.58 54.85 -18.51
N PHE D 185 -1.72 55.24 -19.10
CA PHE D 185 -2.11 56.63 -19.17
C PHE D 185 -3.33 56.91 -18.33
N GLU D 186 -3.73 58.18 -18.31
CA GLU D 186 -4.90 58.62 -17.56
C GLU D 186 -5.36 59.95 -18.13
N LEU D 187 -6.67 60.13 -18.22
CA LEU D 187 -7.25 61.36 -18.76
C LEU D 187 -8.77 61.34 -18.68
N GLN E 1 -30.33 14.74 6.40
CA GLN E 1 -31.30 15.46 5.59
C GLN E 1 -31.31 16.96 5.92
N VAL E 2 -31.25 17.78 4.87
CA VAL E 2 -31.50 19.22 4.98
C VAL E 2 -32.49 19.61 3.89
N GLN E 3 -33.23 20.68 4.14
CA GLN E 3 -34.16 21.22 3.16
C GLN E 3 -33.77 22.66 2.81
N LEU E 4 -34.04 23.02 1.56
CA LEU E 4 -33.67 24.33 1.03
C LEU E 4 -34.91 25.06 0.52
N GLN E 5 -35.16 26.24 1.07
CA GLN E 5 -36.31 27.05 0.70
C GLN E 5 -35.81 28.30 -0.02
N GLU E 6 -36.05 28.38 -1.32
CA GLU E 6 -35.71 29.57 -2.08
C GLU E 6 -36.76 30.65 -1.88
N SER E 7 -36.30 31.90 -1.94
CA SER E 7 -37.18 33.06 -1.93
C SER E 7 -36.51 34.16 -2.73
N GLY E 8 -37.30 35.12 -3.19
CA GLY E 8 -36.83 36.17 -4.07
C GLY E 8 -37.14 35.87 -5.52
N GLY E 9 -36.66 36.76 -6.38
CA GLY E 9 -36.86 36.59 -7.81
C GLY E 9 -38.10 37.31 -8.32
N GLY E 10 -38.45 36.98 -9.55
CA GLY E 10 -39.56 37.66 -10.22
C GLY E 10 -39.16 38.37 -11.50
N LEU E 11 -39.93 39.39 -11.88
CA LEU E 11 -39.78 40.05 -13.16
C LEU E 11 -39.03 41.37 -12.98
N VAL E 12 -38.10 41.65 -13.90
CA VAL E 12 -37.23 42.81 -13.81
C VAL E 12 -36.88 43.23 -15.24
N GLN E 13 -36.68 44.54 -15.44
CA GLN E 13 -36.24 45.09 -16.72
C GLN E 13 -34.74 44.96 -16.88
N PRO E 14 -34.24 44.92 -18.11
CA PRO E 14 -32.79 44.91 -18.32
C PRO E 14 -32.13 46.07 -17.59
N GLY E 15 -30.98 45.77 -16.96
CA GLY E 15 -30.31 46.72 -16.11
C GLY E 15 -30.70 46.67 -14.64
N GLY E 16 -31.81 46.00 -14.31
CA GLY E 16 -32.23 45.87 -12.94
C GLY E 16 -31.38 44.88 -12.16
N SER E 17 -31.81 44.64 -10.93
CA SER E 17 -31.09 43.78 -10.01
C SER E 17 -32.08 42.98 -9.17
N LEU E 18 -31.57 41.97 -8.49
CA LEU E 18 -32.38 41.07 -7.68
C LEU E 18 -31.52 40.47 -6.59
N ARG E 19 -32.17 39.90 -5.58
N ARG E 19 -32.17 39.91 -5.57
CA ARG E 19 -31.46 39.19 -4.51
CA ARG E 19 -31.49 39.19 -4.50
C ARG E 19 -32.22 37.92 -4.17
C ARG E 19 -32.25 37.91 -4.21
N LEU E 20 -31.59 36.78 -4.43
CA LEU E 20 -32.18 35.49 -4.09
C LEU E 20 -31.71 35.06 -2.71
N SER E 21 -32.64 34.50 -1.94
CA SER E 21 -32.33 33.93 -0.64
C SER E 21 -32.60 32.44 -0.68
N CYS E 22 -31.82 31.68 0.10
CA CYS E 22 -32.02 30.24 0.22
C CYS E 22 -31.82 29.89 1.69
N ALA E 23 -32.91 29.54 2.36
CA ALA E 23 -32.85 29.15 3.77
C ALA E 23 -32.56 27.66 3.87
N VAL E 24 -31.60 27.30 4.71
CA VAL E 24 -31.13 25.92 4.88
C VAL E 24 -31.58 25.43 6.25
N SER E 25 -32.51 24.47 6.27
CA SER E 25 -33.02 23.92 7.52
C SER E 25 -32.66 22.45 7.63
N GLY E 26 -32.69 21.95 8.86
CA GLY E 26 -32.44 20.55 9.11
C GLY E 26 -31.02 20.29 9.60
N PHE E 27 -30.71 18.99 9.70
CA PHE E 27 -29.42 18.55 10.25
C PHE E 27 -28.27 18.89 9.30
N THR E 28 -27.74 20.11 9.42
CA THR E 28 -26.64 20.52 8.55
C THR E 28 -25.35 19.83 8.97
N LEU E 29 -24.43 19.72 8.01
CA LEU E 29 -23.11 19.20 8.29
C LEU E 29 -22.21 20.29 8.86
N ASP E 30 -21.08 19.88 9.43
CA ASP E 30 -20.13 20.84 9.97
C ASP E 30 -19.50 21.67 8.85
N TYR E 31 -19.28 21.05 7.68
CA TYR E 31 -18.65 21.72 6.54
C TYR E 31 -19.38 21.29 5.28
N TYR E 32 -20.02 22.25 4.61
CA TYR E 32 -20.74 21.97 3.38
C TYR E 32 -20.61 23.17 2.45
N ALA E 33 -21.21 23.05 1.27
CA ALA E 33 -21.17 24.08 0.24
C ALA E 33 -22.56 24.28 -0.35
N ILE E 34 -22.89 25.55 -0.59
CA ILE E 34 -24.16 25.94 -1.19
C ILE E 34 -23.87 26.48 -2.58
N GLY E 35 -24.61 25.99 -3.55
CA GLY E 35 -24.45 26.40 -4.93
C GLY E 35 -25.74 26.96 -5.50
N TRP E 36 -25.61 27.96 -6.37
CA TRP E 36 -26.71 28.51 -7.13
C TRP E 36 -26.54 28.05 -8.57
N PHE E 37 -27.58 27.44 -9.12
CA PHE E 37 -27.65 26.97 -10.50
C PHE E 37 -28.83 27.65 -11.19
N ARG E 38 -28.86 27.56 -12.51
CA ARG E 38 -29.97 28.13 -13.25
C ARG E 38 -30.21 27.33 -14.51
N GLN E 39 -31.47 27.27 -14.92
CA GLN E 39 -31.88 26.58 -16.13
C GLN E 39 -32.71 27.52 -16.97
N ALA E 40 -32.18 27.88 -18.13
CA ALA E 40 -32.82 28.74 -19.12
C ALA E 40 -33.61 27.89 -20.10
N PRO E 41 -34.62 28.47 -20.75
CA PRO E 41 -35.38 27.70 -21.75
C PRO E 41 -34.49 27.22 -22.87
N GLY E 42 -34.64 25.94 -23.23
CA GLY E 42 -33.89 25.36 -24.32
C GLY E 42 -32.43 25.09 -24.05
N LYS E 43 -32.01 25.14 -22.78
CA LYS E 43 -30.63 24.85 -22.43
C LYS E 43 -30.59 23.98 -21.19
N GLU E 44 -29.44 23.35 -20.97
CA GLU E 44 -29.24 22.51 -19.80
C GLU E 44 -28.97 23.38 -18.57
N ARG E 45 -29.24 22.80 -17.40
CA ARG E 45 -28.97 23.52 -16.16
C ARG E 45 -27.48 23.79 -16.02
N GLU E 46 -27.15 25.00 -15.61
CA GLU E 46 -25.77 25.45 -15.50
C GLU E 46 -25.51 25.97 -14.09
N GLY E 47 -24.28 25.76 -13.62
CA GLY E 47 -23.88 26.35 -12.37
C GLY E 47 -23.68 27.84 -12.51
N VAL E 48 -23.99 28.58 -11.45
CA VAL E 48 -23.83 30.03 -11.41
C VAL E 48 -22.86 30.46 -10.32
N SER E 49 -23.02 29.90 -9.12
CA SER E 49 -22.18 30.33 -8.01
C SER E 49 -22.00 29.19 -7.01
N CYS E 50 -20.93 29.28 -6.24
CA CYS E 50 -20.66 28.31 -5.19
C CYS E 50 -20.00 29.02 -4.02
N ILE E 51 -20.40 28.64 -2.81
CA ILE E 51 -19.92 29.28 -1.60
C ILE E 51 -19.79 28.21 -0.50
N SER E 52 -18.82 28.41 0.39
CA SER E 52 -18.63 27.52 1.51
C SER E 52 -19.64 27.82 2.62
N SER E 53 -19.80 26.87 3.54
CA SER E 53 -20.58 27.13 4.75
C SER E 53 -19.91 28.17 5.64
N SER E 54 -18.62 28.45 5.42
CA SER E 54 -17.94 29.51 6.17
C SER E 54 -18.37 30.88 5.69
N GLY E 55 -18.69 30.99 4.40
CA GLY E 55 -18.90 32.27 3.75
C GLY E 55 -17.84 32.63 2.73
N GLY E 56 -16.83 31.78 2.55
CA GLY E 56 -15.77 32.08 1.61
C GLY E 56 -15.69 31.12 0.44
N ASN E 57 -14.53 31.06 -0.21
CA ASN E 57 -14.29 30.17 -1.34
C ASN E 57 -15.37 30.36 -2.40
N THR E 58 -15.71 31.61 -2.68
CA THR E 58 -16.72 31.92 -3.68
C THR E 58 -16.15 31.72 -5.08
N LYS E 59 -16.94 31.11 -5.94
CA LYS E 59 -16.59 30.93 -7.35
C LYS E 59 -17.84 31.19 -8.19
N TYR E 60 -17.61 31.67 -9.42
CA TYR E 60 -18.69 32.06 -10.31
C TYR E 60 -18.35 31.65 -11.73
N ALA E 61 -19.38 31.33 -12.50
CA ALA E 61 -19.19 31.15 -13.93
C ALA E 61 -18.77 32.48 -14.55
N ASP E 62 -17.92 32.40 -15.58
CA ASP E 62 -17.43 33.61 -16.22
C ASP E 62 -18.53 34.42 -16.89
N SER E 63 -19.76 33.90 -16.92
CA SER E 63 -20.88 34.58 -17.55
C SER E 63 -21.66 35.47 -16.59
N VAL E 64 -21.46 35.31 -15.28
CA VAL E 64 -22.04 36.21 -14.28
C VAL E 64 -20.98 36.87 -13.43
N LYS E 65 -19.72 36.59 -13.67
CA LYS E 65 -18.63 37.16 -12.87
C LYS E 65 -18.64 38.67 -12.96
N GLY E 66 -18.42 39.31 -11.81
CA GLY E 66 -18.49 40.75 -11.71
C GLY E 66 -19.87 41.30 -11.51
N ARG E 67 -20.91 40.55 -11.85
CA ARG E 67 -22.30 40.98 -11.70
C ARG E 67 -23.03 40.32 -10.54
N PHE E 68 -22.72 39.05 -10.26
CA PHE E 68 -23.37 38.30 -9.19
C PHE E 68 -22.40 38.18 -8.02
N THR E 69 -22.95 38.21 -6.81
CA THR E 69 -22.16 38.03 -5.60
C THR E 69 -22.93 37.10 -4.66
N ALA E 70 -22.30 35.99 -4.29
CA ALA E 70 -22.88 35.07 -3.33
C ALA E 70 -22.35 35.39 -1.94
N SER E 71 -23.21 35.23 -0.93
CA SER E 71 -22.83 35.55 0.44
C SER E 71 -23.68 34.74 1.40
N ARG E 72 -23.38 34.86 2.69
CA ARG E 72 -24.08 34.11 3.72
C ARG E 72 -24.42 35.02 4.89
N ASP E 73 -25.60 34.82 5.46
CA ASP E 73 -25.97 35.49 6.70
C ASP E 73 -25.08 35.01 7.85
N ASN E 74 -24.72 35.94 8.73
CA ASN E 74 -23.82 35.63 9.83
C ASN E 74 -24.57 35.26 11.11
N ALA E 75 -25.88 35.38 11.14
CA ALA E 75 -26.70 34.96 12.27
C ALA E 75 -27.77 33.96 11.86
N LYS E 76 -27.76 33.50 10.61
CA LYS E 76 -28.81 32.63 10.10
C LYS E 76 -28.22 31.69 9.06
N ASN E 77 -28.92 30.59 8.82
CA ASN E 77 -28.52 29.61 7.81
C ASN E 77 -29.17 29.90 6.47
N THR E 78 -28.98 31.13 6.01
CA THR E 78 -29.54 31.64 4.77
C THR E 78 -28.42 32.14 3.88
N PHE E 79 -28.48 31.78 2.61
CA PHE E 79 -27.45 32.13 1.64
C PHE E 79 -28.05 33.01 0.55
N TYR E 80 -27.38 34.10 0.23
CA TYR E 80 -27.89 35.10 -0.69
C TYR E 80 -27.09 35.10 -1.98
N LEU E 81 -27.77 35.49 -3.06
CA LEU E 81 -27.17 35.72 -4.36
C LEU E 81 -27.67 37.07 -4.86
N GLN E 82 -26.82 38.08 -4.80
CA GLN E 82 -27.11 39.40 -5.33
C GLN E 82 -26.78 39.42 -6.81
N MET E 83 -27.75 39.76 -7.64
CA MET E 83 -27.62 39.73 -9.10
C MET E 83 -27.79 41.14 -9.62
N ASN E 84 -26.70 41.72 -10.11
CA ASN E 84 -26.71 43.10 -10.61
C ASN E 84 -26.55 43.12 -12.12
N SER E 85 -27.00 44.22 -12.72
CA SER E 85 -26.84 44.47 -14.15
C SER E 85 -27.44 43.33 -14.96
N LEU E 86 -28.66 42.96 -14.62
CA LEU E 86 -29.32 41.82 -15.26
C LEU E 86 -29.59 42.10 -16.73
N LYS E 87 -29.41 41.08 -17.56
CA LYS E 87 -29.67 41.11 -18.99
C LYS E 87 -30.72 40.05 -19.32
N PRO E 88 -31.41 40.18 -20.45
CA PRO E 88 -32.44 39.19 -20.79
C PRO E 88 -31.95 37.76 -20.81
N GLU E 89 -30.66 37.52 -21.07
CA GLU E 89 -30.14 36.15 -21.11
C GLU E 89 -30.02 35.53 -19.72
N ASP E 90 -30.18 36.33 -18.66
CA ASP E 90 -30.20 35.84 -17.30
C ASP E 90 -31.54 35.24 -16.92
N THR E 91 -32.53 35.33 -17.80
CA THR E 91 -33.84 34.77 -17.53
C THR E 91 -33.75 33.26 -17.41
N ALA E 92 -34.16 32.72 -16.27
CA ALA E 92 -34.09 31.29 -16.02
C ALA E 92 -34.81 30.98 -14.72
N VAL E 93 -34.95 29.70 -14.44
CA VAL E 93 -35.30 29.26 -13.10
C VAL E 93 -34.02 29.05 -12.32
N TYR E 94 -33.94 29.64 -11.13
CA TYR E 94 -32.75 29.55 -10.30
C TYR E 94 -32.98 28.55 -9.18
N TYR E 95 -32.02 27.66 -8.98
CA TYR E 95 -32.11 26.62 -7.97
C TYR E 95 -30.98 26.78 -6.97
N CYS E 96 -31.30 26.57 -5.70
CA CYS E 96 -30.34 26.48 -4.62
C CYS E 96 -30.07 25.00 -4.31
N ALA E 97 -28.81 24.65 -4.06
CA ALA E 97 -28.47 23.26 -3.82
C ALA E 97 -27.39 23.16 -2.75
N ALA E 98 -27.44 22.08 -1.98
CA ALA E 98 -26.47 21.85 -0.92
C ALA E 98 -25.68 20.57 -1.18
N ILE E 99 -24.41 20.58 -0.82
CA ILE E 99 -23.56 19.40 -0.96
C ILE E 99 -22.56 19.40 0.18
N ALA E 100 -22.08 18.20 0.53
CA ALA E 100 -21.03 18.09 1.52
C ALA E 100 -19.71 18.60 0.94
N ALA E 101 -18.89 19.19 1.81
CA ALA E 101 -17.52 19.49 1.44
C ALA E 101 -16.71 18.21 1.40
N THR E 102 -15.58 18.26 0.70
CA THR E 102 -14.73 17.09 0.51
C THR E 102 -13.47 17.23 1.35
N TYR E 103 -13.24 16.27 2.25
CA TYR E 103 -12.04 16.26 3.08
C TYR E 103 -11.07 15.23 2.53
N TYR E 104 -9.88 15.69 2.16
CA TYR E 104 -8.86 14.78 1.64
C TYR E 104 -7.49 15.26 2.06
N SER E 105 -6.69 14.33 2.61
CA SER E 105 -5.30 14.57 3.02
C SER E 105 -5.18 15.86 3.84
N GLY E 106 -6.04 15.98 4.84
CA GLY E 106 -5.97 17.11 5.75
C GLY E 106 -6.39 18.44 5.16
N SER E 107 -7.09 18.44 4.03
CA SER E 107 -7.53 19.68 3.41
C SER E 107 -8.99 19.59 2.99
N TYR E 108 -9.72 20.68 3.17
CA TYR E 108 -11.12 20.76 2.79
C TYR E 108 -11.26 21.42 1.42
N TYR E 109 -12.22 20.92 0.64
CA TYR E 109 -12.54 21.46 -0.68
C TYR E 109 -14.03 21.77 -0.70
N PHE E 110 -14.37 22.98 -1.08
CA PHE E 110 -15.76 23.44 -1.14
C PHE E 110 -16.10 23.62 -2.61
N GLN E 111 -16.78 22.63 -3.19
CA GLN E 111 -17.18 22.65 -4.57
C GLN E 111 -18.69 22.45 -4.67
N CYS E 112 -19.23 22.78 -5.84
CA CYS E 112 -20.65 22.63 -6.13
C CYS E 112 -20.87 21.92 -7.46
N PRO E 113 -20.41 20.68 -7.58
CA PRO E 113 -20.56 19.96 -8.85
C PRO E 113 -22.00 19.51 -9.06
N HIS E 114 -22.52 19.76 -10.26
CA HIS E 114 -23.95 19.56 -10.51
C HIS E 114 -24.39 18.15 -10.14
N ASP E 115 -23.69 17.13 -10.65
CA ASP E 115 -24.09 15.75 -10.42
C ASP E 115 -23.84 15.29 -8.99
N GLY E 116 -23.06 16.04 -8.21
CA GLY E 116 -22.77 15.65 -6.85
C GLY E 116 -23.67 16.25 -5.78
N MET E 117 -24.39 17.33 -6.11
CA MET E 117 -25.22 18.02 -5.11
C MET E 117 -26.16 17.04 -4.43
N ASP E 118 -26.27 17.17 -3.10
CA ASP E 118 -27.03 16.20 -2.32
C ASP E 118 -28.48 16.63 -2.08
N TYR E 119 -28.75 17.92 -2.02
CA TYR E 119 -30.09 18.43 -1.77
C TYR E 119 -30.36 19.62 -2.68
N TRP E 120 -31.58 19.70 -3.20
CA TRP E 120 -31.97 20.73 -4.15
C TRP E 120 -33.22 21.44 -3.65
N GLY E 121 -33.34 22.72 -4.03
CA GLY E 121 -34.55 23.48 -3.77
C GLY E 121 -35.52 23.39 -4.94
N LYS E 122 -36.74 23.86 -4.69
CA LYS E 122 -37.77 23.85 -5.73
C LYS E 122 -37.45 24.79 -6.90
N GLY E 123 -36.65 25.83 -6.66
CA GLY E 123 -36.35 26.80 -7.71
C GLY E 123 -37.33 27.95 -7.73
N THR E 124 -36.84 29.11 -8.20
CA THR E 124 -37.64 30.32 -8.30
C THR E 124 -37.42 30.99 -9.66
N GLN E 125 -38.49 31.51 -10.24
CA GLN E 125 -38.42 32.10 -11.57
C GLN E 125 -37.78 33.48 -11.53
N VAL E 126 -36.92 33.76 -12.50
CA VAL E 126 -36.30 35.06 -12.67
C VAL E 126 -36.44 35.42 -14.14
N THR E 127 -37.17 36.50 -14.41
CA THR E 127 -37.42 36.94 -15.77
C THR E 127 -36.85 38.35 -15.94
N VAL E 128 -35.98 38.52 -16.93
CA VAL E 128 -35.42 39.82 -17.27
C VAL E 128 -35.93 40.15 -18.67
N SER E 129 -36.90 41.04 -18.76
CA SER E 129 -37.51 41.35 -20.04
C SER E 129 -37.90 42.83 -20.08
N SER E 130 -38.23 43.29 -21.28
CA SER E 130 -38.58 44.69 -21.51
C SER E 130 -40.09 44.90 -21.52
N GLN F 1 10.29 -29.72 -20.18
CA GLN F 1 11.68 -29.67 -20.62
C GLN F 1 11.92 -28.48 -21.54
N VAL F 2 12.97 -27.71 -21.28
CA VAL F 2 13.37 -26.60 -22.13
C VAL F 2 14.88 -26.67 -22.37
N GLN F 3 15.29 -26.26 -23.57
CA GLN F 3 16.68 -26.13 -23.96
C GLN F 3 17.20 -24.73 -23.62
N LEU F 4 18.49 -24.65 -23.28
CA LEU F 4 19.12 -23.38 -22.93
C LEU F 4 20.45 -23.26 -23.66
N GLN F 5 20.62 -22.17 -24.42
CA GLN F 5 21.83 -21.96 -25.21
C GLN F 5 22.44 -20.61 -24.89
N GLU F 6 23.67 -20.63 -24.39
CA GLU F 6 24.40 -19.39 -24.14
C GLU F 6 25.01 -18.85 -25.42
N SER F 7 25.18 -17.54 -25.45
CA SER F 7 25.80 -16.82 -26.54
C SER F 7 26.56 -15.65 -25.97
N GLY F 8 27.55 -15.19 -26.72
CA GLY F 8 28.41 -14.12 -26.26
C GLY F 8 29.68 -14.68 -25.66
N GLY F 9 30.43 -13.78 -25.02
CA GLY F 9 31.69 -14.17 -24.43
C GLY F 9 32.82 -14.12 -25.45
N GLY F 10 33.96 -14.64 -25.03
CA GLY F 10 35.17 -14.54 -25.81
C GLY F 10 36.27 -13.84 -25.03
N LEU F 11 37.25 -13.27 -25.73
CA LEU F 11 38.42 -12.69 -25.11
C LEU F 11 38.30 -11.16 -25.08
N VAL F 12 38.48 -10.58 -23.89
CA VAL F 12 38.53 -9.13 -23.74
C VAL F 12 39.61 -8.77 -22.72
N GLN F 13 39.99 -7.48 -22.75
CA GLN F 13 40.99 -6.86 -21.89
C GLN F 13 40.36 -6.46 -20.56
N PRO F 14 41.15 -6.46 -19.49
CA PRO F 14 40.61 -6.05 -18.18
C PRO F 14 40.01 -4.65 -18.27
N GLY F 15 38.87 -4.49 -17.61
CA GLY F 15 38.08 -3.27 -17.71
C GLY F 15 37.08 -3.28 -18.84
N GLY F 16 37.11 -4.27 -19.71
CA GLY F 16 36.19 -4.35 -20.82
C GLY F 16 34.81 -4.80 -20.40
N SER F 17 33.95 -4.97 -21.39
CA SER F 17 32.56 -5.33 -21.17
C SER F 17 32.18 -6.52 -22.06
N LEU F 18 31.12 -7.21 -21.65
CA LEU F 18 30.58 -8.31 -22.41
C LEU F 18 29.09 -8.43 -22.11
N ARG F 19 28.37 -9.09 -23.00
CA ARG F 19 26.94 -9.32 -22.81
C ARG F 19 26.64 -10.75 -23.19
N LEU F 20 26.39 -11.59 -22.19
CA LEU F 20 25.97 -12.97 -22.42
C LEU F 20 24.47 -13.01 -22.61
N SER F 21 24.02 -13.85 -23.53
CA SER F 21 22.61 -14.08 -23.77
C SER F 21 22.31 -15.57 -23.61
N CYS F 22 21.06 -15.87 -23.32
CA CYS F 22 20.64 -17.25 -23.04
C CYS F 22 19.28 -17.46 -23.67
N ALA F 23 19.26 -18.23 -24.76
CA ALA F 23 18.03 -18.56 -25.47
C ALA F 23 17.36 -19.76 -24.80
N VAL F 24 16.05 -19.64 -24.59
CA VAL F 24 15.23 -20.66 -23.94
C VAL F 24 14.25 -21.23 -24.97
N SER F 25 14.42 -22.51 -25.28
CA SER F 25 13.58 -23.19 -26.26
C SER F 25 12.69 -24.21 -25.57
N GLY F 26 11.53 -24.46 -26.15
CA GLY F 26 10.69 -25.55 -25.72
C GLY F 26 9.53 -25.14 -24.84
N PHE F 27 8.90 -26.15 -24.25
CA PHE F 27 7.72 -25.98 -23.40
C PHE F 27 8.07 -25.31 -22.08
N THR F 28 7.99 -23.98 -22.05
CA THR F 28 8.43 -23.20 -20.90
C THR F 28 7.35 -23.17 -19.81
N LEU F 29 7.82 -23.02 -18.56
CA LEU F 29 6.91 -22.95 -17.43
C LEU F 29 6.26 -21.56 -17.35
N ASP F 30 5.14 -21.49 -16.64
CA ASP F 30 4.48 -20.19 -16.42
C ASP F 30 5.33 -19.31 -15.52
N TYR F 31 6.00 -19.90 -14.53
CA TYR F 31 6.86 -19.15 -13.62
C TYR F 31 8.13 -19.95 -13.37
N TYR F 32 9.28 -19.35 -13.68
CA TYR F 32 10.56 -20.02 -13.52
C TYR F 32 11.64 -18.97 -13.26
N ALA F 33 12.85 -19.45 -13.02
CA ALA F 33 14.00 -18.60 -12.72
C ALA F 33 15.17 -19.00 -13.61
N ILE F 34 15.87 -17.99 -14.13
CA ILE F 34 17.07 -18.19 -14.93
C ILE F 34 18.26 -17.73 -14.12
N GLY F 35 19.25 -18.60 -13.99
CA GLY F 35 20.45 -18.32 -13.22
C GLY F 35 21.69 -18.45 -14.07
N TRP F 36 22.63 -17.53 -13.87
CA TRP F 36 23.94 -17.57 -14.50
C TRP F 36 24.95 -18.07 -13.48
N PHE F 37 25.68 -19.11 -13.85
CA PHE F 37 26.76 -19.69 -13.07
C PHE F 37 28.05 -19.61 -13.87
N ARG F 38 29.18 -19.82 -13.20
CA ARG F 38 30.46 -19.80 -13.89
C ARG F 38 31.41 -20.77 -13.20
N GLN F 39 32.33 -21.33 -13.98
CA GLN F 39 33.28 -22.34 -13.48
C GLN F 39 34.63 -22.10 -14.14
N ALA F 40 35.63 -21.75 -13.33
CA ALA F 40 36.99 -21.57 -13.81
C ALA F 40 37.67 -22.93 -13.97
N PRO F 41 38.64 -23.04 -14.90
CA PRO F 41 39.31 -24.33 -15.10
C PRO F 41 39.91 -24.82 -13.78
N GLY F 42 39.66 -26.09 -13.48
CA GLY F 42 39.92 -26.59 -12.15
C GLY F 42 39.38 -25.69 -11.09
N LYS F 43 38.08 -25.44 -11.07
CA LYS F 43 37.35 -24.91 -9.94
C LYS F 43 35.94 -25.48 -10.02
N GLU F 44 35.14 -25.28 -8.97
CA GLU F 44 33.76 -25.69 -8.98
C GLU F 44 32.86 -24.54 -9.40
N ARG F 45 31.67 -24.90 -9.88
CA ARG F 45 30.72 -23.90 -10.32
C ARG F 45 30.27 -23.02 -9.16
N GLU F 46 30.08 -21.74 -9.44
CA GLU F 46 29.50 -20.82 -8.48
C GLU F 46 28.49 -19.95 -9.20
N GLY F 47 27.39 -19.64 -8.50
CA GLY F 47 26.40 -18.76 -9.08
C GLY F 47 26.89 -17.34 -9.20
N VAL F 48 26.45 -16.66 -10.24
CA VAL F 48 26.74 -15.23 -10.35
C VAL F 48 25.45 -14.42 -10.36
N SER F 49 24.36 -14.98 -10.87
CA SER F 49 23.15 -14.17 -10.95
C SER F 49 21.90 -15.04 -11.02
N CYS F 50 20.78 -14.47 -10.59
CA CYS F 50 19.49 -15.14 -10.63
C CYS F 50 18.40 -14.12 -10.93
N ILE F 51 17.46 -14.48 -11.80
CA ILE F 51 16.41 -13.56 -12.20
C ILE F 51 15.11 -14.33 -12.45
N SER F 52 13.99 -13.70 -12.13
CA SER F 52 12.69 -14.30 -12.38
C SER F 52 12.32 -14.22 -13.86
N SER F 53 11.42 -15.12 -14.27
CA SER F 53 10.94 -15.12 -15.66
C SER F 53 10.10 -13.88 -15.97
N SER F 54 9.65 -13.15 -14.97
CA SER F 54 8.96 -11.88 -15.21
C SER F 54 9.92 -10.72 -15.36
N GLY F 55 11.18 -10.90 -14.96
CA GLY F 55 12.20 -9.89 -15.08
C GLY F 55 12.62 -9.24 -13.77
N GLY F 56 12.04 -9.66 -12.65
CA GLY F 56 12.37 -9.07 -11.38
C GLY F 56 13.07 -10.04 -10.45
N ASN F 57 13.14 -9.67 -9.17
CA ASN F 57 13.76 -10.50 -8.13
C ASN F 57 15.20 -10.84 -8.51
N THR F 58 15.93 -9.85 -9.01
CA THR F 58 17.31 -10.08 -9.43
C THR F 58 18.21 -10.17 -8.20
N LYS F 59 19.07 -11.19 -8.19
CA LYS F 59 20.07 -11.37 -7.14
C LYS F 59 21.40 -11.68 -7.78
N TYR F 60 22.47 -11.33 -7.07
CA TYR F 60 23.82 -11.49 -7.59
C TYR F 60 24.73 -11.98 -6.47
N ALA F 61 25.77 -12.71 -6.86
CA ALA F 61 26.82 -13.06 -5.91
C ALA F 61 27.55 -11.80 -5.47
N ASP F 62 28.16 -11.86 -4.29
CA ASP F 62 28.79 -10.69 -3.69
C ASP F 62 30.09 -10.30 -4.37
N SER F 63 30.49 -10.97 -5.44
CA SER F 63 31.71 -10.62 -6.17
C SER F 63 31.46 -9.91 -7.49
N VAL F 64 30.23 -9.93 -8.00
CA VAL F 64 29.89 -9.29 -9.26
C VAL F 64 28.85 -8.20 -9.10
N LYS F 65 28.54 -7.81 -7.86
CA LYS F 65 27.48 -6.84 -7.64
C LYS F 65 27.95 -5.43 -8.00
N GLY F 66 27.04 -4.66 -8.58
CA GLY F 66 27.36 -3.36 -9.12
C GLY F 66 28.01 -3.37 -10.48
N ARG F 67 28.59 -4.50 -10.90
CA ARG F 67 29.20 -4.64 -12.21
C ARG F 67 28.33 -5.44 -13.17
N PHE F 68 27.69 -6.49 -12.69
CA PHE F 68 26.87 -7.35 -13.54
C PHE F 68 25.40 -6.99 -13.36
N THR F 69 24.66 -7.03 -14.45
CA THR F 69 23.22 -6.75 -14.43
C THR F 69 22.50 -7.82 -15.23
N ALA F 70 21.58 -8.53 -14.58
CA ALA F 70 20.78 -9.54 -15.23
C ALA F 70 19.44 -8.94 -15.68
N SER F 71 19.03 -9.27 -16.88
CA SER F 71 17.77 -8.78 -17.43
C SER F 71 17.18 -9.84 -18.33
N ARG F 72 16.03 -9.54 -18.92
CA ARG F 72 15.42 -10.43 -19.89
C ARG F 72 14.80 -9.62 -21.01
N ASP F 73 14.76 -10.23 -22.19
CA ASP F 73 14.07 -9.65 -23.32
C ASP F 73 12.56 -9.76 -23.11
N ASN F 74 11.82 -8.78 -23.62
CA ASN F 74 10.39 -8.74 -23.46
C ASN F 74 9.62 -9.12 -24.71
N ALA F 75 10.31 -9.39 -25.82
CA ALA F 75 9.68 -9.93 -27.01
C ALA F 75 10.07 -11.37 -27.29
N LYS F 76 11.07 -11.92 -26.58
CA LYS F 76 11.51 -13.28 -26.80
C LYS F 76 12.03 -13.86 -25.49
N ASN F 77 12.19 -15.17 -25.46
CA ASN F 77 12.62 -15.88 -24.26
C ASN F 77 14.15 -15.95 -24.23
N THR F 78 14.76 -14.78 -24.13
CA THR F 78 16.20 -14.66 -24.02
C THR F 78 16.56 -13.86 -22.77
N PHE F 79 17.48 -14.39 -21.98
CA PHE F 79 17.90 -13.75 -20.74
C PHE F 79 19.33 -13.26 -20.88
N TYR F 80 19.62 -12.07 -20.37
CA TYR F 80 20.90 -11.43 -20.58
C TYR F 80 21.63 -11.23 -19.26
N LEU F 81 22.94 -11.34 -19.34
CA LEU F 81 23.85 -10.93 -18.27
C LEU F 81 24.84 -9.93 -18.86
N GLN F 82 24.71 -8.67 -18.48
CA GLN F 82 25.65 -7.63 -18.87
C GLN F 82 26.77 -7.58 -17.84
N MET F 83 28.00 -7.75 -18.30
CA MET F 83 29.17 -7.80 -17.43
C MET F 83 30.08 -6.63 -17.77
N ASN F 84 30.15 -5.66 -16.88
CA ASN F 84 31.00 -4.49 -17.03
C ASN F 84 32.18 -4.58 -16.07
N SER F 85 33.24 -3.83 -16.38
CA SER F 85 34.44 -3.76 -15.56
C SER F 85 35.00 -5.15 -15.29
N LEU F 86 35.18 -5.92 -16.36
CA LEU F 86 35.67 -7.29 -16.22
C LEU F 86 37.10 -7.30 -15.72
N LYS F 87 37.39 -8.24 -14.84
CA LYS F 87 38.73 -8.45 -14.28
C LYS F 87 39.17 -9.88 -14.55
N PRO F 88 40.47 -10.17 -14.45
CA PRO F 88 40.94 -11.54 -14.73
C PRO F 88 40.21 -12.61 -13.92
N GLU F 89 39.75 -12.28 -12.71
CA GLU F 89 39.03 -13.25 -11.89
C GLU F 89 37.73 -13.72 -12.53
N ASP F 90 37.18 -12.94 -13.47
CA ASP F 90 35.94 -13.30 -14.15
C ASP F 90 36.14 -14.35 -15.23
N THR F 91 37.37 -14.79 -15.48
CA THR F 91 37.64 -15.77 -16.54
C THR F 91 37.07 -17.12 -16.12
N ALA F 92 36.23 -17.71 -16.97
CA ALA F 92 35.55 -18.96 -16.64
C ALA F 92 34.64 -19.35 -17.80
N VAL F 93 34.13 -20.57 -17.74
CA VAL F 93 33.01 -20.98 -18.57
C VAL F 93 31.72 -20.55 -17.88
N TYR F 94 30.88 -19.79 -18.59
CA TYR F 94 29.63 -19.28 -18.04
C TYR F 94 28.48 -20.16 -18.53
N TYR F 95 27.59 -20.50 -17.60
CA TYR F 95 26.51 -21.43 -17.84
C TYR F 95 25.17 -20.77 -17.53
N CYS F 96 24.20 -21.08 -18.37
CA CYS F 96 22.82 -20.69 -18.16
C CYS F 96 22.05 -21.88 -17.60
N ALA F 97 21.15 -21.61 -16.65
CA ALA F 97 20.37 -22.70 -16.08
C ALA F 97 18.97 -22.21 -15.75
N ALA F 98 18.00 -23.10 -15.91
CA ALA F 98 16.60 -22.81 -15.61
C ALA F 98 16.13 -23.69 -14.47
N ILE F 99 15.32 -23.11 -13.58
CA ILE F 99 14.71 -23.85 -12.48
C ILE F 99 13.27 -23.39 -12.33
N ALA F 100 12.43 -24.27 -11.80
CA ALA F 100 11.04 -23.90 -11.56
C ALA F 100 10.95 -22.98 -10.35
N ALA F 101 9.96 -22.10 -10.36
CA ALA F 101 9.69 -21.26 -9.20
C ALA F 101 8.93 -22.06 -8.16
N THR F 102 9.09 -21.68 -6.90
CA THR F 102 8.50 -22.40 -5.78
C THR F 102 7.25 -21.68 -5.30
N TYR F 103 6.14 -22.41 -5.27
CA TYR F 103 4.85 -21.90 -4.81
C TYR F 103 4.58 -22.43 -3.41
N TYR F 104 4.45 -21.53 -2.45
CA TYR F 104 4.17 -21.94 -1.07
C TYR F 104 3.34 -20.86 -0.39
N SER F 105 2.18 -21.26 0.15
CA SER F 105 1.27 -20.34 0.84
C SER F 105 0.89 -19.18 -0.07
N GLY F 106 0.56 -19.49 -1.32
CA GLY F 106 0.04 -18.50 -2.24
C GLY F 106 1.03 -17.46 -2.70
N SER F 107 2.33 -17.73 -2.66
CA SER F 107 3.35 -16.78 -3.08
C SER F 107 4.47 -17.52 -3.79
N TYR F 108 4.95 -16.95 -4.90
CA TYR F 108 6.00 -17.55 -5.70
C TYR F 108 7.37 -17.10 -5.21
N TYR F 109 8.31 -18.03 -5.18
CA TYR F 109 9.71 -17.75 -4.84
C TYR F 109 10.57 -17.99 -6.07
N PHE F 110 11.56 -17.11 -6.27
CA PHE F 110 12.45 -17.19 -7.42
C PHE F 110 13.88 -17.29 -6.90
N GLN F 111 14.44 -18.50 -6.96
CA GLN F 111 15.79 -18.74 -6.47
C GLN F 111 16.54 -19.58 -7.49
N CYS F 112 17.86 -19.61 -7.36
CA CYS F 112 18.73 -20.33 -8.28
C CYS F 112 19.75 -21.17 -7.50
N PRO F 113 19.28 -22.17 -6.74
CA PRO F 113 20.22 -23.02 -6.00
C PRO F 113 20.89 -24.01 -6.95
N HIS F 114 22.22 -24.10 -6.85
CA HIS F 114 22.99 -24.90 -7.81
C HIS F 114 22.44 -26.32 -7.93
N ASP F 115 22.31 -27.02 -6.81
CA ASP F 115 21.85 -28.40 -6.91
C ASP F 115 20.40 -28.52 -7.33
N GLY F 116 19.64 -27.42 -7.29
CA GLY F 116 18.23 -27.48 -7.63
C GLY F 116 17.92 -27.30 -9.10
N MET F 117 18.83 -26.69 -9.85
CA MET F 117 18.53 -26.30 -11.23
C MET F 117 18.13 -27.53 -12.05
N ASP F 118 17.06 -27.38 -12.83
CA ASP F 118 16.49 -28.50 -13.56
C ASP F 118 17.12 -28.70 -14.93
N TYR F 119 17.50 -27.61 -15.61
CA TYR F 119 18.05 -27.70 -16.95
C TYR F 119 19.27 -26.78 -17.04
N TRP F 120 20.29 -27.23 -17.78
CA TRP F 120 21.54 -26.49 -17.92
C TRP F 120 21.86 -26.26 -19.39
N GLY F 121 22.54 -25.14 -19.65
CA GLY F 121 23.19 -24.95 -20.94
C GLY F 121 24.58 -25.56 -20.96
N LYS F 122 25.20 -25.54 -22.14
CA LYS F 122 26.51 -26.18 -22.29
C LYS F 122 27.66 -25.23 -21.97
N GLY F 123 27.42 -23.94 -21.85
CA GLY F 123 28.46 -23.04 -21.40
C GLY F 123 29.16 -22.33 -22.55
N THR F 124 29.73 -21.17 -22.24
CA THR F 124 30.49 -20.38 -23.19
C THR F 124 31.70 -19.78 -22.49
N GLN F 125 32.82 -19.73 -23.20
CA GLN F 125 34.08 -19.29 -22.60
C GLN F 125 34.14 -17.78 -22.46
N VAL F 126 34.69 -17.32 -21.34
CA VAL F 126 34.92 -15.89 -21.08
C VAL F 126 36.36 -15.75 -20.57
N THR F 127 37.20 -15.09 -21.36
CA THR F 127 38.60 -14.86 -21.01
C THR F 127 38.83 -13.36 -20.86
N VAL F 128 39.37 -12.96 -19.71
CA VAL F 128 39.71 -11.57 -19.43
C VAL F 128 41.21 -11.54 -19.18
N SER F 129 41.96 -10.96 -20.12
CA SER F 129 43.41 -11.02 -20.07
C SER F 129 44.02 -9.85 -20.84
N SER F 130 45.33 -9.70 -20.68
CA SER F 130 46.09 -8.65 -21.35
C SER F 130 46.87 -9.20 -22.55
N GLN G 1 14.18 -7.86 33.59
CA GLN G 1 13.72 -7.11 34.76
C GLN G 1 14.28 -5.70 34.78
N VAL G 2 13.48 -4.75 35.29
CA VAL G 2 13.87 -3.35 35.36
C VAL G 2 13.42 -2.81 36.71
N GLN G 3 14.32 -2.08 37.38
CA GLN G 3 14.04 -1.49 38.68
C GLN G 3 13.92 0.03 38.54
N LEU G 4 13.01 0.62 39.31
CA LEU G 4 12.81 2.06 39.24
C LEU G 4 12.75 2.62 40.64
N GLN G 5 13.60 3.60 40.93
CA GLN G 5 13.65 4.25 42.24
C GLN G 5 13.20 5.70 42.11
N GLU G 6 12.14 6.05 42.84
CA GLU G 6 11.67 7.42 42.88
C GLU G 6 12.46 8.23 43.92
N SER G 7 12.44 9.54 43.74
CA SER G 7 13.02 10.46 44.71
C SER G 7 12.38 11.82 44.53
N GLY G 8 12.40 12.61 45.59
CA GLY G 8 11.79 13.92 45.58
C GLY G 8 10.48 13.95 46.34
N GLY G 9 9.72 15.01 46.09
CA GLY G 9 8.42 15.19 46.73
C GLY G 9 8.53 16.00 48.01
N GLY G 10 7.50 15.89 48.83
CA GLY G 10 7.48 16.54 50.12
C GLY G 10 6.26 17.41 50.27
N LEU G 11 6.38 18.40 51.16
CA LEU G 11 5.30 19.32 51.48
C LEU G 11 5.58 20.69 50.87
N VAL G 12 4.58 21.26 50.22
CA VAL G 12 4.66 22.61 49.69
C VAL G 12 3.31 23.31 49.92
N GLN G 13 3.33 24.62 49.73
CA GLN G 13 2.12 25.42 49.79
C GLN G 13 1.53 25.59 48.40
N PRO G 14 0.24 25.89 48.31
CA PRO G 14 -0.38 26.11 46.99
C PRO G 14 0.37 27.14 46.18
N GLY G 15 0.63 26.81 44.92
CA GLY G 15 1.48 27.61 44.06
C GLY G 15 2.94 27.17 44.03
N GLY G 16 3.36 26.30 44.95
CA GLY G 16 4.73 25.88 45.02
C GLY G 16 5.13 25.04 43.82
N SER G 17 6.38 24.56 43.86
CA SER G 17 6.91 23.73 42.80
C SER G 17 7.64 22.52 43.39
N LEU G 18 7.73 21.48 42.58
CA LEU G 18 8.42 20.26 42.95
C LEU G 18 9.02 19.63 41.70
N ARG G 19 9.98 18.74 41.89
CA ARG G 19 10.49 17.93 40.79
C ARG G 19 10.73 16.53 41.31
N LEU G 20 10.02 15.57 40.75
CA LEU G 20 10.22 14.17 41.08
C LEU G 20 11.20 13.55 40.10
N SER G 21 12.12 12.74 40.63
CA SER G 21 13.09 12.00 39.84
C SER G 21 12.76 10.51 39.88
N CYS G 22 13.09 9.82 38.80
CA CYS G 22 12.91 8.37 38.73
C CYS G 22 14.12 7.78 38.02
N ALA G 23 14.95 7.05 38.77
CA ALA G 23 16.10 6.37 38.22
C ALA G 23 15.69 4.97 37.74
N VAL G 24 16.10 4.62 36.53
CA VAL G 24 15.72 3.37 35.89
C VAL G 24 16.97 2.51 35.74
N SER G 25 17.01 1.39 36.44
CA SER G 25 18.12 0.44 36.43
C SER G 25 17.68 -0.85 35.76
N GLY G 26 18.67 -1.59 35.27
CA GLY G 26 18.43 -2.94 34.79
C GLY G 26 18.40 -3.05 33.28
N PHE G 27 17.96 -4.22 32.82
CA PHE G 27 17.90 -4.56 31.41
C PHE G 27 16.75 -3.79 30.76
N THR G 28 17.03 -2.54 30.38
CA THR G 28 16.01 -1.76 29.71
C THR G 28 15.84 -2.23 28.28
N LEU G 29 14.67 -1.99 27.71
CA LEU G 29 14.42 -2.31 26.32
C LEU G 29 15.07 -1.27 25.42
N ASP G 30 15.14 -1.60 24.13
CA ASP G 30 15.65 -0.64 23.16
C ASP G 30 14.77 0.60 23.10
N TYR G 31 13.46 0.41 23.20
CA TYR G 31 12.50 1.51 23.16
C TYR G 31 11.42 1.22 24.18
N TYR G 32 11.13 2.20 25.04
CA TYR G 32 10.14 2.03 26.09
C TYR G 32 9.59 3.41 26.44
N ALA G 33 8.57 3.41 27.30
CA ALA G 33 7.95 4.63 27.79
C ALA G 33 7.96 4.63 29.32
N ILE G 34 8.13 5.82 29.89
CA ILE G 34 8.10 6.04 31.33
C ILE G 34 6.88 6.91 31.65
N GLY G 35 6.11 6.48 32.63
CA GLY G 35 4.91 7.19 33.01
C GLY G 35 4.89 7.57 34.48
N TRP G 36 4.25 8.70 34.75
CA TRP G 36 3.99 9.15 36.11
C TRP G 36 2.50 9.04 36.37
N PHE G 37 2.15 8.32 37.43
CA PHE G 37 0.80 8.16 37.94
C PHE G 37 0.74 8.71 39.36
N ARG G 38 -0.47 8.94 39.87
CA ARG G 38 -0.59 9.39 41.24
C ARG G 38 -1.82 8.76 41.89
N GLN G 39 -1.71 8.52 43.20
N GLN G 39 -1.70 8.50 43.19
CA GLN G 39 -2.74 7.89 44.00
CA GLN G 39 -2.77 7.90 43.98
C GLN G 39 -3.06 8.81 45.17
C GLN G 39 -3.07 8.82 45.16
N ALA G 40 -4.27 9.35 45.19
CA ALA G 40 -4.70 10.28 46.23
C ALA G 40 -5.47 9.54 47.31
N PRO G 41 -5.58 10.12 48.50
CA PRO G 41 -6.41 9.50 49.54
C PRO G 41 -7.89 9.59 49.19
N GLY G 42 -8.58 8.46 49.25
CA GLY G 42 -9.99 8.44 48.91
C GLY G 42 -10.29 8.51 47.44
N LYS G 43 -9.29 8.21 46.62
CA LYS G 43 -9.39 8.21 45.17
C LYS G 43 -8.62 7.03 44.60
N GLU G 44 -8.69 6.82 43.29
CA GLU G 44 -7.99 5.73 42.65
C GLU G 44 -6.98 6.26 41.64
N ARG G 45 -5.94 5.45 41.40
CA ARG G 45 -4.77 5.88 40.63
C ARG G 45 -5.16 6.49 39.29
N GLU G 46 -4.57 7.64 38.99
CA GLU G 46 -4.76 8.32 37.71
C GLU G 46 -3.41 8.63 37.12
N GLY G 47 -3.31 8.54 35.79
CA GLY G 47 -2.08 8.88 35.11
C GLY G 47 -1.97 10.38 34.94
N VAL G 48 -0.73 10.89 35.05
CA VAL G 48 -0.51 12.32 34.89
C VAL G 48 0.44 12.61 33.73
N SER G 49 1.38 11.70 33.45
CA SER G 49 2.30 12.00 32.34
C SER G 49 2.89 10.74 31.75
N CYS G 50 3.41 10.87 30.52
CA CYS G 50 4.08 9.80 29.80
C CYS G 50 5.12 10.41 28.88
N ILE G 51 6.28 9.75 28.76
CA ILE G 51 7.36 10.23 27.91
C ILE G 51 8.12 9.04 27.33
N SER G 52 8.70 9.23 26.15
CA SER G 52 9.44 8.17 25.49
C SER G 52 10.86 8.08 26.04
N SER G 53 11.47 6.90 25.87
CA SER G 53 12.85 6.72 26.31
C SER G 53 13.81 7.59 25.51
N SER G 54 13.41 8.01 24.31
CA SER G 54 14.23 8.94 23.55
C SER G 54 14.28 10.31 24.21
N GLY G 55 13.28 10.66 25.00
CA GLY G 55 13.22 11.95 25.67
C GLY G 55 12.17 12.90 25.12
N GLY G 56 11.34 12.46 24.19
CA GLY G 56 10.28 13.28 23.63
C GLY G 56 8.93 12.58 23.64
N ASN G 57 8.04 13.00 22.75
CA ASN G 57 6.70 12.41 22.63
C ASN G 57 5.95 12.46 23.95
N THR G 58 5.99 13.63 24.60
CA THR G 58 5.40 13.78 25.93
C THR G 58 3.89 13.91 25.85
N LYS G 59 3.21 13.35 26.85
CA LYS G 59 1.77 13.41 26.96
C LYS G 59 1.41 13.66 28.41
N TYR G 60 0.29 14.37 28.62
CA TYR G 60 -0.12 14.75 29.97
C TYR G 60 -1.63 14.63 30.10
N ALA G 61 -2.08 14.29 31.30
CA ALA G 61 -3.51 14.34 31.62
C ALA G 61 -4.00 15.79 31.58
N ASP G 62 -5.27 15.95 31.21
CA ASP G 62 -5.86 17.27 31.02
C ASP G 62 -5.92 18.09 32.31
N SER G 63 -5.68 17.49 33.46
CA SER G 63 -5.74 18.21 34.73
C SER G 63 -4.39 18.80 35.14
N VAL G 64 -3.31 18.46 34.44
CA VAL G 64 -1.98 18.96 34.76
C VAL G 64 -1.31 19.68 33.60
N LYS G 65 -2.00 19.82 32.46
CA LYS G 65 -1.38 20.46 31.31
C LYS G 65 -1.07 21.92 31.60
N GLY G 66 0.11 22.36 31.17
CA GLY G 66 0.59 23.69 31.45
C GLY G 66 1.22 23.86 32.80
N ARG G 67 0.98 22.94 33.73
CA ARG G 67 1.60 22.98 35.06
C ARG G 67 2.70 21.94 35.22
N PHE G 68 2.54 20.76 34.63
CA PHE G 68 3.49 19.66 34.77
C PHE G 68 4.28 19.49 33.48
N THR G 69 5.57 19.18 33.61
CA THR G 69 6.46 18.98 32.48
C THR G 69 7.29 17.72 32.68
N ALA G 70 7.16 16.76 31.77
CA ALA G 70 7.94 15.54 31.83
C ALA G 70 9.20 15.69 30.98
N SER G 71 10.29 15.07 31.44
CA SER G 71 11.56 15.17 30.72
C SER G 71 12.44 14.00 31.13
N ARG G 72 13.61 13.90 30.48
CA ARG G 72 14.60 12.91 30.85
C ARG G 72 15.99 13.50 30.75
N ASP G 73 16.89 13.00 31.60
CA ASP G 73 18.25 13.52 31.64
C ASP G 73 19.04 13.06 30.42
N ASN G 74 19.97 13.92 29.99
CA ASN G 74 20.78 13.65 28.81
C ASN G 74 22.06 12.89 29.14
N ALA G 75 22.45 12.81 30.41
CA ALA G 75 23.68 12.13 30.80
C ALA G 75 23.44 10.87 31.62
N LYS G 76 22.21 10.61 32.03
CA LYS G 76 21.90 9.42 32.81
C LYS G 76 20.46 9.02 32.54
N ASN G 77 20.11 7.80 32.95
CA ASN G 77 18.77 7.26 32.72
C ASN G 77 17.84 7.62 33.87
N THR G 78 17.60 8.92 34.02
CA THR G 78 16.71 9.44 35.05
C THR G 78 15.65 10.30 34.39
N PHE G 79 14.39 10.06 34.76
CA PHE G 79 13.25 10.79 34.21
C PHE G 79 12.68 11.72 35.26
N TYR G 80 12.28 12.91 34.84
CA TYR G 80 11.85 13.95 35.75
C TYR G 80 10.40 14.34 35.45
N LEU G 81 9.67 14.65 36.52
CA LEU G 81 8.38 15.32 36.44
C LEU G 81 8.48 16.61 37.22
N GLN G 82 8.54 17.74 36.51
CA GLN G 82 8.55 19.06 37.11
C GLN G 82 7.11 19.53 37.29
N MET G 83 6.71 19.81 38.53
CA MET G 83 5.33 20.17 38.85
C MET G 83 5.31 21.61 39.38
N ASN G 84 4.75 22.52 38.59
CA ASN G 84 4.56 23.91 39.00
C ASN G 84 3.07 24.17 39.24
N SER G 85 2.80 25.30 39.91
CA SER G 85 1.43 25.75 40.16
C SER G 85 0.63 24.70 40.92
N LEU G 86 1.24 24.10 41.94
CA LEU G 86 0.61 23.01 42.65
C LEU G 86 -0.60 23.50 43.44
N LYS G 87 -1.65 22.68 43.44
CA LYS G 87 -2.89 22.97 44.15
C LYS G 87 -3.18 21.82 45.13
N PRO G 88 -4.06 22.04 46.10
CA PRO G 88 -4.32 20.97 47.09
C PRO G 88 -4.77 19.65 46.48
N GLU G 89 -5.52 19.69 45.38
CA GLU G 89 -5.97 18.44 44.76
C GLU G 89 -4.84 17.65 44.13
N ASP G 90 -3.65 18.23 44.00
CA ASP G 90 -2.48 17.50 43.51
C ASP G 90 -1.87 16.60 44.58
N THR G 91 -2.36 16.67 45.81
CA THR G 91 -1.80 15.89 46.92
C THR G 91 -2.04 14.41 46.68
N ALA G 92 -0.96 13.62 46.65
CA ALA G 92 -1.04 12.20 46.37
C ALA G 92 0.34 11.59 46.60
N VAL G 93 0.39 10.26 46.54
CA VAL G 93 1.65 9.56 46.39
C VAL G 93 1.86 9.29 44.91
N TYR G 94 3.02 9.66 44.39
CA TYR G 94 3.29 9.62 42.96
C TYR G 94 4.19 8.44 42.63
N TYR G 95 3.82 7.72 41.56
CA TYR G 95 4.48 6.50 41.15
C TYR G 95 5.10 6.66 39.77
N CYS G 96 6.31 6.15 39.63
CA CYS G 96 6.99 5.98 38.36
C CYS G 96 6.69 4.59 37.82
N ALA G 97 6.60 4.47 36.49
CA ALA G 97 6.29 3.18 35.89
C ALA G 97 6.92 3.09 34.52
N ALA G 98 7.25 1.86 34.09
CA ALA G 98 7.90 1.60 32.82
C ALA G 98 7.09 0.60 32.01
N ILE G 99 7.10 0.78 30.69
CA ILE G 99 6.37 -0.11 29.79
C ILE G 99 7.13 -0.20 28.47
N ALA G 100 6.97 -1.33 27.79
CA ALA G 100 7.51 -1.47 26.45
C ALA G 100 6.82 -0.51 25.49
N ALA G 101 7.58 -0.02 24.51
CA ALA G 101 7.00 0.65 23.37
C ALA G 101 6.35 -0.38 22.45
N THR G 102 5.38 0.06 21.68
CA THR G 102 4.67 -0.80 20.75
C THR G 102 5.10 -0.52 19.32
N TYR G 103 5.50 -1.57 18.61
CA TYR G 103 5.98 -1.49 17.24
C TYR G 103 4.92 -2.11 16.33
N TYR G 104 4.43 -1.33 15.38
CA TYR G 104 3.42 -1.81 14.43
C TYR G 104 3.52 -1.01 13.14
N SER G 105 3.63 -1.72 12.02
CA SER G 105 3.69 -1.10 10.70
C SER G 105 4.86 -0.12 10.58
N GLY G 106 6.01 -0.53 11.12
CA GLY G 106 7.19 0.31 11.03
C GLY G 106 7.14 1.58 11.84
N SER G 107 6.26 1.65 12.84
CA SER G 107 6.13 2.82 13.69
C SER G 107 6.21 2.41 15.16
N TYR G 108 6.89 3.22 15.95
CA TYR G 108 6.96 3.02 17.40
C TYR G 108 5.94 3.92 18.08
N TYR G 109 5.15 3.36 18.99
CA TYR G 109 4.21 4.13 19.79
C TYR G 109 4.67 4.10 21.24
N PHE G 110 4.67 5.27 21.88
CA PHE G 110 5.10 5.42 23.26
C PHE G 110 3.88 5.85 24.07
N GLN G 111 3.26 4.89 24.75
CA GLN G 111 2.05 5.12 25.54
C GLN G 111 2.27 4.60 26.95
N CYS G 112 1.41 5.05 27.86
CA CYS G 112 1.48 4.67 29.27
C CYS G 112 0.11 4.22 29.79
N PRO G 113 -0.42 3.12 29.26
CA PRO G 113 -1.70 2.62 29.78
C PRO G 113 -1.50 1.95 31.13
N HIS G 114 -2.40 2.25 32.07
CA HIS G 114 -2.19 1.85 33.46
C HIS G 114 -2.06 0.34 33.59
N ASP G 115 -3.01 -0.41 33.04
CA ASP G 115 -2.99 -1.87 33.19
C ASP G 115 -1.87 -2.54 32.41
N GLY G 116 -1.19 -1.82 31.53
CA GLY G 116 -0.18 -2.44 30.70
C GLY G 116 1.24 -2.21 31.18
N MET G 117 1.42 -1.28 32.10
CA MET G 117 2.76 -0.96 32.59
C MET G 117 3.42 -2.21 33.16
N ASP G 118 4.68 -2.42 32.78
CA ASP G 118 5.40 -3.64 33.12
C ASP G 118 6.12 -3.56 34.46
N TYR G 119 6.66 -2.42 34.82
CA TYR G 119 7.40 -2.28 36.07
C TYR G 119 6.96 -1.02 36.78
N TRP G 120 6.93 -1.08 38.11
CA TRP G 120 6.46 0.02 38.94
C TRP G 120 7.49 0.36 39.99
N GLY G 121 7.57 1.65 40.33
CA GLY G 121 8.33 2.10 41.47
C GLY G 121 7.52 1.99 42.74
N LYS G 122 8.11 2.48 43.84
CA LYS G 122 7.49 2.37 45.15
C LYS G 122 6.76 3.63 45.59
N GLY G 123 6.85 4.71 44.83
CA GLY G 123 6.06 5.91 45.08
C GLY G 123 6.70 6.85 46.07
N THR G 124 6.32 8.13 46.00
CA THR G 124 6.83 9.13 46.92
C THR G 124 5.74 10.14 47.23
N GLN G 125 5.76 10.68 48.43
CA GLN G 125 4.66 11.51 48.92
C GLN G 125 4.78 12.94 48.39
N VAL G 126 3.64 13.52 48.03
CA VAL G 126 3.56 14.92 47.61
C VAL G 126 2.31 15.51 48.26
N THR G 127 2.51 16.49 49.14
CA THR G 127 1.43 17.10 49.90
C THR G 127 1.45 18.61 49.65
N VAL G 128 0.29 19.18 49.31
CA VAL G 128 0.14 20.60 49.03
C VAL G 128 -1.04 21.07 49.88
N SER G 129 -0.75 21.81 50.96
CA SER G 129 -1.80 22.40 51.77
C SER G 129 -1.31 23.72 52.35
N SER G 130 -2.26 24.54 52.79
CA SER G 130 -1.95 25.83 53.41
C SER G 130 -1.98 25.67 54.93
N HIS G 131 -0.98 26.25 55.59
CA HIS G 131 -0.90 26.18 57.05
C HIS G 131 -1.91 27.12 57.69
N GLN H 1 16.41 24.29 -27.30
CA GLN H 1 15.65 23.07 -27.57
C GLN H 1 16.38 21.84 -27.04
N VAL H 2 15.60 20.84 -26.62
CA VAL H 2 16.09 19.49 -26.46
C VAL H 2 15.00 18.55 -26.96
N GLN H 3 15.38 17.54 -27.71
CA GLN H 3 14.45 16.53 -28.19
C GLN H 3 14.63 15.26 -27.38
N LEU H 4 13.52 14.69 -26.93
CA LEU H 4 13.53 13.55 -26.01
C LEU H 4 12.91 12.35 -26.71
N GLN H 5 13.64 11.24 -26.73
CA GLN H 5 13.12 10.01 -27.32
C GLN H 5 13.11 8.92 -26.27
N GLU H 6 11.94 8.38 -25.99
CA GLU H 6 11.78 7.31 -25.01
C GLU H 6 11.98 5.95 -25.67
N SER H 7 12.36 4.98 -24.85
CA SER H 7 12.67 3.65 -25.34
C SER H 7 12.48 2.65 -24.20
N GLY H 8 12.31 1.39 -24.58
CA GLY H 8 12.26 0.31 -23.61
C GLY H 8 10.89 -0.15 -23.20
N GLY H 9 9.85 0.37 -23.83
CA GLY H 9 8.50 -0.07 -23.51
C GLY H 9 8.24 -1.48 -24.01
N GLY H 10 7.03 -1.96 -23.74
CA GLY H 10 6.59 -3.27 -24.14
C GLY H 10 5.65 -3.85 -23.11
N LEU H 11 5.42 -5.16 -23.22
CA LEU H 11 4.52 -5.86 -22.32
C LEU H 11 5.31 -6.64 -21.28
N VAL H 12 4.80 -6.64 -20.06
CA VAL H 12 5.36 -7.38 -18.94
C VAL H 12 4.19 -7.98 -18.17
N GLN H 13 4.47 -9.07 -17.46
CA GLN H 13 3.59 -9.77 -16.54
C GLN H 13 3.62 -9.08 -15.18
N PRO H 14 2.50 -9.10 -14.43
CA PRO H 14 2.48 -8.43 -13.12
C PRO H 14 3.56 -8.96 -12.18
N GLY H 15 4.26 -8.02 -11.53
CA GLY H 15 5.43 -8.33 -10.75
C GLY H 15 6.72 -8.30 -11.53
N GLY H 16 6.66 -8.08 -12.83
CA GLY H 16 7.84 -8.00 -13.66
C GLY H 16 8.57 -6.69 -13.45
N SER H 17 9.51 -6.44 -14.36
CA SER H 17 10.34 -5.25 -14.27
C SER H 17 10.68 -4.75 -15.66
N LEU H 18 10.75 -3.44 -15.80
CA LEU H 18 11.15 -2.79 -17.03
C LEU H 18 12.09 -1.64 -16.69
N ARG H 19 12.79 -1.14 -17.71
CA ARG H 19 13.64 0.03 -17.54
C ARG H 19 13.46 0.88 -18.79
N LEU H 20 12.75 1.99 -18.64
CA LEU H 20 12.59 2.94 -19.72
C LEU H 20 13.82 3.84 -19.79
N SER H 21 14.24 4.15 -21.01
CA SER H 21 15.32 5.09 -21.24
C SER H 21 14.76 6.31 -21.97
N CYS H 22 15.44 7.44 -21.79
CA CYS H 22 15.07 8.68 -22.45
C CYS H 22 16.34 9.35 -22.93
N ALA H 23 16.52 9.40 -24.25
CA ALA H 23 17.68 10.04 -24.85
C ALA H 23 17.37 11.52 -25.10
N VAL H 24 18.28 12.38 -24.67
CA VAL H 24 18.15 13.83 -24.73
C VAL H 24 19.11 14.34 -25.79
N SER H 25 18.58 14.87 -26.88
CA SER H 25 19.38 15.42 -27.98
C SER H 25 19.26 16.94 -28.00
N GLY H 26 20.25 17.59 -28.58
CA GLY H 26 20.19 19.01 -28.84
C GLY H 26 20.89 19.86 -27.81
N PHE H 27 20.63 21.17 -27.91
CA PHE H 27 21.28 22.21 -27.12
C PHE H 27 20.85 22.14 -25.66
N THR H 28 21.59 21.42 -24.83
CA THR H 28 21.21 21.28 -23.43
C THR H 28 21.63 22.51 -22.62
N LEU H 29 20.96 22.69 -21.48
CA LEU H 29 21.29 23.75 -20.54
C LEU H 29 22.36 23.27 -19.57
N ASP H 30 22.90 24.21 -18.80
CA ASP H 30 23.88 23.84 -17.78
C ASP H 30 23.22 23.05 -16.64
N TYR H 31 22.03 23.48 -16.21
CA TYR H 31 21.33 22.83 -15.10
C TYR H 31 19.85 22.71 -15.47
N TYR H 32 19.35 21.47 -15.46
CA TYR H 32 17.97 21.22 -15.86
C TYR H 32 17.43 20.04 -15.04
N ALA H 33 16.14 19.76 -15.23
CA ALA H 33 15.47 18.66 -14.57
C ALA H 33 14.75 17.81 -15.59
N ILE H 34 14.73 16.50 -15.36
CA ILE H 34 14.14 15.52 -16.25
C ILE H 34 13.04 14.80 -15.49
N GLY H 35 11.86 14.74 -16.08
CA GLY H 35 10.70 14.17 -15.43
C GLY H 35 10.10 13.06 -16.26
N TRP H 36 9.65 12.02 -15.57
CA TRP H 36 8.87 10.95 -16.18
C TRP H 36 7.42 11.17 -15.80
N PHE H 37 6.56 11.26 -16.81
CA PHE H 37 5.12 11.38 -16.64
C PHE H 37 4.47 10.18 -17.33
N ARG H 38 3.18 9.98 -17.10
CA ARG H 38 2.49 8.91 -17.79
C ARG H 38 1.04 9.30 -18.02
N GLN H 39 0.47 8.79 -19.11
CA GLN H 39 -0.91 9.07 -19.48
C GLN H 39 -1.54 7.77 -19.98
N ALA H 40 -2.56 7.32 -19.28
CA ALA H 40 -3.32 6.17 -19.74
C ALA H 40 -4.50 6.63 -20.59
N PRO H 41 -4.99 5.78 -21.48
CA PRO H 41 -6.19 6.16 -22.26
C PRO H 41 -7.37 6.47 -21.34
N GLY H 42 -8.06 7.56 -21.66
CA GLY H 42 -9.18 7.97 -20.83
C GLY H 42 -8.78 8.53 -19.47
N LYS H 43 -7.56 9.02 -19.33
CA LYS H 43 -7.09 9.60 -18.09
C LYS H 43 -6.22 10.82 -18.39
N GLU H 44 -6.08 11.67 -17.38
CA GLU H 44 -5.19 12.82 -17.47
C GLU H 44 -3.75 12.38 -17.20
N ARG H 45 -2.81 13.09 -17.82
CA ARG H 45 -1.40 12.82 -17.58
C ARG H 45 -1.02 13.15 -16.14
N GLU H 46 -0.10 12.36 -15.58
CA GLU H 46 0.33 12.55 -14.22
C GLU H 46 1.84 12.38 -14.11
N GLY H 47 2.42 13.04 -13.11
CA GLY H 47 3.84 12.92 -12.88
C GLY H 47 4.19 11.63 -12.18
N VAL H 48 5.35 11.08 -12.54
CA VAL H 48 5.87 9.85 -11.95
C VAL H 48 7.18 10.09 -11.21
N SER H 49 8.13 10.75 -11.87
CA SER H 49 9.44 10.95 -11.27
C SER H 49 10.06 12.24 -11.76
N CYS H 50 11.00 12.77 -10.98
CA CYS H 50 11.81 13.92 -11.40
C CYS H 50 13.22 13.73 -10.87
N ILE H 51 14.20 14.21 -11.63
CA ILE H 51 15.60 14.04 -11.28
C ILE H 51 16.38 15.23 -11.82
N SER H 52 17.43 15.62 -11.09
CA SER H 52 18.29 16.68 -11.56
C SER H 52 19.16 16.20 -12.71
N SER H 53 19.64 17.16 -13.52
CA SER H 53 20.58 16.84 -14.58
C SER H 53 21.88 16.31 -14.02
N SER H 54 22.21 16.69 -12.78
CA SER H 54 23.39 16.17 -12.12
C SER H 54 23.20 14.71 -11.71
N GLY H 55 21.97 14.23 -11.63
CA GLY H 55 21.68 12.85 -11.29
C GLY H 55 21.13 12.64 -9.89
N GLY H 56 20.92 13.72 -9.13
CA GLY H 56 20.39 13.59 -7.78
C GLY H 56 19.07 14.30 -7.61
N ASN H 57 18.67 14.54 -6.36
CA ASN H 57 17.41 15.20 -6.02
C ASN H 57 16.23 14.45 -6.64
N THR H 58 16.20 13.14 -6.43
CA THR H 58 15.16 12.30 -6.99
C THR H 58 13.85 12.47 -6.22
N LYS H 59 12.75 12.56 -6.96
CA LYS H 59 11.42 12.64 -6.38
C LYS H 59 10.49 11.73 -7.15
N TYR H 60 9.51 11.17 -6.44
CA TYR H 60 8.61 10.18 -7.01
C TYR H 60 7.19 10.44 -6.54
N ALA H 61 6.24 10.12 -7.42
CA ALA H 61 4.84 10.09 -7.02
C ALA H 61 4.62 9.01 -5.96
N ASP H 62 3.66 9.25 -5.08
CA ASP H 62 3.39 8.33 -3.98
C ASP H 62 2.77 7.02 -4.44
N SER H 63 2.47 6.88 -5.73
CA SER H 63 1.95 5.62 -6.27
C SER H 63 3.05 4.71 -6.80
N VAL H 64 4.24 5.25 -7.05
CA VAL H 64 5.36 4.48 -7.56
C VAL H 64 6.56 4.50 -6.62
N LYS H 65 6.46 5.15 -5.47
CA LYS H 65 7.58 5.22 -4.54
C LYS H 65 7.89 3.82 -4.01
N GLY H 66 9.18 3.48 -4.01
CA GLY H 66 9.63 2.17 -3.60
C GLY H 66 9.70 1.15 -4.72
N ARG H 67 8.90 1.33 -5.77
CA ARG H 67 8.93 0.44 -6.92
C ARG H 67 9.66 1.04 -8.11
N PHE H 68 9.65 2.36 -8.26
CA PHE H 68 10.28 3.04 -9.39
C PHE H 68 11.53 3.76 -8.92
N THR H 69 12.55 3.78 -9.77
CA THR H 69 13.83 4.40 -9.44
C THR H 69 14.30 5.20 -10.64
N ALA H 70 14.51 6.50 -10.44
CA ALA H 70 14.99 7.38 -11.49
C ALA H 70 16.50 7.53 -11.40
N SER H 71 17.15 7.47 -12.56
CA SER H 71 18.61 7.58 -12.58
C SER H 71 19.03 8.29 -13.86
N ARG H 72 20.32 8.61 -13.93
CA ARG H 72 20.92 9.18 -15.12
C ARG H 72 22.20 8.43 -15.44
N ASP H 73 22.49 8.28 -16.72
CA ASP H 73 23.74 7.64 -17.13
C ASP H 73 24.92 8.55 -16.84
N ASN H 74 26.06 7.94 -16.51
CA ASN H 74 27.24 8.71 -16.12
C ASN H 74 28.01 9.26 -17.31
N ALA H 75 27.81 8.70 -18.50
CA ALA H 75 28.60 9.08 -19.66
C ALA H 75 27.80 9.68 -20.80
N LYS H 76 26.46 9.64 -20.74
CA LYS H 76 25.63 10.19 -21.80
C LYS H 76 24.40 10.84 -21.20
N ASN H 77 23.80 11.76 -21.97
CA ASN H 77 22.59 12.46 -21.56
C ASN H 77 21.38 11.58 -21.83
N THR H 78 21.29 10.48 -21.07
CA THR H 78 20.18 9.54 -21.15
C THR H 78 19.71 9.24 -19.74
N PHE H 79 18.40 9.39 -19.52
CA PHE H 79 17.81 9.24 -18.19
C PHE H 79 16.95 7.99 -18.13
N TYR H 80 17.03 7.27 -17.02
CA TYR H 80 16.41 5.97 -16.88
C TYR H 80 15.33 6.01 -15.81
N LEU H 81 14.30 5.18 -16.04
CA LEU H 81 13.28 4.88 -15.04
C LEU H 81 13.22 3.36 -14.92
N GLN H 82 13.69 2.83 -13.79
CA GLN H 82 13.63 1.41 -13.50
C GLN H 82 12.34 1.12 -12.73
N MET H 83 11.45 0.35 -13.34
CA MET H 83 10.15 0.00 -12.78
C MET H 83 10.20 -1.44 -12.32
N ASN H 84 10.03 -1.65 -11.02
CA ASN H 84 9.99 -2.98 -10.44
C ASN H 84 8.59 -3.25 -9.88
N SER H 85 8.26 -4.53 -9.78
CA SER H 85 6.98 -4.98 -9.24
C SER H 85 5.82 -4.29 -9.97
N LEU H 86 5.84 -4.36 -11.30
CA LEU H 86 4.80 -3.72 -12.10
C LEU H 86 3.43 -4.26 -11.74
N LYS H 87 2.44 -3.37 -11.71
CA LYS H 87 1.07 -3.64 -11.38
C LYS H 87 0.16 -3.17 -12.51
N PRO H 88 -1.04 -3.74 -12.64
CA PRO H 88 -1.94 -3.34 -13.74
C PRO H 88 -2.14 -1.84 -13.87
N GLU H 89 -2.12 -1.09 -12.77
CA GLU H 89 -2.35 0.34 -12.80
C GLU H 89 -1.21 1.12 -13.46
N ASP H 90 -0.06 0.50 -13.71
CA ASP H 90 1.08 1.18 -14.31
C ASP H 90 1.02 1.22 -15.83
N THR H 91 -0.02 0.63 -16.44
CA THR H 91 -0.15 0.62 -17.89
C THR H 91 -0.48 2.01 -18.42
N ALA H 92 0.39 2.56 -19.27
CA ALA H 92 0.14 3.87 -19.86
C ALA H 92 1.18 4.15 -20.92
N VAL H 93 1.07 5.33 -21.55
CA VAL H 93 2.14 5.88 -22.36
C VAL H 93 3.01 6.74 -21.46
N TYR H 94 4.29 6.39 -21.35
CA TYR H 94 5.23 7.09 -20.50
C TYR H 94 5.98 8.13 -21.31
N TYR H 95 5.98 9.36 -20.81
CA TYR H 95 6.59 10.49 -21.51
C TYR H 95 7.78 11.00 -20.71
N CYS H 96 8.78 11.46 -21.44
CA CYS H 96 9.95 12.15 -20.91
C CYS H 96 9.76 13.65 -21.11
N ALA H 97 10.14 14.44 -20.11
CA ALA H 97 10.05 15.89 -20.23
C ALA H 97 11.27 16.55 -19.59
N ALA H 98 11.69 17.66 -20.18
CA ALA H 98 12.81 18.44 -19.69
C ALA H 98 12.34 19.84 -19.31
N ILE H 99 12.95 20.41 -18.27
CA ILE H 99 12.64 21.77 -17.84
C ILE H 99 13.90 22.39 -17.27
N ALA H 100 13.97 23.71 -17.32
CA ALA H 100 15.11 24.41 -16.73
C ALA H 100 15.04 24.33 -15.21
N ALA H 101 16.22 24.32 -14.59
CA ALA H 101 16.31 24.47 -13.14
C ALA H 101 16.15 25.94 -12.76
N THR H 102 15.70 26.18 -11.54
CA THR H 102 15.42 27.53 -11.05
C THR H 102 16.58 28.02 -10.19
N TYR H 103 17.18 29.15 -10.55
CA TYR H 103 18.28 29.73 -9.79
C TYR H 103 17.75 30.88 -8.95
N TYR H 104 17.97 30.80 -7.64
CA TYR H 104 17.50 31.85 -6.74
C TYR H 104 18.41 31.92 -5.53
N SER H 105 18.85 33.13 -5.20
CA SER H 105 19.71 33.40 -4.04
C SER H 105 20.88 32.43 -3.98
N GLY H 106 21.49 32.17 -5.14
CA GLY H 106 22.69 31.36 -5.19
C GLY H 106 22.47 29.88 -5.09
N SER H 107 21.25 29.39 -5.28
CA SER H 107 20.98 27.96 -5.20
C SER H 107 20.07 27.53 -6.33
N TYR H 108 20.28 26.29 -6.78
CA TYR H 108 19.53 25.71 -7.89
C TYR H 108 18.46 24.76 -7.37
N TYR H 109 17.28 24.84 -7.97
CA TYR H 109 16.13 24.02 -7.64
C TYR H 109 15.78 23.16 -8.84
N PHE H 110 15.64 21.86 -8.62
CA PHE H 110 15.34 20.89 -9.66
C PHE H 110 13.94 20.33 -9.42
N GLN H 111 12.97 20.77 -10.22
CA GLN H 111 11.58 20.37 -10.07
C GLN H 111 11.00 20.07 -11.44
N CYS H 112 9.95 19.25 -11.46
CA CYS H 112 9.27 18.89 -12.71
C CYS H 112 7.78 19.23 -12.63
N PRO H 113 7.44 20.52 -12.57
CA PRO H 113 6.02 20.90 -12.60
C PRO H 113 5.43 20.67 -13.98
N HIS H 114 4.29 19.96 -14.03
CA HIS H 114 3.73 19.50 -15.30
C HIS H 114 3.54 20.67 -16.28
N ASP H 115 2.92 21.75 -15.83
CA ASP H 115 2.63 22.88 -16.71
C ASP H 115 3.85 23.75 -16.98
N GLY H 116 4.97 23.52 -16.28
CA GLY H 116 6.15 24.32 -16.51
C GLY H 116 7.13 23.70 -17.49
N MET H 117 7.01 22.40 -17.74
CA MET H 117 7.97 21.71 -18.58
C MET H 117 8.05 22.38 -19.95
N ASP H 118 9.27 22.53 -20.47
CA ASP H 118 9.49 23.24 -21.72
C ASP H 118 9.54 22.30 -22.92
N TYR H 119 9.94 21.05 -22.74
CA TYR H 119 10.09 20.13 -23.85
C TYR H 119 9.58 18.76 -23.46
N TRP H 120 8.92 18.09 -24.40
CA TRP H 120 8.30 16.79 -24.15
C TRP H 120 8.78 15.78 -25.19
N GLY H 121 8.92 14.54 -24.75
CA GLY H 121 9.09 13.42 -25.67
C GLY H 121 7.75 12.98 -26.21
N LYS H 122 7.80 11.96 -27.08
CA LYS H 122 6.58 11.44 -27.68
C LYS H 122 6.12 10.13 -27.06
N GLY H 123 6.85 9.58 -26.09
CA GLY H 123 6.33 8.54 -25.24
C GLY H 123 6.63 7.14 -25.72
N THR H 124 6.58 6.20 -24.76
CA THR H 124 6.74 4.77 -25.01
C THR H 124 5.61 4.03 -24.31
N GLN H 125 5.10 2.99 -24.96
CA GLN H 125 3.96 2.25 -24.41
C GLN H 125 4.43 1.23 -23.40
N VAL H 126 3.81 1.22 -22.23
CA VAL H 126 4.11 0.26 -21.17
C VAL H 126 2.79 -0.40 -20.79
N THR H 127 2.68 -1.70 -21.03
CA THR H 127 1.45 -2.41 -20.70
C THR H 127 1.70 -3.64 -19.82
N VAL H 128 0.97 -3.73 -18.72
CA VAL H 128 1.12 -4.87 -17.81
C VAL H 128 -0.14 -5.71 -17.77
N SER H 129 -0.04 -6.93 -18.26
CA SER H 129 -1.17 -7.86 -18.29
C SER H 129 -0.72 -9.26 -17.93
N SER H 130 -1.61 -10.03 -17.33
CA SER H 130 -1.31 -11.40 -16.94
C SER H 130 -1.42 -12.33 -18.14
C1 NAG I . -18.12 -11.48 12.67
C2 NAG I . -18.27 -12.90 12.00
C3 NAG I . -19.53 -13.63 12.37
C4 NAG I . -19.72 -13.57 13.86
C5 NAG I . -19.68 -12.13 14.36
C6 NAG I . -19.86 -12.07 15.86
C7 NAG I . -17.31 -13.51 9.88
C8 NAG I . -17.57 -13.63 8.41
N2 NAG I . -18.18 -12.78 10.56
O3 NAG I . -19.43 -15.00 11.98
O4 NAG I . -21.00 -14.12 14.07
O5 NAG I . -18.40 -11.59 14.07
O6 NAG I . -20.88 -11.12 16.21
O7 NAG I . -16.36 -14.04 10.42
C1 NAG I . -20.97 -14.96 15.22
C2 NAG I . -22.45 -15.09 15.53
C3 NAG I . -22.69 -16.01 16.71
C4 NAG I . -22.02 -17.35 16.44
C5 NAG I . -20.56 -17.17 16.02
C6 NAG I . -19.96 -18.49 15.60
C7 NAG I . -23.73 -13.20 14.79
C8 NAG I . -24.51 -11.98 15.18
N2 NAG I . -23.04 -13.79 15.76
O3 NAG I . -24.11 -16.20 16.86
O4 NAG I . -22.09 -18.14 17.64
O5 NAG I . -20.47 -16.26 14.93
O6 NAG I . -18.80 -18.25 14.80
O7 NAG I . -23.72 -13.62 13.64
C1 BMA I . -22.72 -19.39 17.31
C2 BMA I . -22.31 -20.42 18.34
C3 BMA I . -22.93 -21.77 18.00
C4 BMA I . -24.43 -21.64 17.75
C5 BMA I . -24.75 -20.47 16.83
C6 BMA I . -26.26 -20.25 16.72
O2 BMA I . -22.78 -20.00 19.63
O3 BMA I . -22.69 -22.68 19.07
O4 BMA I . -24.92 -22.86 17.18
O5 BMA I . -24.14 -19.28 17.29
O6 BMA I . -26.69 -19.33 17.72
C1 FUL I . -20.49 -9.81 15.77
C2 FUL I . -20.70 -8.79 16.90
O2 FUL I . -19.78 -9.09 17.95
C3 FUL I . -20.45 -7.36 16.42
O3 FUL I . -20.92 -6.46 17.41
C4 FUL I . -21.21 -7.12 15.13
O4 FUL I . -22.61 -7.25 15.40
C5 FUL I . -20.83 -8.16 14.11
C6 FUL I . -21.51 -7.91 12.77
O5 FUL I . -21.24 -9.43 14.61
C1 NAG J . -7.71 -47.28 -9.53
C2 NAG J . -7.64 -48.83 -9.50
C3 NAG J . -7.33 -49.46 -10.87
C4 NAG J . -8.29 -48.91 -11.92
C5 NAG J . -8.16 -47.39 -11.90
C6 NAG J . -9.07 -46.76 -12.94
C7 NAG J . -7.06 -49.23 -7.18
C8 NAG J . -6.01 -49.61 -6.19
N2 NAG J . -6.70 -49.24 -8.47
O3 NAG J . -7.49 -50.87 -10.79
O4 NAG J . -8.03 -49.35 -13.26
O5 NAG J . -8.53 -46.87 -10.63
O6 NAG J . -8.66 -45.41 -13.13
O7 NAG J . -8.18 -48.92 -6.84
C1 NAG J . -8.00 -50.77 -13.59
C2 NAG J . -7.97 -50.64 -15.11
C3 NAG J . -7.58 -51.98 -15.74
C4 NAG J . -6.27 -52.49 -15.15
C5 NAG J . -6.37 -52.52 -13.62
C6 NAG J . -5.07 -52.91 -12.95
C7 NAG J . -9.42 -49.05 -16.28
C8 NAG J . -10.81 -48.74 -16.75
N2 NAG J . -9.26 -50.20 -15.63
O3 NAG J . -7.43 -51.80 -17.15
O4 NAG J . -5.99 -53.79 -15.63
O5 NAG J . -6.73 -51.23 -13.12
O6 NAG J . -5.30 -53.38 -11.63
O7 NAG J . -8.48 -48.29 -16.51
C1 MAN J . -7.01 -54.38 -16.44
C2 MAN J . -7.02 -55.85 -15.98
C3 MAN J . -6.15 -56.67 -16.91
C4 MAN J . -6.60 -56.54 -18.38
C5 MAN J . -7.14 -55.14 -18.73
C6 MAN J . -8.65 -55.09 -18.67
O2 MAN J . -8.37 -56.34 -16.01
O3 MAN J . -6.17 -58.04 -16.52
O4 MAN J . -5.50 -56.85 -19.23
O5 MAN J . -6.64 -54.18 -17.81
O6 MAN J . -9.11 -54.86 -20.01
C1 MAN J . -10.12 -53.86 -19.99
C2 MAN J . -11.21 -54.39 -20.91
C3 MAN J . -11.03 -53.83 -22.32
C4 MAN J . -10.90 -52.30 -22.35
C5 MAN J . -10.37 -51.68 -21.06
C6 MAN J . -11.50 -51.31 -20.11
O2 MAN J . -12.51 -54.02 -20.41
O3 MAN J . -12.15 -54.22 -23.12
O4 MAN J . -10.01 -51.96 -23.40
O5 MAN J . -9.53 -52.63 -20.42
O6 MAN J . -10.95 -51.09 -18.81
C1 NAG J . -10.79 -51.33 -24.44
C2 NAG J . -9.90 -50.47 -25.30
C3 NAG J . -10.71 -49.75 -26.37
C4 NAG J . -11.74 -50.67 -27.05
C5 NAG J . -12.41 -51.65 -26.08
C6 NAG J . -13.18 -52.73 -26.83
C7 NAG J . -9.67 -48.34 -24.13
C8 NAG J . -9.68 -48.02 -22.66
N2 NAG J . -9.18 -49.53 -24.46
O3 NAG J . -9.82 -49.25 -27.37
O4 NAG J . -12.75 -49.84 -27.64
O5 NAG J . -11.42 -52.28 -25.28
O6 NAG J . -12.26 -53.63 -27.47
O7 NAG J . -10.09 -47.54 -24.95
C1 FUL J . -8.86 -45.11 -14.53
C2 FUL J . -7.54 -44.61 -15.13
O2 FUL J . -6.98 -45.63 -15.96
C3 FUL J . -7.72 -43.33 -15.95
O3 FUL J . -6.45 -42.83 -16.35
C4 FUL J . -8.47 -42.29 -15.13
O4 FUL J . -7.53 -41.63 -14.27
C5 FUL J . -9.65 -42.88 -14.32
C6 FUL J . -9.45 -42.85 -12.82
O5 FUL J . -9.96 -44.22 -14.73
C1 NAG K . 8.76 -31.34 17.22
C2 NAG K . 8.18 -32.75 17.52
C3 NAG K . 9.02 -33.62 18.45
C4 NAG K . 10.48 -33.56 18.07
C5 NAG K . 10.91 -32.11 18.02
C6 NAG K . 12.38 -31.99 17.67
C7 NAG K . 5.79 -32.97 17.28
C8 NAG K . 4.43 -32.70 17.84
N2 NAG K . 6.83 -32.63 18.03
O3 NAG K . 8.56 -34.97 18.36
O4 NAG K . 11.23 -34.24 19.08
O5 NAG K . 10.17 -31.42 17.02
O6 NAG K . 12.47 -31.48 16.34
O7 NAG K . 5.93 -33.47 16.18
C1 NAG K . 11.88 -35.46 18.63
C2 NAG K . 11.89 -36.45 19.77
C3 NAG K . 12.78 -37.63 19.42
C4 NAG K . 12.36 -38.22 18.09
C5 NAG K . 12.14 -37.15 17.02
C6 NAG K . 11.53 -37.76 15.76
C7 NAG K . 11.47 -35.18 21.76
C8 NAG K . 11.64 -35.38 23.23
N2 NAG K . 12.35 -35.80 20.98
O3 NAG K . 12.67 -38.63 20.43
O4 NAG K . 13.36 -39.16 17.68
O5 NAG K . 11.29 -36.11 17.52
O6 NAG K . 12.44 -38.70 15.19
O7 NAG K . 10.57 -34.50 21.30
C1 BMA K . 12.95 -40.48 18.10
C2 BMA K . 14.04 -41.51 17.87
C3 BMA K . 13.47 -42.90 18.09
C4 BMA K . 12.77 -43.00 19.44
C5 BMA K . 11.86 -41.80 19.70
C6 BMA K . 11.32 -41.82 21.13
O2 BMA K . 15.10 -41.28 18.81
O3 BMA K . 14.51 -43.88 18.04
O4 BMA K . 11.99 -44.20 19.47
O5 BMA K . 12.55 -40.58 19.46
O6 BMA K . 12.26 -42.42 22.02
C1 FUL K . 13.84 -31.35 15.96
C2 FUL K . 13.95 -30.26 14.89
O2 FUL K . 14.76 -29.20 15.40
C3 FUL K . 14.54 -30.75 13.58
O3 FUL K . 14.25 -29.79 12.55
C4 FUL K . 13.97 -32.10 13.17
O4 FUL K . 12.71 -31.89 12.51
C5 FUL K . 13.85 -33.10 14.34
C6 FUL K . 12.42 -33.56 14.61
O5 FUL K . 14.42 -32.58 15.55
C1 MAN L . -1.71 -57.26 -16.84
C2 MAN L . -1.42 -58.03 -15.50
C3 MAN L . -1.85 -59.51 -15.57
C4 MAN L . -2.71 -59.72 -16.82
C5 MAN L . -1.80 -59.45 -18.00
C6 MAN L . -2.39 -59.89 -19.33
O2 MAN L . -2.15 -57.47 -14.40
O3 MAN L . -2.53 -59.93 -14.39
O4 MAN L . -3.24 -61.03 -16.86
O5 MAN L . -1.54 -58.00 -18.06
O6 MAN L . -1.33 -60.12 -20.25
C1 NAG M . 16.88 53.01 -29.70
C2 NAG M . 16.92 54.51 -29.36
C3 NAG M . 16.73 55.37 -30.61
C4 NAG M . 17.72 54.95 -31.70
C5 NAG M . 17.63 53.44 -31.95
C6 NAG M . 18.67 52.94 -32.93
C7 NAG M . 14.66 54.85 -28.24
C8 NAG M . 13.93 54.32 -29.45
N2 NAG M . 16.00 54.90 -28.28
O3 NAG M . 16.92 56.74 -30.29
O4 NAG M . 17.43 55.64 -32.91
O5 NAG M . 17.84 52.72 -30.72
O6 NAG M . 18.06 52.45 -34.11
O7 NAG M . 14.04 55.23 -27.25
C2 PG4 N . -36.88 48.07 -13.68
O2 PG4 N . -36.62 46.95 -12.87
C3 PG4 N . -35.75 47.28 -11.83
C4 PG4 N . -35.49 46.06 -10.97
O3 PG4 N . -34.20 46.15 -10.47
C5 PG4 N . -34.14 46.91 -9.29
C6 PG4 N . -32.71 46.96 -8.76
O4 PG4 N . -31.84 47.44 -9.76
#